data_5X2X
#
_entry.id   5X2X
#
_cell.length_a   154.405
_cell.length_b   152.882
_cell.length_c   80.595
_cell.angle_alpha   90.00
_cell.angle_beta   90.00
_cell.angle_gamma   90.00
#
_symmetry.space_group_name_H-M   'P 21 21 2'
#
loop_
_entity.id
_entity.type
_entity.pdbx_description
1 polymer 'L-methionine gamma-lyase'
2 non-polymer '(2E)-2-{[(1E)-{3-hydroxy-2-methyl-5-[(phosphonooxy)methyl]pyridin-4-yl}methylidene]amino}but-2-enoic acid'
3 non-polymer 'HYDROSULFURIC ACID'
4 water water
#
_entity_poly.entity_id   1
_entity_poly.type   'polypeptide(L)'
_entity_poly.pdbx_seq_one_letter_code
;MHGSNKLPGFATRAIHHGYDPQDHGGALVPPVYQTATFTFPTVEYGAACFAGEQAGHFYSRISNPTLNLLEARMASLEGG
EAGLALASGMGAITSTLWTLLRPGDEVLLGNTLYGCTFAFLHHGIGEFGVKLRHVDMADLQALEAAMTPATRVIYFESPA
NPNMHMADIAGVAKIARKHGATVVVDNTYCTPYLQRPLELGADLVVHSATKYLSGHGDITAGIVVGSQALVDRIRLQGLK
DMTGAVLSPHDAALLMRGIKTLNLRMDRHCANAQVLAEFLARQPQVELIHYPGLASFPQYTLARQQMSQPGGMIAFELKG
GIGAGRRFMNALQLFSRAVSLGDAESLAQHPASMTHSSYTPEERAHYGISEGLVRLSVGLEDIDDLLADVQQALKASA
;
_entity_poly.pdbx_strand_id   A,B,C,D
#
loop_
_chem_comp.id
_chem_comp.type
_chem_comp.name
_chem_comp.formula
4LM non-polymer '(2E)-2-{[(1E)-{3-hydroxy-2-methyl-5-[(phosphonooxy)methyl]pyridin-4-yl}methylidene]amino}but-2-enoic acid' 'C12 H15 N2 O7 P'
H2S non-polymer 'HYDROSULFURIC ACID' 'H2 S'
#
# COMPACT_ATOMS: atom_id res chain seq x y z
N LEU A 7 5.18 4.25 -34.46
CA LEU A 7 4.67 4.86 -33.19
C LEU A 7 3.41 4.10 -32.72
N PRO A 8 3.51 3.36 -31.60
CA PRO A 8 2.30 2.70 -31.11
C PRO A 8 1.24 3.75 -30.70
N GLY A 9 -0.03 3.35 -30.71
CA GLY A 9 -1.11 4.27 -30.36
C GLY A 9 -1.12 4.69 -28.90
N PHE A 10 -1.98 5.66 -28.59
CA PHE A 10 -2.03 6.26 -27.27
C PHE A 10 -2.31 5.20 -26.17
N ALA A 11 -3.31 4.35 -26.41
CA ALA A 11 -3.75 3.36 -25.42
C ALA A 11 -2.64 2.35 -25.17
N THR A 12 -2.00 1.93 -26.25
CA THR A 12 -0.85 1.04 -26.17
C THR A 12 0.27 1.63 -25.32
N ARG A 13 0.61 2.89 -25.57
CA ARG A 13 1.71 3.53 -24.84
C ARG A 13 1.33 3.80 -23.37
N ALA A 14 0.07 4.12 -23.10
CA ALA A 14 -0.40 4.33 -21.73
C ALA A 14 -0.26 3.05 -20.89
N ILE A 15 -0.29 1.90 -21.54
CA ILE A 15 -0.19 0.62 -20.87
C ILE A 15 1.24 0.10 -20.79
N HIS A 16 2.06 0.34 -21.83
CA HIS A 16 3.33 -0.34 -22.01
C HIS A 16 4.58 0.52 -22.02
N HIS A 17 4.46 1.81 -22.33
CA HIS A 17 5.65 2.58 -22.65
C HIS A 17 6.70 2.59 -21.52
N GLY A 18 7.93 2.24 -21.87
CA GLY A 18 9.08 2.32 -21.00
C GLY A 18 9.30 1.11 -20.09
N TYR A 19 8.52 0.05 -20.25
CA TYR A 19 8.59 -1.13 -19.42
C TYR A 19 8.55 -2.40 -20.26
N ASP A 20 9.49 -3.29 -20.02
CA ASP A 20 9.48 -4.62 -20.58
C ASP A 20 9.61 -5.57 -19.38
N PRO A 21 8.60 -6.42 -19.13
CA PRO A 21 8.61 -7.38 -18.02
C PRO A 21 9.91 -8.21 -17.91
N GLN A 22 10.50 -8.53 -19.05
CA GLN A 22 11.72 -9.33 -19.10
C GLN A 22 12.96 -8.71 -18.39
N ASP A 23 12.92 -7.41 -18.09
CA ASP A 23 13.96 -6.75 -17.30
C ASP A 23 13.75 -6.77 -15.78
N HIS A 24 12.63 -7.31 -15.31
CA HIS A 24 12.30 -7.31 -13.88
C HIS A 24 11.72 -8.66 -13.51
N GLY A 25 12.47 -9.70 -13.86
CA GLY A 25 12.14 -11.08 -13.53
C GLY A 25 10.82 -11.58 -14.11
N GLY A 26 10.41 -11.02 -15.24
CA GLY A 26 9.15 -11.34 -15.88
C GLY A 26 7.93 -10.67 -15.29
N ALA A 27 8.07 -9.78 -14.30
CA ALA A 27 6.89 -9.21 -13.65
C ALA A 27 6.03 -8.41 -14.64
N LEU A 28 4.77 -8.79 -14.80
CA LEU A 28 3.88 -8.09 -15.71
C LEU A 28 3.60 -6.68 -15.20
N VAL A 29 3.39 -6.52 -13.90
CA VAL A 29 3.20 -5.17 -13.31
C VAL A 29 4.58 -4.81 -12.75
N PRO A 30 5.08 -3.59 -13.05
CA PRO A 30 6.40 -3.23 -12.53
C PRO A 30 6.45 -3.28 -10.98
N PRO A 31 7.53 -3.83 -10.41
CA PRO A 31 7.69 -3.82 -8.95
C PRO A 31 7.69 -2.39 -8.42
N VAL A 32 7.17 -2.18 -7.20
CA VAL A 32 7.05 -0.85 -6.62
C VAL A 32 8.30 -0.61 -5.79
N TYR A 33 9.11 0.37 -6.18
CA TYR A 33 10.34 0.70 -5.44
C TYR A 33 10.05 1.64 -4.26
N GLN A 34 9.42 1.10 -3.22
CA GLN A 34 9.11 1.80 -1.99
C GLN A 34 10.35 1.80 -1.11
N THR A 35 11.27 2.70 -1.42
CA THR A 35 12.57 2.76 -0.79
C THR A 35 13.02 4.20 -0.88
N ALA A 36 13.61 4.71 0.19
CA ALA A 36 14.05 6.12 0.24
C ALA A 36 15.42 6.25 -0.39
N THR A 37 16.24 5.21 -0.28
CA THR A 37 17.61 5.31 -0.72
C THR A 37 18.05 4.07 -1.50
N PHE A 38 19.16 4.26 -2.21
CA PHE A 38 19.79 3.29 -3.07
C PHE A 38 21.27 3.24 -2.70
N THR A 39 21.86 2.05 -2.74
CA THR A 39 23.24 1.82 -2.37
C THR A 39 24.13 1.76 -3.59
N PHE A 40 25.44 1.88 -3.36
CA PHE A 40 26.44 1.95 -4.45
C PHE A 40 27.40 0.78 -4.35
N PRO A 41 27.83 0.22 -5.51
CA PRO A 41 28.86 -0.83 -5.46
C PRO A 41 30.23 -0.30 -5.02
N THR A 42 30.53 0.96 -5.35
CA THR A 42 31.72 1.65 -4.89
C THR A 42 31.36 3.11 -4.59
N VAL A 43 32.10 3.76 -3.72
CA VAL A 43 31.97 5.20 -3.49
C VAL A 43 32.25 6.03 -4.74
N GLU A 44 33.08 5.52 -5.66
CA GLU A 44 33.39 6.24 -6.93
C GLU A 44 32.15 6.27 -7.82
N TYR A 45 31.48 5.12 -7.92
CA TYR A 45 30.16 5.03 -8.54
C TYR A 45 29.18 6.04 -7.93
N GLY A 46 29.12 6.13 -6.61
CA GLY A 46 28.24 7.05 -5.91
C GLY A 46 28.55 8.52 -6.15
N ALA A 47 29.83 8.87 -6.03
CA ALA A 47 30.37 10.20 -6.35
C ALA A 47 29.95 10.63 -7.75
N ALA A 48 30.08 9.69 -8.68
CA ALA A 48 29.70 9.92 -10.07
C ALA A 48 28.21 10.19 -10.24
N CYS A 49 27.35 9.49 -9.48
CA CYS A 49 25.91 9.80 -9.45
C CYS A 49 25.63 11.23 -8.99
N PHE A 50 26.28 11.66 -7.91
CA PHE A 50 26.08 13.01 -7.39
C PHE A 50 26.61 14.09 -8.35
N ALA A 51 27.78 13.84 -8.95
CA ALA A 51 28.37 14.75 -9.92
C ALA A 51 27.51 14.90 -11.19
N GLY A 52 26.57 13.98 -11.41
CA GLY A 52 25.61 14.06 -12.50
C GLY A 52 26.07 13.34 -13.77
N GLU A 53 27.17 12.60 -13.68
CA GLU A 53 27.87 12.00 -14.84
C GLU A 53 27.64 10.48 -14.97
N GLN A 54 26.47 10.01 -14.56
CA GLN A 54 26.22 8.57 -14.35
C GLN A 54 24.72 8.27 -14.41
N ALA A 55 24.34 7.25 -15.19
CA ALA A 55 22.99 6.68 -15.13
C ALA A 55 22.86 5.83 -13.85
N GLY A 56 21.75 5.98 -13.13
CA GLY A 56 21.54 5.24 -11.89
C GLY A 56 20.56 5.87 -10.92
N HIS A 57 20.87 5.74 -9.64
CA HIS A 57 19.94 6.09 -8.56
C HIS A 57 20.67 6.18 -7.24
N PHE A 58 20.28 7.17 -6.43
CA PHE A 58 20.89 7.36 -5.10
C PHE A 58 19.87 7.72 -4.00
N TYR A 59 18.90 8.56 -4.31
CA TYR A 59 17.94 9.03 -3.32
C TYR A 59 16.63 9.42 -4.01
N SER A 60 15.53 8.88 -3.47
CA SER A 60 14.20 8.99 -4.07
C SER A 60 13.61 10.42 -4.18
N ARG A 61 14.10 11.36 -3.35
CA ARG A 61 13.73 12.77 -3.52
C ARG A 61 14.23 13.32 -4.88
N ILE A 62 15.45 12.93 -5.27
CA ILE A 62 15.98 13.32 -6.59
C ILE A 62 15.36 12.47 -7.71
N SER A 63 15.41 11.12 -7.55
CA SER A 63 14.96 10.14 -8.59
C SER A 63 14.72 8.72 -8.00
N ASN A 64 13.84 7.92 -8.65
CA ASN A 64 13.39 6.56 -8.18
C ASN A 64 12.79 5.78 -9.41
N PRO A 65 13.12 4.50 -9.64
CA PRO A 65 12.65 3.80 -10.86
C PRO A 65 11.12 3.73 -11.09
N THR A 66 10.34 3.59 -10.02
CA THR A 66 8.86 3.66 -10.15
C THR A 66 8.46 5.06 -10.65
N LEU A 67 9.06 6.10 -10.07
CA LEU A 67 8.78 7.46 -10.52
C LEU A 67 9.26 7.65 -11.94
N ASN A 68 10.45 7.13 -12.25
CA ASN A 68 11.01 7.30 -13.58
C ASN A 68 10.16 6.68 -14.66
N LEU A 69 9.54 5.54 -14.37
CA LEU A 69 8.66 4.95 -15.35
C LEU A 69 7.41 5.82 -15.60
N LEU A 70 6.81 6.30 -14.54
CA LEU A 70 5.66 7.19 -14.63
C LEU A 70 5.99 8.43 -15.45
N GLU A 71 7.16 8.98 -15.19
CA GLU A 71 7.65 10.19 -15.88
C GLU A 71 7.84 9.96 -17.39
N ALA A 72 8.51 8.87 -17.76
CA ALA A 72 8.74 8.51 -19.16
C ALA A 72 7.41 8.27 -19.87
N ARG A 73 6.50 7.59 -19.21
CA ARG A 73 5.19 7.31 -19.76
C ARG A 73 4.39 8.61 -19.95
N MET A 74 4.39 9.49 -18.95
CA MET A 74 3.73 10.79 -19.11
C MET A 74 4.39 11.63 -20.23
N ALA A 75 5.71 11.60 -20.31
CA ALA A 75 6.44 12.27 -21.39
C ALA A 75 5.99 11.77 -22.79
N SER A 76 5.88 10.46 -22.94
CA SER A 76 5.34 9.87 -24.17
C SER A 76 3.92 10.31 -24.49
N LEU A 77 3.02 10.34 -23.51
CA LEU A 77 1.65 10.72 -23.80
C LEU A 77 1.53 12.19 -24.20
N GLU A 78 2.27 13.07 -23.54
CA GLU A 78 2.25 14.50 -23.91
C GLU A 78 3.12 14.86 -25.13
N GLY A 79 3.95 13.92 -25.61
CA GLY A 79 4.89 14.14 -26.69
C GLY A 79 6.09 15.00 -26.29
N GLY A 80 6.53 14.91 -25.03
CA GLY A 80 7.68 15.67 -24.53
C GLY A 80 8.89 14.80 -24.36
N GLU A 81 10.05 15.44 -24.17
CA GLU A 81 11.30 14.71 -23.98
C GLU A 81 11.42 14.07 -22.57
N ALA A 82 10.93 14.77 -21.54
CA ALA A 82 11.20 14.36 -20.16
C ALA A 82 10.02 14.70 -19.28
N GLY A 83 9.82 13.88 -18.23
CA GLY A 83 8.78 14.11 -17.23
C GLY A 83 9.33 14.14 -15.81
N LEU A 84 8.55 14.68 -14.90
CA LEU A 84 8.88 14.74 -13.50
C LEU A 84 7.60 14.54 -12.68
N ALA A 85 7.66 13.69 -11.64
CA ALA A 85 6.51 13.42 -10.78
C ALA A 85 6.70 14.08 -9.43
N LEU A 86 5.64 14.72 -8.93
CA LEU A 86 5.70 15.46 -7.67
C LEU A 86 4.51 15.10 -6.82
N ALA A 87 4.52 15.56 -5.57
CA ALA A 87 3.53 15.19 -4.56
C ALA A 87 2.15 15.75 -4.78
N SER A 88 2.05 16.78 -5.62
CA SER A 88 0.79 17.42 -5.91
C SER A 88 0.90 18.30 -7.15
N GLY A 89 -0.26 18.67 -7.68
CA GLY A 89 -0.31 19.68 -8.74
C GLY A 89 0.40 20.95 -8.34
N MET A 90 0.13 21.41 -7.10
CA MET A 90 0.81 22.60 -6.61
C MET A 90 2.31 22.39 -6.51
N GLY A 91 2.73 21.17 -6.16
CA GLY A 91 4.16 20.83 -6.22
C GLY A 91 4.77 21.01 -7.59
N ALA A 92 4.04 20.59 -8.60
CA ALA A 92 4.51 20.75 -9.99
C ALA A 92 4.64 22.22 -10.42
N ILE A 93 3.64 23.03 -10.10
CA ILE A 93 3.60 24.47 -10.46
C ILE A 93 4.63 25.26 -9.70
N THR A 94 4.73 25.05 -8.38
CA THR A 94 5.71 25.75 -7.57
C THR A 94 7.13 25.35 -7.91
N SER A 95 7.40 24.05 -8.06
CA SER A 95 8.76 23.61 -8.39
C SER A 95 9.22 24.23 -9.71
N THR A 96 8.30 24.27 -10.67
CA THR A 96 8.57 24.84 -11.98
C THR A 96 8.90 26.35 -11.88
N LEU A 97 8.04 27.09 -11.19
CA LEU A 97 8.10 28.55 -11.19
C LEU A 97 9.18 29.11 -10.29
N TRP A 98 9.44 28.45 -9.15
CA TRP A 98 10.61 28.73 -8.33
C TRP A 98 11.90 28.50 -9.08
N THR A 99 11.93 27.57 -10.00
CA THR A 99 13.13 27.31 -10.79
C THR A 99 13.37 28.36 -11.89
N LEU A 100 12.31 28.74 -12.62
CA LEU A 100 12.43 29.58 -13.82
C LEU A 100 12.44 31.10 -13.56
N LEU A 101 12.09 31.51 -12.34
CA LEU A 101 11.94 32.94 -12.02
C LEU A 101 12.88 33.38 -10.91
N ARG A 102 13.25 34.66 -10.95
CA ARG A 102 14.08 35.32 -9.94
C ARG A 102 13.66 36.81 -9.81
N PRO A 103 14.09 37.50 -8.75
CA PRO A 103 13.59 38.89 -8.58
C PRO A 103 13.88 39.77 -9.80
N GLY A 104 12.87 40.53 -10.23
CA GLY A 104 12.98 41.39 -11.43
C GLY A 104 12.59 40.71 -12.74
N ASP A 105 12.31 39.40 -12.73
CA ASP A 105 11.67 38.77 -13.87
C ASP A 105 10.20 39.09 -13.79
N GLU A 106 9.56 39.02 -14.94
CA GLU A 106 8.12 39.19 -15.03
C GLU A 106 7.53 37.87 -15.48
N VAL A 107 6.33 37.57 -15.01
CA VAL A 107 5.57 36.44 -15.50
C VAL A 107 4.17 36.94 -15.94
N LEU A 108 3.82 36.63 -17.18
CA LEU A 108 2.51 36.96 -17.73
C LEU A 108 1.57 35.78 -17.48
N LEU A 109 0.42 36.07 -16.90
CA LEU A 109 -0.55 35.08 -16.51
C LEU A 109 -1.88 35.21 -17.28
N GLY A 110 -2.58 34.09 -17.43
CA GLY A 110 -3.93 34.08 -17.98
C GLY A 110 -4.86 34.77 -17.01
N ASN A 111 -5.98 35.29 -17.50
CA ASN A 111 -6.89 36.09 -16.67
C ASN A 111 -7.50 35.35 -15.46
N THR A 112 -7.72 34.05 -15.59
CA THR A 112 -8.40 33.29 -14.53
C THR A 112 -7.58 32.02 -14.19
N LEU A 113 -7.24 31.91 -12.91
CA LEU A 113 -6.40 30.83 -12.40
C LEU A 113 -7.07 30.09 -11.28
N TYR A 114 -6.67 28.83 -11.14
CA TYR A 114 -6.98 28.02 -9.97
C TYR A 114 -6.53 28.81 -8.73
N GLY A 115 -7.39 28.82 -7.69
CA GLY A 115 -7.21 29.58 -6.46
C GLY A 115 -5.83 29.51 -5.78
N CYS A 116 -5.27 28.31 -5.61
CA CYS A 116 -3.97 28.20 -4.94
C CYS A 116 -2.83 28.66 -5.89
N THR A 117 -2.98 28.46 -7.20
CA THR A 117 -2.05 29.05 -8.15
C THR A 117 -2.08 30.61 -8.04
N PHE A 118 -3.26 31.20 -8.10
CA PHE A 118 -3.42 32.65 -7.86
C PHE A 118 -2.73 33.09 -6.57
N ALA A 119 -3.05 32.43 -5.45
CA ALA A 119 -2.46 32.75 -4.12
C ALA A 119 -0.92 32.62 -4.09
N PHE A 120 -0.41 31.54 -4.67
CA PHE A 120 1.02 31.36 -4.79
C PHE A 120 1.65 32.48 -5.58
N LEU A 121 1.02 32.87 -6.68
CA LEU A 121 1.58 33.91 -7.52
C LEU A 121 1.54 35.25 -6.76
N HIS A 122 0.37 35.66 -6.28
CA HIS A 122 0.23 36.99 -5.62
C HIS A 122 0.78 37.07 -4.20
N HIS A 123 0.44 36.12 -3.33
CA HIS A 123 0.93 36.12 -1.95
C HIS A 123 2.22 35.29 -1.71
N GLY A 124 2.69 34.55 -2.70
CA GLY A 124 3.89 33.73 -2.56
C GLY A 124 5.05 34.34 -3.30
N ILE A 125 5.33 33.81 -4.50
CA ILE A 125 6.48 34.21 -5.30
C ILE A 125 6.43 35.70 -5.70
N GLY A 126 5.24 36.26 -5.82
CA GLY A 126 5.07 37.70 -6.06
C GLY A 126 5.61 38.61 -4.98
N GLU A 127 5.64 38.14 -3.73
CA GLU A 127 6.16 38.91 -2.60
C GLU A 127 7.66 38.72 -2.42
N PHE A 128 8.28 37.91 -3.29
CA PHE A 128 9.74 37.80 -3.39
C PHE A 128 10.38 38.49 -4.62
N GLY A 129 9.77 39.59 -5.09
CA GLY A 129 10.37 40.44 -6.13
C GLY A 129 10.09 40.05 -7.57
N VAL A 130 9.17 39.13 -7.79
CA VAL A 130 8.84 38.67 -9.13
C VAL A 130 7.60 39.42 -9.51
N LYS A 131 7.59 40.07 -10.67
CA LYS A 131 6.45 40.88 -11.09
C LYS A 131 5.43 40.07 -11.90
N LEU A 132 4.15 40.33 -11.63
CA LEU A 132 3.03 39.63 -12.24
C LEU A 132 2.18 40.62 -13.05
N ARG A 133 1.71 40.20 -14.23
CA ARG A 133 0.65 40.90 -14.96
C ARG A 133 -0.31 39.90 -15.62
N HIS A 134 -1.61 40.13 -15.47
CA HIS A 134 -2.66 39.32 -16.11
C HIS A 134 -3.07 39.81 -17.50
N VAL A 135 -3.13 38.88 -18.46
CA VAL A 135 -3.44 39.15 -19.86
C VAL A 135 -4.49 38.13 -20.33
N ASP A 136 -5.45 38.59 -21.13
CA ASP A 136 -6.35 37.65 -21.82
C ASP A 136 -5.53 36.89 -22.85
N MET A 137 -5.32 35.59 -22.63
CA MET A 137 -4.42 34.80 -23.47
C MET A 137 -5.06 34.30 -24.77
N ALA A 138 -6.32 34.67 -25.04
CA ALA A 138 -6.93 34.50 -26.38
C ALA A 138 -6.78 35.75 -27.28
N ASP A 139 -6.21 36.83 -26.75
CA ASP A 139 -6.06 38.12 -27.46
C ASP A 139 -4.57 38.32 -27.71
N LEU A 140 -4.11 37.87 -28.88
CA LEU A 140 -2.67 37.85 -29.20
C LEU A 140 -2.06 39.25 -29.30
N GLN A 141 -2.90 40.25 -29.59
CA GLN A 141 -2.48 41.65 -29.69
C GLN A 141 -2.21 42.23 -28.30
N ALA A 142 -3.18 42.05 -27.39
CA ALA A 142 -3.04 42.46 -25.99
C ALA A 142 -1.83 41.81 -25.28
N LEU A 143 -1.49 40.57 -25.65
CA LEU A 143 -0.34 39.87 -25.09
C LEU A 143 0.95 40.47 -25.59
N GLU A 144 1.04 40.60 -26.92
CA GLU A 144 2.23 41.19 -27.58
C GLU A 144 2.56 42.58 -27.01
N ALA A 145 1.51 43.35 -26.74
CA ALA A 145 1.64 44.67 -26.14
C ALA A 145 2.20 44.55 -24.71
N ALA A 146 1.73 43.55 -23.96
CA ALA A 146 2.20 43.30 -22.58
C ALA A 146 3.63 42.77 -22.44
N MET A 147 4.22 42.24 -23.51
CA MET A 147 5.59 41.72 -23.44
C MET A 147 6.58 42.83 -23.10
N THR A 148 7.47 42.57 -22.15
CA THR A 148 8.59 43.47 -21.84
C THR A 148 9.88 42.66 -21.95
N PRO A 149 11.05 43.34 -21.91
CA PRO A 149 12.32 42.58 -21.86
C PRO A 149 12.52 41.73 -20.58
N ALA A 150 11.79 42.05 -19.50
CA ALA A 150 11.80 41.24 -18.28
C ALA A 150 10.87 40.01 -18.32
N THR A 151 10.11 39.82 -19.39
CA THR A 151 9.14 38.72 -19.50
C THR A 151 9.88 37.38 -19.69
N ARG A 152 9.94 36.61 -18.60
CA ARG A 152 10.65 35.32 -18.57
C ARG A 152 9.66 34.16 -18.80
N VAL A 153 8.46 34.23 -18.25
CA VAL A 153 7.53 33.12 -18.31
C VAL A 153 6.14 33.57 -18.68
N ILE A 154 5.47 32.75 -19.49
CA ILE A 154 4.06 32.89 -19.75
C ILE A 154 3.35 31.66 -19.17
N TYR A 155 2.40 31.87 -18.29
CA TYR A 155 1.74 30.77 -17.59
C TYR A 155 0.22 30.94 -17.66
N PHE A 156 -0.47 29.87 -18.04
CA PHE A 156 -1.93 29.86 -18.10
C PHE A 156 -2.48 28.44 -18.14
N GLU A 157 -3.77 28.36 -17.79
CA GLU A 157 -4.61 27.19 -17.94
C GLU A 157 -5.47 27.34 -19.19
N SER A 158 -5.73 26.24 -19.90
CA SER A 158 -6.66 26.25 -21.01
C SER A 158 -7.28 24.86 -21.18
N PRO A 159 -8.58 24.68 -20.97
CA PRO A 159 -9.53 25.69 -20.50
C PRO A 159 -9.29 26.09 -19.06
N ALA A 160 -9.72 27.29 -18.69
CA ALA A 160 -9.38 27.86 -17.37
C ALA A 160 -10.36 27.45 -16.27
N ASN A 161 -9.82 27.22 -15.07
CA ASN A 161 -10.59 26.83 -13.87
C ASN A 161 -11.09 28.13 -13.18
N PRO A 162 -12.40 28.44 -13.14
CA PRO A 162 -13.53 27.54 -13.43
C PRO A 162 -14.47 27.89 -14.60
N ASN A 163 -14.21 28.96 -15.35
CA ASN A 163 -15.15 29.45 -16.42
C ASN A 163 -14.93 28.93 -17.85
N MET A 164 -13.88 28.13 -18.07
CA MET A 164 -13.61 27.41 -19.35
C MET A 164 -13.06 28.28 -20.47
N HIS A 165 -12.43 29.39 -20.12
CA HIS A 165 -11.88 30.32 -21.10
C HIS A 165 -10.68 29.67 -21.78
N MET A 166 -10.69 29.63 -23.12
CA MET A 166 -9.59 29.08 -23.90
C MET A 166 -8.48 30.09 -24.12
N ALA A 167 -7.29 29.58 -24.42
CA ALA A 167 -6.15 30.36 -24.85
C ALA A 167 -5.69 29.82 -26.19
N ASP A 168 -5.12 30.69 -27.03
CA ASP A 168 -4.63 30.30 -28.35
C ASP A 168 -3.20 29.85 -28.18
N ILE A 169 -3.01 28.56 -27.89
CA ILE A 169 -1.72 28.11 -27.44
C ILE A 169 -0.67 28.38 -28.50
N ALA A 170 -0.94 28.07 -29.77
CA ALA A 170 0.07 28.26 -30.83
C ALA A 170 0.43 29.73 -31.02
N GLY A 171 -0.57 30.60 -30.91
CA GLY A 171 -0.37 32.03 -31.07
C GLY A 171 0.48 32.61 -29.95
N VAL A 172 0.19 32.16 -28.71
CA VAL A 172 0.98 32.56 -27.53
C VAL A 172 2.42 32.13 -27.73
N ALA A 173 2.61 30.89 -28.18
CA ALA A 173 3.95 30.34 -28.32
C ALA A 173 4.78 31.05 -29.37
N LYS A 174 4.16 31.50 -30.47
CA LYS A 174 4.89 32.22 -31.52
C LYS A 174 5.51 33.49 -30.92
N ILE A 175 4.66 34.22 -30.21
CA ILE A 175 5.07 35.44 -29.52
C ILE A 175 6.14 35.18 -28.46
N ALA A 176 5.99 34.11 -27.68
CA ALA A 176 6.99 33.76 -26.68
C ALA A 176 8.32 33.37 -27.31
N ARG A 177 8.27 32.60 -28.40
CA ARG A 177 9.47 32.28 -29.19
C ARG A 177 10.22 33.54 -29.64
N LYS A 178 9.47 34.57 -30.03
CA LYS A 178 10.05 35.85 -30.51
C LYS A 178 10.80 36.58 -29.39
N HIS A 179 10.17 36.70 -28.22
CA HIS A 179 10.72 37.43 -27.08
C HIS A 179 11.59 36.58 -26.13
N GLY A 180 11.79 35.30 -26.44
CA GLY A 180 12.57 34.41 -25.59
C GLY A 180 11.90 34.11 -24.24
N ALA A 181 10.59 33.87 -24.25
CA ALA A 181 9.82 33.57 -23.05
C ALA A 181 9.47 32.07 -23.01
N THR A 182 9.41 31.49 -21.80
CA THR A 182 9.09 30.06 -21.62
C THR A 182 7.58 29.96 -21.41
N VAL A 183 6.91 29.16 -22.23
CA VAL A 183 5.48 28.98 -22.09
C VAL A 183 5.20 27.71 -21.27
N VAL A 184 4.40 27.88 -20.22
CA VAL A 184 4.02 26.81 -19.30
C VAL A 184 2.51 26.70 -19.29
N VAL A 185 1.98 25.54 -19.68
CA VAL A 185 0.54 25.32 -19.74
C VAL A 185 0.06 24.28 -18.73
N ASP A 186 -0.89 24.69 -17.90
CA ASP A 186 -1.58 23.75 -17.01
C ASP A 186 -2.62 22.98 -17.84
N ASN A 187 -2.30 21.72 -18.13
CA ASN A 187 -3.15 20.84 -18.93
C ASN A 187 -4.05 19.86 -18.11
N THR A 188 -4.37 20.25 -16.88
CA THR A 188 -5.10 19.38 -15.94
C THR A 188 -6.46 18.94 -16.50
N TYR A 189 -7.26 19.90 -16.95
CA TYR A 189 -8.63 19.63 -17.43
C TYR A 189 -8.72 18.69 -18.63
N CYS A 190 -7.79 18.79 -19.57
CA CYS A 190 -7.87 18.01 -20.79
C CYS A 190 -7.19 16.66 -20.71
N THR A 191 -6.00 16.64 -20.09
CA THR A 191 -5.07 15.51 -20.10
C THR A 191 -4.45 15.40 -21.50
N PRO A 192 -3.32 14.70 -21.62
CA PRO A 192 -2.73 14.48 -22.94
C PRO A 192 -3.61 13.72 -23.92
N TYR A 193 -4.58 12.97 -23.43
CA TYR A 193 -5.50 12.26 -24.32
C TYR A 193 -6.33 13.24 -25.19
N LEU A 194 -6.71 14.38 -24.62
CA LEU A 194 -7.51 15.39 -25.31
C LEU A 194 -6.76 16.60 -25.87
N GLN A 195 -5.62 16.98 -25.28
CA GLN A 195 -4.88 18.15 -25.73
C GLN A 195 -3.42 17.99 -25.38
N ARG A 196 -2.54 18.39 -26.30
CA ARG A 196 -1.11 18.25 -26.12
C ARG A 196 -0.42 19.60 -26.42
N PRO A 197 -0.41 20.53 -25.44
CA PRO A 197 0.16 21.86 -25.60
C PRO A 197 1.62 21.90 -26.08
N LEU A 198 2.42 20.89 -25.74
CA LEU A 198 3.78 20.76 -26.32
C LEU A 198 3.81 20.64 -27.87
N GLU A 199 2.81 19.97 -28.44
CA GLU A 199 2.66 19.86 -29.91
C GLU A 199 2.20 21.19 -30.56
N LEU A 200 1.59 22.05 -29.75
CA LEU A 200 1.21 23.41 -30.12
C LEU A 200 2.25 24.48 -29.72
N GLY A 201 3.46 24.08 -29.34
CA GLY A 201 4.55 25.02 -29.04
C GLY A 201 4.81 25.42 -27.59
N ALA A 202 3.99 24.99 -26.63
CA ALA A 202 4.33 25.15 -25.22
C ALA A 202 5.68 24.46 -24.94
N ASP A 203 6.43 25.02 -24.00
CA ASP A 203 7.71 24.46 -23.58
C ASP A 203 7.54 23.43 -22.44
N LEU A 204 6.61 23.70 -21.51
CA LEU A 204 6.35 22.83 -20.35
C LEU A 204 4.86 22.66 -20.20
N VAL A 205 4.43 21.46 -19.80
CA VAL A 205 3.04 21.29 -19.31
C VAL A 205 3.07 20.81 -17.86
N VAL A 206 2.09 21.23 -17.06
CA VAL A 206 1.97 20.83 -15.66
C VAL A 206 0.57 20.26 -15.49
N HIS A 207 0.44 19.31 -14.56
CA HIS A 207 -0.85 18.71 -14.24
C HIS A 207 -1.01 18.57 -12.78
N SER A 208 -2.25 18.72 -12.32
CA SER A 208 -2.71 18.04 -11.12
C SER A 208 -3.11 16.61 -11.53
N ALA A 209 -2.19 15.67 -11.36
CA ALA A 209 -2.47 14.25 -11.64
C ALA A 209 -3.45 13.65 -10.63
N THR A 210 -3.67 14.36 -9.53
CA THR A 210 -4.79 14.15 -8.61
C THR A 210 -6.14 13.96 -9.31
N LYS A 211 -6.33 14.58 -10.48
CA LYS A 211 -7.64 14.62 -11.14
C LYS A 211 -7.81 13.45 -12.10
N TYR A 212 -8.04 13.72 -13.40
CA TYR A 212 -8.32 12.72 -14.40
C TYR A 212 -7.25 11.65 -14.56
N LEU A 213 -5.98 12.03 -14.44
CA LEU A 213 -4.91 11.10 -14.71
C LEU A 213 -4.97 9.94 -13.73
N SER A 214 -5.18 10.24 -12.43
CA SER A 214 -5.41 9.20 -11.43
C SER A 214 -6.74 8.57 -11.70
N GLY A 215 -7.74 9.43 -11.83
CA GLY A 215 -9.09 9.05 -12.16
C GLY A 215 -9.98 8.57 -11.05
N HIS A 216 -9.43 8.23 -9.88
CA HIS A 216 -10.20 7.51 -8.85
C HIS A 216 -10.16 8.17 -7.47
N GLY A 217 -9.64 9.39 -7.39
CA GLY A 217 -9.75 10.23 -6.21
C GLY A 217 -8.98 9.77 -4.99
N ASP A 218 -8.02 8.85 -5.16
CA ASP A 218 -7.34 8.26 -4.03
C ASP A 218 -5.88 8.75 -3.86
N ILE A 219 -5.35 9.57 -4.75
CA ILE A 219 -3.99 10.06 -4.55
C ILE A 219 -3.93 11.55 -4.82
N THR A 220 -2.91 12.18 -4.27
CA THR A 220 -2.54 13.54 -4.61
C THR A 220 -1.22 13.42 -5.37
N ALA A 221 -1.13 14.08 -6.53
CA ALA A 221 0.08 14.04 -7.34
C ALA A 221 0.16 15.13 -8.43
N GLY A 222 1.39 15.40 -8.84
CA GLY A 222 1.70 16.35 -9.89
C GLY A 222 2.67 15.79 -10.91
N ILE A 223 2.53 16.29 -12.15
CA ILE A 223 3.43 15.95 -13.25
C ILE A 223 3.90 17.25 -13.94
N VAL A 224 5.19 17.30 -14.29
CA VAL A 224 5.70 18.27 -15.22
C VAL A 224 6.21 17.50 -16.45
N VAL A 225 5.91 17.99 -17.67
CA VAL A 225 6.54 17.43 -18.88
C VAL A 225 7.08 18.56 -19.79
N GLY A 226 8.26 18.34 -20.35
CA GLY A 226 8.81 19.25 -21.35
C GLY A 226 10.16 18.80 -21.84
N SER A 227 11.03 19.77 -22.17
CA SER A 227 12.36 19.44 -22.64
C SER A 227 13.22 18.86 -21.53
N GLN A 228 14.21 18.05 -21.92
CA GLN A 228 15.17 17.50 -20.99
C GLN A 228 15.83 18.64 -20.19
N ALA A 229 16.23 19.71 -20.88
CA ALA A 229 16.96 20.80 -20.23
C ALA A 229 16.10 21.49 -19.19
N LEU A 230 14.84 21.76 -19.49
CA LEU A 230 14.01 22.46 -18.49
C LEU A 230 13.64 21.53 -17.30
N VAL A 231 13.36 20.27 -17.60
CA VAL A 231 12.87 19.33 -16.59
C VAL A 231 14.02 18.99 -15.64
N ASP A 232 15.24 18.82 -16.19
CA ASP A 232 16.42 18.60 -15.36
C ASP A 232 16.64 19.71 -14.33
N ARG A 233 16.49 20.95 -14.78
CA ARG A 233 16.58 22.09 -13.89
C ARG A 233 15.49 22.10 -12.83
N ILE A 234 14.26 21.81 -13.23
CA ILE A 234 13.15 21.79 -12.28
C ILE A 234 13.39 20.65 -11.26
N ARG A 235 13.86 19.49 -11.71
CA ARG A 235 14.19 18.35 -10.79
C ARG A 235 15.27 18.73 -9.78
N LEU A 236 16.35 19.33 -10.28
CA LEU A 236 17.54 19.50 -9.48
C LEU A 236 17.54 20.81 -8.67
N GLN A 237 16.61 21.72 -8.92
CA GLN A 237 16.49 22.98 -8.16
C GLN A 237 15.13 23.09 -7.47
N GLY A 238 14.07 23.19 -8.25
CA GLY A 238 12.72 23.37 -7.72
C GLY A 238 12.32 22.26 -6.73
N LEU A 239 12.42 21.02 -7.19
CA LEU A 239 12.04 19.85 -6.37
C LEU A 239 13.10 19.57 -5.29
N LYS A 240 14.34 19.32 -5.72
CA LYS A 240 15.39 18.90 -4.79
C LYS A 240 15.57 19.89 -3.63
N ASP A 241 15.60 21.19 -3.93
CA ASP A 241 15.98 22.22 -2.97
C ASP A 241 14.88 23.18 -2.55
N MET A 242 13.88 23.46 -3.38
CA MET A 242 12.96 24.55 -3.06
C MET A 242 11.56 24.15 -2.63
N THR A 243 11.16 22.90 -2.88
CA THR A 243 9.85 22.43 -2.48
C THR A 243 9.88 21.10 -1.71
N GLY A 244 10.79 20.20 -2.07
CA GLY A 244 10.75 18.84 -1.55
C GLY A 244 9.41 18.14 -1.74
N ALA A 245 8.67 18.47 -2.82
CA ALA A 245 7.36 17.87 -3.09
C ALA A 245 7.52 16.48 -3.78
N VAL A 246 7.99 15.51 -3.00
CA VAL A 246 8.34 14.18 -3.46
C VAL A 246 7.10 13.29 -3.51
N LEU A 247 6.84 12.65 -4.65
CA LEU A 247 5.75 11.69 -4.78
C LEU A 247 6.16 10.33 -4.21
N SER A 248 5.28 9.76 -3.40
CA SER A 248 5.43 8.38 -2.89
C SER A 248 5.47 7.38 -4.06
N PRO A 249 6.41 6.41 -4.05
CA PRO A 249 6.34 5.38 -5.08
C PRO A 249 4.99 4.61 -5.09
N HIS A 250 4.39 4.39 -3.92
CA HIS A 250 3.04 3.78 -3.84
C HIS A 250 2.00 4.58 -4.66
N ASP A 251 2.00 5.90 -4.49
CA ASP A 251 1.03 6.74 -5.17
C ASP A 251 1.33 6.82 -6.68
N ALA A 252 2.61 6.85 -7.02
CA ALA A 252 3.03 6.77 -8.39
C ALA A 252 2.57 5.51 -9.11
N ALA A 253 2.63 4.37 -8.42
CA ALA A 253 2.15 3.12 -9.00
C ALA A 253 0.62 3.14 -9.14
N LEU A 254 -0.10 3.72 -8.19
CA LEU A 254 -1.54 3.94 -8.36
C LEU A 254 -1.86 4.87 -9.54
N LEU A 255 -1.04 5.90 -9.72
CA LEU A 255 -1.24 6.85 -10.82
C LEU A 255 -1.04 6.16 -12.16
N MET A 256 0.02 5.36 -12.28
CA MET A 256 0.21 4.51 -13.46
C MET A 256 -0.96 3.54 -13.71
N ARG A 257 -1.48 2.96 -12.64
CA ARG A 257 -2.65 2.10 -12.74
C ARG A 257 -3.82 2.92 -13.36
N GLY A 258 -4.06 4.12 -12.85
CA GLY A 258 -5.06 5.04 -13.44
C GLY A 258 -4.92 5.37 -14.93
N ILE A 259 -3.69 5.65 -15.34
CA ILE A 259 -3.39 6.06 -16.71
C ILE A 259 -3.69 4.96 -17.71
N LYS A 260 -3.62 3.71 -17.27
CA LYS A 260 -3.99 2.60 -18.14
C LYS A 260 -5.42 2.61 -18.66
N THR A 261 -6.35 3.31 -18.00
CA THR A 261 -7.72 3.46 -18.47
C THR A 261 -8.09 4.89 -18.86
N LEU A 262 -7.09 5.77 -18.99
CA LEU A 262 -7.36 7.19 -19.23
C LEU A 262 -8.20 7.43 -20.48
N ASN A 263 -7.83 6.77 -21.59
CA ASN A 263 -8.60 6.90 -22.85
C ASN A 263 -10.07 6.51 -22.70
N LEU A 264 -10.33 5.39 -22.00
CA LEU A 264 -11.68 4.87 -21.83
C LEU A 264 -12.48 5.75 -20.89
N ARG A 265 -11.85 6.18 -19.80
CA ARG A 265 -12.51 7.03 -18.83
C ARG A 265 -12.84 8.39 -19.45
N MET A 266 -11.87 9.02 -20.11
CA MET A 266 -12.12 10.34 -20.75
C MET A 266 -13.22 10.26 -21.81
N ASP A 267 -13.26 9.19 -22.62
CA ASP A 267 -14.37 8.99 -23.58
C ASP A 267 -15.71 9.03 -22.87
N ARG A 268 -15.81 8.41 -21.69
CA ARG A 268 -17.09 8.38 -20.97
C ARG A 268 -17.39 9.69 -20.24
N HIS A 269 -16.40 10.29 -19.58
CA HIS A 269 -16.60 11.64 -18.99
C HIS A 269 -17.18 12.62 -20.06
N CYS A 270 -16.59 12.57 -21.25
CA CYS A 270 -16.94 13.47 -22.36
C CYS A 270 -18.35 13.23 -22.89
N ALA A 271 -18.67 11.96 -23.17
CA ALA A 271 -20.01 11.57 -23.59
C ALA A 271 -21.09 11.89 -22.56
N ASN A 272 -20.82 11.64 -21.27
CA ASN A 272 -21.79 12.01 -20.22
C ASN A 272 -21.96 13.52 -20.12
N ALA A 273 -20.85 14.25 -20.14
CA ALA A 273 -20.88 15.68 -19.96
C ALA A 273 -21.59 16.37 -21.16
N GLN A 274 -21.41 15.83 -22.37
CA GLN A 274 -22.11 16.35 -23.56
C GLN A 274 -23.64 16.26 -23.39
N VAL A 275 -24.11 15.09 -22.95
CA VAL A 275 -25.54 14.89 -22.74
C VAL A 275 -26.05 15.85 -21.66
N LEU A 276 -25.36 15.95 -20.52
CA LEU A 276 -25.81 16.84 -19.45
C LEU A 276 -25.80 18.31 -19.86
N ALA A 277 -24.79 18.71 -20.63
CA ALA A 277 -24.69 20.09 -21.09
C ALA A 277 -25.88 20.43 -22.01
N GLU A 278 -26.16 19.56 -22.98
CA GLU A 278 -27.26 19.74 -23.92
C GLU A 278 -28.61 19.74 -23.18
N PHE A 279 -28.74 18.90 -22.15
CA PHE A 279 -29.91 18.93 -21.26
C PHE A 279 -30.03 20.27 -20.53
N LEU A 280 -28.95 20.73 -19.91
CA LEU A 280 -28.94 22.00 -19.18
C LEU A 280 -29.20 23.23 -20.09
N ALA A 281 -28.82 23.12 -21.36
CA ALA A 281 -29.07 24.19 -22.34
C ALA A 281 -30.56 24.40 -22.60
N ARG A 282 -31.31 23.29 -22.73
CA ARG A 282 -32.76 23.31 -22.92
C ARG A 282 -33.59 23.75 -21.70
N GLN A 283 -32.98 24.07 -20.56
CA GLN A 283 -33.76 24.30 -19.33
C GLN A 283 -34.02 25.78 -19.05
N PRO A 284 -35.24 26.10 -18.55
CA PRO A 284 -35.59 27.49 -18.20
C PRO A 284 -34.85 28.07 -16.99
N GLN A 285 -34.58 27.25 -15.95
CA GLN A 285 -33.81 27.71 -14.77
C GLN A 285 -32.39 28.23 -15.07
N VAL A 286 -31.78 27.80 -16.18
CA VAL A 286 -30.38 28.12 -16.52
C VAL A 286 -30.18 29.44 -17.28
N GLU A 287 -29.48 30.37 -16.64
CA GLU A 287 -29.12 31.65 -17.26
C GLU A 287 -28.10 31.47 -18.40
N LEU A 288 -26.95 30.86 -18.12
CA LEU A 288 -25.95 30.53 -19.16
C LEU A 288 -25.10 29.30 -18.79
N ILE A 289 -24.38 28.77 -19.78
CA ILE A 289 -23.55 27.57 -19.63
C ILE A 289 -22.25 27.79 -20.36
N HIS A 290 -21.13 27.43 -19.73
CA HIS A 290 -19.88 27.32 -20.43
C HIS A 290 -19.60 25.81 -20.61
N TYR A 291 -19.87 25.26 -21.79
CA TYR A 291 -19.38 23.92 -22.16
C TYR A 291 -18.82 23.95 -23.58
N PRO A 292 -17.54 23.59 -23.79
CA PRO A 292 -16.88 23.64 -25.10
C PRO A 292 -17.56 22.92 -26.26
N GLY A 293 -18.31 21.86 -25.97
CA GLY A 293 -18.99 21.06 -26.98
C GLY A 293 -20.36 21.57 -27.41
N LEU A 294 -20.86 22.64 -26.79
CA LEU A 294 -22.09 23.30 -27.27
C LEU A 294 -21.73 24.22 -28.43
N ALA A 295 -22.47 24.11 -29.54
CA ALA A 295 -22.28 25.00 -30.72
C ALA A 295 -22.27 26.49 -30.35
N SER A 296 -23.00 26.85 -29.29
CA SER A 296 -23.06 28.21 -28.76
C SER A 296 -21.88 28.67 -27.88
N PHE A 297 -20.89 27.81 -27.65
CA PHE A 297 -19.75 28.18 -26.81
C PHE A 297 -18.93 29.30 -27.51
N PRO A 298 -18.66 30.43 -26.81
CA PRO A 298 -18.00 31.60 -27.42
C PRO A 298 -16.70 31.32 -28.17
N GLN A 299 -15.88 30.37 -27.70
CA GLN A 299 -14.63 30.01 -28.38
C GLN A 299 -14.65 28.59 -28.99
N TYR A 300 -15.84 28.16 -29.43
CA TYR A 300 -16.05 26.80 -29.98
C TYR A 300 -15.02 26.36 -31.02
N THR A 301 -14.65 27.32 -31.88
CA THR A 301 -13.68 27.12 -32.97
C THR A 301 -12.27 26.87 -32.44
N LEU A 302 -11.82 27.73 -31.53
CA LEU A 302 -10.49 27.58 -30.93
C LEU A 302 -10.38 26.28 -30.12
N ALA A 303 -11.42 26.00 -29.32
CA ALA A 303 -11.54 24.75 -28.55
C ALA A 303 -11.39 23.51 -29.42
N ARG A 304 -11.98 23.53 -30.61
CA ARG A 304 -11.89 22.39 -31.54
C ARG A 304 -10.52 22.22 -32.21
N GLN A 305 -9.77 23.29 -32.39
CA GLN A 305 -8.44 23.22 -32.98
C GLN A 305 -7.41 22.69 -31.97
N GLN A 306 -7.71 22.79 -30.68
CA GLN A 306 -6.78 22.38 -29.61
C GLN A 306 -7.18 21.07 -28.89
N MET A 307 -8.48 20.87 -28.66
CA MET A 307 -9.02 19.73 -27.91
C MET A 307 -9.73 18.77 -28.83
N SER A 308 -9.41 17.49 -28.74
CA SER A 308 -10.04 16.46 -29.58
C SER A 308 -11.45 16.08 -29.10
N GLN A 309 -11.77 16.35 -27.84
CA GLN A 309 -13.15 16.21 -27.32
C GLN A 309 -13.36 17.35 -26.34
N PRO A 310 -14.60 17.68 -26.02
CA PRO A 310 -14.90 18.88 -25.23
C PRO A 310 -14.83 18.77 -23.68
N GLY A 311 -14.45 17.61 -23.15
CA GLY A 311 -14.14 17.48 -21.72
C GLY A 311 -15.27 17.08 -20.80
N GLY A 312 -14.92 16.92 -19.53
CA GLY A 312 -15.85 16.42 -18.51
C GLY A 312 -16.41 17.48 -17.60
N MET A 313 -15.99 18.73 -17.78
CA MET A 313 -16.32 19.83 -16.87
C MET A 313 -17.37 20.76 -17.48
N ILE A 314 -18.37 21.10 -16.70
CA ILE A 314 -19.40 22.08 -17.07
C ILE A 314 -19.43 23.16 -16.00
N ALA A 315 -19.49 24.43 -16.44
CA ALA A 315 -19.81 25.57 -15.57
C ALA A 315 -21.13 26.18 -16.02
N PHE A 316 -21.97 26.57 -15.07
CA PHE A 316 -23.25 27.20 -15.42
C PHE A 316 -23.78 28.09 -14.28
N GLU A 317 -24.70 28.99 -14.61
CA GLU A 317 -25.39 29.83 -13.62
C GLU A 317 -26.89 29.60 -13.71
N LEU A 318 -27.56 29.70 -12.57
CA LEU A 318 -29.02 29.67 -12.55
C LEU A 318 -29.56 31.09 -12.45
N LYS A 319 -30.77 31.29 -12.96
CA LYS A 319 -31.57 32.45 -12.56
C LYS A 319 -31.99 32.18 -11.13
N GLY A 320 -31.92 33.21 -10.29
CA GLY A 320 -31.99 33.02 -8.84
C GLY A 320 -30.62 33.23 -8.22
N GLY A 321 -29.55 33.18 -9.03
CA GLY A 321 -28.20 33.52 -8.59
C GLY A 321 -27.66 32.52 -7.57
N ILE A 322 -27.01 33.03 -6.53
CA ILE A 322 -26.47 32.18 -5.46
C ILE A 322 -27.55 31.50 -4.61
N GLY A 323 -28.69 32.14 -4.43
CA GLY A 323 -29.81 31.53 -3.74
C GLY A 323 -30.22 30.21 -4.37
N ALA A 324 -30.48 30.25 -5.68
CA ALA A 324 -30.87 29.05 -6.44
C ALA A 324 -29.70 28.05 -6.55
N GLY A 325 -28.47 28.55 -6.71
CA GLY A 325 -27.25 27.72 -6.60
C GLY A 325 -27.18 26.83 -5.37
N ARG A 326 -27.38 27.41 -4.19
CA ARG A 326 -27.41 26.66 -2.93
C ARG A 326 -28.48 25.59 -2.91
N ARG A 327 -29.67 25.99 -3.34
CA ARG A 327 -30.83 25.09 -3.36
C ARG A 327 -30.61 23.90 -4.31
N PHE A 328 -29.98 24.16 -5.45
CA PHE A 328 -29.66 23.12 -6.45
C PHE A 328 -28.66 22.12 -5.87
N MET A 329 -27.52 22.64 -5.43
CA MET A 329 -26.41 21.85 -4.88
C MET A 329 -26.84 21.04 -3.66
N ASN A 330 -27.60 21.65 -2.76
CA ASN A 330 -28.10 20.95 -1.59
C ASN A 330 -29.10 19.86 -1.87
N ALA A 331 -29.81 19.93 -2.99
CA ALA A 331 -30.75 18.87 -3.40
C ALA A 331 -30.12 17.68 -4.14
N LEU A 332 -28.87 17.79 -4.58
CA LEU A 332 -28.22 16.68 -5.31
C LEU A 332 -28.09 15.42 -4.42
N GLN A 333 -28.50 14.28 -4.96
CA GLN A 333 -28.47 13.00 -4.23
C GLN A 333 -27.46 11.96 -4.77
N LEU A 334 -27.02 12.11 -6.03
CA LEU A 334 -26.08 11.18 -6.68
C LEU A 334 -24.74 11.88 -6.85
N PHE A 335 -24.74 13.07 -7.48
CA PHE A 335 -23.64 14.03 -7.41
C PHE A 335 -23.29 14.29 -5.94
N SER A 336 -22.02 14.50 -5.63
CA SER A 336 -21.62 14.89 -4.28
C SER A 336 -21.17 16.33 -4.31
N ARG A 337 -21.31 17.01 -3.17
CA ARG A 337 -20.80 18.36 -3.00
C ARG A 337 -19.37 18.29 -2.50
N ALA A 338 -18.43 18.61 -3.37
CA ALA A 338 -17.02 18.53 -3.06
C ALA A 338 -16.24 19.31 -4.10
N VAL A 339 -15.08 19.80 -3.71
CA VAL A 339 -14.10 20.29 -4.67
C VAL A 339 -13.37 19.07 -5.20
N SER A 340 -12.51 19.29 -6.19
CA SER A 340 -11.82 18.26 -6.98
C SER A 340 -12.62 17.93 -8.25
N LEU A 341 -12.00 17.14 -9.10
CA LEU A 341 -12.61 16.77 -10.35
C LEU A 341 -11.88 15.58 -10.93
N GLY A 342 -12.48 15.02 -11.98
CA GLY A 342 -11.90 13.94 -12.73
C GLY A 342 -11.94 12.62 -12.00
N ASP A 343 -12.88 12.50 -11.07
CA ASP A 343 -13.11 11.25 -10.36
C ASP A 343 -14.15 10.45 -11.09
N ALA A 344 -14.18 9.14 -10.83
CA ALA A 344 -15.30 8.31 -11.25
C ALA A 344 -16.67 8.84 -10.74
N GLU A 345 -16.66 9.46 -9.57
CA GLU A 345 -17.85 10.04 -8.93
C GLU A 345 -18.13 11.43 -9.45
N SER A 346 -19.38 11.73 -9.72
CA SER A 346 -19.76 13.07 -10.18
C SER A 346 -19.78 14.04 -9.00
N LEU A 347 -19.18 15.21 -9.22
CA LEU A 347 -19.02 16.24 -8.17
C LEU A 347 -19.57 17.60 -8.60
N ALA A 348 -20.02 18.37 -7.62
CA ALA A 348 -20.49 19.75 -7.79
C ALA A 348 -19.90 20.64 -6.72
N GLN A 349 -19.57 21.87 -7.08
CA GLN A 349 -19.06 22.86 -6.12
C GLN A 349 -19.31 24.29 -6.56
N HIS A 350 -19.07 25.22 -5.61
CA HIS A 350 -19.32 26.68 -5.73
C HIS A 350 -17.97 27.40 -5.62
N PRO A 351 -17.35 27.75 -6.77
CA PRO A 351 -15.98 28.27 -6.77
C PRO A 351 -15.72 29.47 -5.85
N ALA A 352 -16.65 30.43 -5.83
CA ALA A 352 -16.44 31.69 -5.09
C ALA A 352 -16.17 31.48 -3.58
N SER A 353 -16.88 30.52 -2.99
CA SER A 353 -16.78 30.21 -1.56
C SER A 353 -15.89 28.99 -1.23
N MET A 354 -15.31 28.35 -2.25
CA MET A 354 -14.56 27.10 -2.09
C MET A 354 -13.20 27.17 -2.81
N THR A 355 -13.10 26.67 -4.05
CA THR A 355 -11.81 26.57 -4.76
C THR A 355 -11.15 27.91 -5.15
N HIS A 356 -11.96 28.98 -5.20
CA HIS A 356 -11.49 30.33 -5.53
C HIS A 356 -11.79 31.34 -4.39
N SER A 357 -11.94 30.82 -3.16
CA SER A 357 -12.13 31.64 -1.96
C SER A 357 -10.85 32.35 -1.47
N SER A 358 -9.70 32.00 -2.06
CA SER A 358 -8.45 32.75 -1.85
C SER A 358 -8.49 34.15 -2.51
N TYR A 359 -9.27 34.29 -3.60
CA TYR A 359 -9.56 35.60 -4.23
C TYR A 359 -10.46 36.42 -3.29
N THR A 360 -10.25 37.74 -3.25
CA THR A 360 -11.23 38.66 -2.63
C THR A 360 -12.45 38.77 -3.57
N PRO A 361 -13.63 39.24 -3.06
CA PRO A 361 -14.83 39.43 -3.92
C PRO A 361 -14.63 40.27 -5.21
N GLU A 362 -13.74 41.27 -5.13
CA GLU A 362 -13.44 42.21 -6.24
C GLU A 362 -12.48 41.56 -7.24
N GLU A 363 -11.48 40.85 -6.69
CA GLU A 363 -10.60 40.01 -7.51
C GLU A 363 -11.41 38.92 -8.23
N ARG A 364 -12.36 38.29 -7.52
CA ARG A 364 -13.29 37.35 -8.17
C ARG A 364 -14.12 38.03 -9.27
N ALA A 365 -14.66 39.20 -8.97
CA ALA A 365 -15.52 39.92 -9.91
C ALA A 365 -14.85 40.25 -11.25
N HIS A 366 -13.64 40.84 -11.22
CA HIS A 366 -12.98 41.27 -12.48
C HIS A 366 -12.00 40.23 -13.09
N TYR A 367 -11.79 39.09 -12.43
CA TYR A 367 -11.11 37.92 -13.06
C TYR A 367 -12.10 36.82 -13.55
N GLY A 368 -13.38 37.15 -13.57
CA GLY A 368 -14.40 36.29 -14.19
C GLY A 368 -14.82 35.08 -13.39
N ILE A 369 -14.97 35.23 -12.07
CA ILE A 369 -15.49 34.18 -11.19
C ILE A 369 -16.79 34.68 -10.57
N SER A 370 -17.89 34.41 -11.27
CA SER A 370 -19.23 34.80 -10.84
C SER A 370 -19.61 34.26 -9.44
N GLU A 371 -20.45 35.01 -8.73
CA GLU A 371 -21.02 34.62 -7.45
C GLU A 371 -22.14 33.56 -7.63
N GLY A 372 -22.73 33.47 -8.82
CA GLY A 372 -23.76 32.47 -9.14
C GLY A 372 -23.26 31.17 -9.80
N LEU A 373 -21.95 31.06 -10.03
CA LEU A 373 -21.41 29.95 -10.85
C LEU A 373 -21.41 28.62 -10.11
N VAL A 374 -21.93 27.58 -10.78
CA VAL A 374 -21.81 26.19 -10.32
C VAL A 374 -20.95 25.40 -11.32
N ARG A 375 -19.98 24.65 -10.79
CA ARG A 375 -19.07 23.83 -11.58
C ARG A 375 -19.39 22.35 -11.33
N LEU A 376 -19.63 21.60 -12.40
CA LEU A 376 -19.88 20.18 -12.35
C LEU A 376 -18.70 19.44 -12.91
N SER A 377 -18.16 18.48 -12.16
CA SER A 377 -17.27 17.45 -12.71
C SER A 377 -18.11 16.23 -12.99
N VAL A 378 -18.32 15.93 -14.27
CA VAL A 378 -19.23 14.86 -14.67
C VAL A 378 -18.45 13.57 -14.60
N GLY A 379 -19.02 12.59 -13.88
CA GLY A 379 -18.38 11.31 -13.59
C GLY A 379 -18.68 10.22 -14.60
N LEU A 380 -18.54 8.98 -14.16
CA LEU A 380 -18.68 7.80 -15.01
C LEU A 380 -19.96 7.02 -14.73
N GLU A 381 -20.83 7.56 -13.87
CA GLU A 381 -22.10 6.91 -13.57
C GLU A 381 -22.95 6.85 -14.82
N ASP A 382 -23.97 6.02 -14.77
CA ASP A 382 -24.96 5.91 -15.85
C ASP A 382 -25.61 7.30 -16.13
N ILE A 383 -25.66 7.70 -17.40
CA ILE A 383 -26.16 9.04 -17.75
C ILE A 383 -27.62 9.30 -17.32
N ASP A 384 -28.48 8.29 -17.42
CA ASP A 384 -29.89 8.44 -16.97
C ASP A 384 -30.04 8.72 -15.47
N ASP A 385 -29.18 8.11 -14.65
CA ASP A 385 -29.19 8.37 -13.22
C ASP A 385 -28.71 9.79 -12.97
N LEU A 386 -27.70 10.22 -13.71
CA LEU A 386 -27.18 11.57 -13.56
C LEU A 386 -28.16 12.63 -14.08
N LEU A 387 -28.82 12.35 -15.20
CA LEU A 387 -29.90 13.21 -15.70
C LEU A 387 -31.03 13.33 -14.69
N ALA A 388 -31.49 12.22 -14.13
CA ALA A 388 -32.53 12.25 -13.07
C ALA A 388 -32.16 13.09 -11.84
N ASP A 389 -30.90 12.97 -11.39
CA ASP A 389 -30.45 13.74 -10.24
C ASP A 389 -30.44 15.25 -10.52
N VAL A 390 -29.92 15.66 -11.67
CA VAL A 390 -29.86 17.07 -12.08
C VAL A 390 -31.28 17.62 -12.26
N GLN A 391 -32.13 16.84 -12.92
CA GLN A 391 -33.55 17.16 -13.11
C GLN A 391 -34.25 17.54 -11.81
N GLN A 392 -34.18 16.66 -10.82
CA GLN A 392 -34.86 16.89 -9.55
C GLN A 392 -34.22 18.03 -8.73
N ALA A 393 -32.91 18.26 -8.89
CA ALA A 393 -32.26 19.37 -8.20
C ALA A 393 -32.65 20.73 -8.83
N LEU A 394 -32.80 20.77 -10.16
CA LEU A 394 -33.35 21.97 -10.83
C LEU A 394 -34.76 22.32 -10.36
N LYS A 395 -35.62 21.30 -10.24
CA LYS A 395 -36.98 21.47 -9.72
C LYS A 395 -36.98 21.96 -8.27
N ALA A 396 -36.08 21.40 -7.45
CA ALA A 396 -35.93 21.84 -6.07
C ALA A 396 -35.35 23.24 -5.98
N SER A 397 -34.57 23.67 -6.98
CA SER A 397 -33.95 25.00 -6.96
C SER A 397 -34.88 26.18 -7.22
N ALA A 398 -35.99 25.95 -7.94
CA ALA A 398 -36.95 26.99 -8.34
C ALA A 398 -37.36 27.91 -7.17
N LEU B 7 0.65 12.64 32.63
CA LEU B 7 1.13 12.38 31.24
C LEU B 7 1.60 10.92 31.15
N PRO B 8 0.95 10.11 30.28
CA PRO B 8 1.49 8.79 29.98
C PRO B 8 2.93 8.85 29.45
N GLY B 9 3.66 7.75 29.56
CA GLY B 9 5.07 7.70 29.17
C GLY B 9 5.23 7.80 27.66
N PHE B 10 6.45 8.11 27.23
CA PHE B 10 6.78 8.27 25.81
C PHE B 10 6.29 7.11 24.92
N ALA B 11 6.57 5.88 25.34
CA ALA B 11 6.25 4.71 24.56
C ALA B 11 4.73 4.55 24.44
N THR B 12 4.05 4.83 25.52
CA THR B 12 2.58 4.78 25.52
C THR B 12 2.01 5.78 24.52
N ARG B 13 2.51 7.00 24.55
CA ARG B 13 2.04 8.04 23.64
C ARG B 13 2.37 7.78 22.16
N ALA B 14 3.58 7.26 21.90
CA ALA B 14 3.98 6.86 20.56
C ALA B 14 3.07 5.77 19.98
N ILE B 15 2.46 4.95 20.82
CA ILE B 15 1.52 3.92 20.38
C ILE B 15 0.05 4.35 20.32
N HIS B 16 -0.38 5.18 21.27
CA HIS B 16 -1.80 5.48 21.50
C HIS B 16 -2.26 6.92 21.29
N HIS B 17 -1.37 7.90 21.42
CA HIS B 17 -1.85 9.27 21.55
C HIS B 17 -2.73 9.70 20.35
N GLY B 18 -3.90 10.26 20.67
CA GLY B 18 -4.76 10.90 19.70
C GLY B 18 -5.72 9.95 19.02
N TYR B 19 -5.70 8.67 19.39
CA TYR B 19 -6.54 7.69 18.75
C TYR B 19 -7.28 6.83 19.76
N ASP B 20 -8.58 6.67 19.54
CA ASP B 20 -9.41 5.75 20.33
C ASP B 20 -10.11 4.85 19.32
N PRO B 21 -9.84 3.53 19.36
CA PRO B 21 -10.52 2.59 18.45
C PRO B 21 -12.06 2.70 18.41
N GLN B 22 -12.68 3.09 19.52
CA GLN B 22 -14.15 3.22 19.62
C GLN B 22 -14.77 4.25 18.66
N ASP B 23 -14.01 5.25 18.24
CA ASP B 23 -14.48 6.25 17.27
C ASP B 23 -14.33 5.78 15.81
N HIS B 24 -13.80 4.58 15.55
CA HIS B 24 -13.63 4.09 14.17
C HIS B 24 -13.97 2.61 14.10
N GLY B 25 -15.16 2.32 14.60
CA GLY B 25 -15.74 0.99 14.53
C GLY B 25 -15.01 -0.08 15.31
N GLY B 26 -14.25 0.30 16.33
CA GLY B 26 -13.42 -0.63 17.05
C GLY B 26 -12.07 -0.96 16.41
N ALA B 27 -11.73 -0.38 15.27
CA ALA B 27 -10.49 -0.72 14.58
C ALA B 27 -9.25 -0.44 15.43
N LEU B 28 -8.46 -1.48 15.71
CA LEU B 28 -7.28 -1.30 16.57
C LEU B 28 -6.23 -0.41 15.88
N VAL B 29 -5.99 -0.65 14.60
CA VAL B 29 -5.17 0.23 13.79
C VAL B 29 -6.10 1.22 13.10
N PRO B 30 -5.78 2.52 13.13
CA PRO B 30 -6.60 3.52 12.44
C PRO B 30 -6.77 3.24 10.94
N PRO B 31 -8.01 3.30 10.42
CA PRO B 31 -8.25 3.19 8.97
C PRO B 31 -7.44 4.24 8.21
N VAL B 32 -6.95 3.86 7.04
CA VAL B 32 -6.14 4.77 6.22
C VAL B 32 -7.06 5.56 5.28
N TYR B 33 -7.02 6.89 5.42
CA TYR B 33 -7.85 7.78 4.60
C TYR B 33 -7.13 8.12 3.30
N GLN B 34 -7.07 7.15 2.39
CA GLN B 34 -6.39 7.30 1.12
C GLN B 34 -7.42 7.91 0.15
N THR B 35 -7.63 9.21 0.31
CA THR B 35 -8.65 9.95 -0.44
C THR B 35 -8.13 11.35 -0.63
N ALA B 36 -8.28 11.90 -1.82
CA ALA B 36 -7.88 13.28 -2.11
C ALA B 36 -8.92 14.29 -1.59
N THR B 37 -10.22 13.97 -1.72
CA THR B 37 -11.28 14.91 -1.34
C THR B 37 -12.34 14.34 -0.38
N PHE B 38 -13.04 15.27 0.26
CA PHE B 38 -14.10 15.01 1.23
C PHE B 38 -15.34 15.80 0.81
N THR B 39 -16.52 15.22 1.02
CA THR B 39 -17.79 15.79 0.61
C THR B 39 -18.47 16.50 1.76
N PHE B 40 -19.48 17.31 1.43
CA PHE B 40 -20.19 18.15 2.42
C PHE B 40 -21.69 17.82 2.45
N PRO B 41 -22.31 17.78 3.64
CA PRO B 41 -23.77 17.58 3.69
C PRO B 41 -24.58 18.77 3.07
N THR B 42 -24.00 19.97 3.11
CA THR B 42 -24.58 21.19 2.51
C THR B 42 -23.45 22.11 1.99
N VAL B 43 -23.77 23.01 1.07
CA VAL B 43 -22.76 23.93 0.54
C VAL B 43 -22.34 25.00 1.56
N GLU B 44 -23.22 25.33 2.50
CA GLU B 44 -22.88 26.27 3.59
C GLU B 44 -21.93 25.63 4.61
N TYR B 45 -22.13 24.34 4.90
CA TYR B 45 -21.14 23.53 5.65
C TYR B 45 -19.76 23.62 4.95
N GLY B 46 -19.75 23.37 3.63
CA GLY B 46 -18.53 23.50 2.83
C GLY B 46 -17.89 24.86 2.91
N ALA B 47 -18.67 25.90 2.63
CA ALA B 47 -18.16 27.30 2.69
C ALA B 47 -17.58 27.62 4.09
N ALA B 48 -18.29 27.20 5.13
CA ALA B 48 -17.85 27.36 6.50
C ALA B 48 -16.48 26.70 6.75
N CYS B 49 -16.29 25.48 6.22
CA CYS B 49 -14.98 24.81 6.29
C CYS B 49 -13.89 25.67 5.64
N PHE B 50 -14.13 26.14 4.42
CA PHE B 50 -13.16 26.97 3.71
C PHE B 50 -12.86 28.32 4.40
N ALA B 51 -13.81 28.83 5.17
CA ALA B 51 -13.63 30.07 5.95
C ALA B 51 -13.01 29.84 7.35
N GLY B 52 -12.65 28.60 7.69
CA GLY B 52 -12.12 28.25 9.02
C GLY B 52 -13.13 28.10 10.15
N GLU B 53 -14.39 28.45 9.91
CA GLU B 53 -15.40 28.60 10.99
C GLU B 53 -16.05 27.26 11.42
N GLN B 54 -15.80 26.18 10.68
CA GLN B 54 -16.33 24.85 10.96
C GLN B 54 -15.16 23.86 10.97
N ALA B 55 -15.19 22.94 11.94
CA ALA B 55 -14.28 21.82 12.01
C ALA B 55 -14.69 20.77 10.98
N GLY B 56 -13.73 20.30 10.20
CA GLY B 56 -13.98 19.28 9.19
C GLY B 56 -12.88 19.19 8.16
N HIS B 57 -13.12 18.35 7.17
CA HIS B 57 -12.18 18.11 6.09
C HIS B 57 -12.76 18.45 4.75
N PHE B 58 -11.90 18.93 3.85
CA PHE B 58 -12.27 19.19 2.46
C PHE B 58 -11.31 18.68 1.39
N TYR B 59 -10.00 18.74 1.64
CA TYR B 59 -9.02 18.43 0.60
C TYR B 59 -7.67 18.10 1.22
N SER B 60 -7.13 16.95 0.86
CA SER B 60 -6.00 16.35 1.59
C SER B 60 -4.69 17.14 1.56
N ARG B 61 -4.47 17.94 0.50
CA ARG B 61 -3.30 18.84 0.46
C ARG B 61 -3.29 19.80 1.66
N ILE B 62 -4.49 20.21 2.10
CA ILE B 62 -4.63 21.12 3.24
C ILE B 62 -4.58 20.34 4.55
N SER B 63 -5.37 19.28 4.62
CA SER B 63 -5.50 18.47 5.85
C SER B 63 -6.22 17.14 5.58
N ASN B 64 -5.80 16.07 6.25
CA ASN B 64 -6.34 14.70 6.03
C ASN B 64 -6.30 13.96 7.40
N PRO B 65 -7.35 13.22 7.77
CA PRO B 65 -7.41 12.59 9.10
C PRO B 65 -6.26 11.62 9.49
N THR B 66 -5.77 10.82 8.56
CA THR B 66 -4.56 10.02 8.80
C THR B 66 -3.37 10.93 9.09
N LEU B 67 -3.18 11.95 8.27
CA LEU B 67 -2.11 12.91 8.49
C LEU B 67 -2.28 13.64 9.81
N ASN B 68 -3.52 13.99 10.15
CA ASN B 68 -3.75 14.69 11.40
C ASN B 68 -3.42 13.86 12.65
N LEU B 69 -3.69 12.56 12.62
CA LEU B 69 -3.31 11.70 13.75
C LEU B 69 -1.77 11.64 13.88
N LEU B 70 -1.07 11.41 12.77
CA LEU B 70 0.40 11.51 12.73
C LEU B 70 0.88 12.82 13.36
N GLU B 71 0.27 13.92 12.94
CA GLU B 71 0.68 15.26 13.34
C GLU B 71 0.48 15.45 14.84
N ALA B 72 -0.65 14.97 15.35
CA ALA B 72 -0.97 15.13 16.76
C ALA B 72 -0.04 14.27 17.62
N ARG B 73 0.26 13.08 17.11
CA ARG B 73 1.13 12.16 17.82
C ARG B 73 2.55 12.74 17.87
N MET B 74 3.04 13.27 16.75
CA MET B 74 4.39 13.88 16.72
C MET B 74 4.47 15.13 17.61
N ALA B 75 3.40 15.92 17.62
CA ALA B 75 3.33 17.11 18.50
C ALA B 75 3.43 16.71 19.97
N SER B 76 2.66 15.71 20.38
CA SER B 76 2.80 15.11 21.71
C SER B 76 4.21 14.61 22.04
N LEU B 77 4.85 13.89 21.12
CA LEU B 77 6.20 13.39 21.39
C LEU B 77 7.22 14.52 21.57
N GLU B 78 7.11 15.59 20.78
CA GLU B 78 8.01 16.74 20.94
C GLU B 78 7.54 17.69 22.05
N GLY B 79 6.35 17.48 22.58
CA GLY B 79 5.77 18.36 23.61
C GLY B 79 5.25 19.68 23.07
N GLY B 80 4.98 19.75 21.77
CA GLY B 80 4.49 20.97 21.14
C GLY B 80 2.98 20.89 20.98
N GLU B 81 2.40 22.00 20.54
CA GLU B 81 0.96 22.16 20.45
C GLU B 81 0.35 21.57 19.16
N ALA B 82 1.05 21.74 18.03
CA ALA B 82 0.52 21.35 16.72
C ALA B 82 1.61 20.75 15.86
N GLY B 83 1.20 19.86 14.97
CA GLY B 83 2.12 19.23 14.00
C GLY B 83 1.66 19.38 12.57
N LEU B 84 2.59 19.24 11.64
CA LEU B 84 2.30 19.21 10.21
C LEU B 84 3.16 18.15 9.54
N ALA B 85 2.54 17.38 8.66
CA ALA B 85 3.20 16.30 7.93
C ALA B 85 3.37 16.72 6.47
N LEU B 86 4.57 16.48 5.92
CA LEU B 86 4.93 16.87 4.57
C LEU B 86 5.65 15.73 3.87
N ALA B 87 5.82 15.88 2.56
CA ALA B 87 6.33 14.83 1.66
C ALA B 87 7.81 14.48 1.84
N SER B 88 8.57 15.35 2.51
CA SER B 88 9.98 15.14 2.77
C SER B 88 10.47 16.10 3.83
N GLY B 89 11.66 15.82 4.35
CA GLY B 89 12.33 16.75 5.28
C GLY B 89 12.55 18.12 4.63
N MET B 90 12.90 18.10 3.34
CA MET B 90 13.08 19.34 2.59
C MET B 90 11.76 20.06 2.41
N GLY B 91 10.69 19.29 2.20
CA GLY B 91 9.35 19.84 2.30
C GLY B 91 9.05 20.56 3.59
N ALA B 92 9.46 19.99 4.72
CA ALA B 92 9.25 20.63 6.02
C ALA B 92 10.04 21.93 6.16
N ILE B 93 11.30 21.90 5.75
CA ILE B 93 12.20 23.04 5.87
C ILE B 93 11.81 24.20 4.93
N THR B 94 11.55 23.88 3.66
CA THR B 94 11.14 24.91 2.70
C THR B 94 9.80 25.51 3.00
N SER B 95 8.82 24.66 3.32
CA SER B 95 7.50 25.16 3.65
C SER B 95 7.60 26.13 4.84
N THR B 96 8.45 25.79 5.82
CA THR B 96 8.62 26.59 7.03
C THR B 96 9.23 27.96 6.69
N LEU B 97 10.36 27.94 5.99
CA LEU B 97 11.13 29.14 5.74
C LEU B 97 10.52 30.09 4.71
N TRP B 98 9.92 29.52 3.64
CA TRP B 98 9.13 30.33 2.70
C TRP B 98 7.98 31.05 3.40
N THR B 99 7.41 30.46 4.43
CA THR B 99 6.31 31.17 5.10
C THR B 99 6.83 32.19 6.10
N LEU B 100 7.97 31.95 6.74
CA LEU B 100 8.42 32.86 7.80
C LEU B 100 9.24 34.03 7.30
N LEU B 101 9.79 33.95 6.09
CA LEU B 101 10.76 34.95 5.61
C LEU B 101 10.29 35.70 4.38
N ARG B 102 10.79 36.93 4.23
CA ARG B 102 10.50 37.79 3.08
C ARG B 102 11.75 38.64 2.74
N PRO B 103 11.78 39.26 1.55
CA PRO B 103 12.93 40.09 1.17
C PRO B 103 13.30 41.11 2.22
N GLY B 104 14.59 41.25 2.51
CA GLY B 104 15.04 42.12 3.60
C GLY B 104 15.19 41.48 4.96
N ASP B 105 14.51 40.35 5.21
CA ASP B 105 14.74 39.62 6.45
C ASP B 105 16.13 38.99 6.45
N GLU B 106 16.68 38.80 7.65
CA GLU B 106 17.95 38.10 7.85
C GLU B 106 17.65 36.77 8.53
N VAL B 107 18.36 35.74 8.11
CA VAL B 107 18.29 34.49 8.80
C VAL B 107 19.71 34.13 9.24
N LEU B 108 19.88 33.92 10.54
CA LEU B 108 21.14 33.43 11.09
C LEU B 108 21.18 31.88 11.07
N LEU B 109 22.27 31.33 10.53
CA LEU B 109 22.43 29.90 10.28
C LEU B 109 23.57 29.28 11.07
N GLY B 110 23.37 28.07 11.57
CA GLY B 110 24.47 27.27 12.11
C GLY B 110 25.59 27.18 11.07
N ASN B 111 26.83 27.03 11.51
CA ASN B 111 27.95 26.94 10.57
C ASN B 111 27.89 25.77 9.59
N THR B 112 27.33 24.63 10.02
CA THR B 112 27.28 23.46 9.14
C THR B 112 25.85 22.94 9.04
N LEU B 113 25.41 22.74 7.80
CA LEU B 113 24.08 22.30 7.50
C LEU B 113 24.13 21.17 6.46
N TYR B 114 23.12 20.31 6.53
CA TYR B 114 22.80 19.34 5.49
C TYR B 114 22.83 20.00 4.11
N GLY B 115 23.43 19.28 3.15
CA GLY B 115 23.66 19.81 1.79
C GLY B 115 22.51 20.47 1.07
N CYS B 116 21.33 19.83 1.00
CA CYS B 116 20.22 20.49 0.31
C CYS B 116 19.67 21.67 1.11
N THR B 117 19.79 21.64 2.42
CA THR B 117 19.39 22.81 3.24
C THR B 117 20.28 24.01 2.87
N PHE B 118 21.60 23.78 2.84
CA PHE B 118 22.58 24.79 2.39
C PHE B 118 22.24 25.32 1.00
N ALA B 119 21.99 24.41 0.04
CA ALA B 119 21.63 24.82 -1.32
C ALA B 119 20.32 25.61 -1.38
N PHE B 120 19.32 25.13 -0.65
CA PHE B 120 18.06 25.87 -0.56
C PHE B 120 18.32 27.31 -0.08
N LEU B 121 19.08 27.44 0.99
CA LEU B 121 19.34 28.74 1.55
C LEU B 121 20.16 29.63 0.62
N HIS B 122 21.30 29.17 0.13
CA HIS B 122 22.16 30.01 -0.72
C HIS B 122 21.72 30.14 -2.18
N HIS B 123 21.18 29.10 -2.80
CA HIS B 123 20.77 29.15 -4.22
C HIS B 123 19.26 29.22 -4.44
N GLY B 124 18.46 29.13 -3.39
CA GLY B 124 17.01 29.24 -3.48
C GLY B 124 16.56 30.54 -2.82
N ILE B 125 16.06 30.44 -1.61
CA ILE B 125 15.46 31.59 -0.92
C ILE B 125 16.42 32.79 -0.77
N GLY B 126 17.72 32.53 -0.63
CA GLY B 126 18.76 33.58 -0.63
C GLY B 126 18.96 34.37 -1.93
N GLU B 127 18.49 33.83 -3.06
CA GLU B 127 18.47 34.54 -4.34
C GLU B 127 17.15 35.29 -4.57
N PHE B 128 16.22 35.23 -3.61
CA PHE B 128 14.98 35.99 -3.63
C PHE B 128 14.99 37.12 -2.58
N GLY B 129 16.18 37.59 -2.22
CA GLY B 129 16.36 38.80 -1.39
C GLY B 129 16.41 38.57 0.10
N VAL B 130 16.47 37.32 0.52
CA VAL B 130 16.59 37.02 1.94
C VAL B 130 18.08 37.00 2.28
N LYS B 131 18.49 37.71 3.33
CA LYS B 131 19.91 37.73 3.72
C LYS B 131 20.27 36.58 4.66
N LEU B 132 21.45 36.00 4.47
CA LEU B 132 21.95 34.86 5.23
C LEU B 132 23.24 35.24 5.89
N ARG B 133 23.43 34.81 7.13
CA ARG B 133 24.74 34.84 7.77
C ARG B 133 24.92 33.58 8.61
N HIS B 134 26.12 33.02 8.54
CA HIS B 134 26.48 31.84 9.29
C HIS B 134 27.20 32.28 10.55
N VAL B 135 26.87 31.62 11.66
CA VAL B 135 27.49 31.87 12.96
C VAL B 135 27.73 30.54 13.65
N ASP B 136 28.75 30.51 14.51
CA ASP B 136 28.96 29.34 15.37
C ASP B 136 27.96 29.41 16.53
N MET B 137 26.90 28.58 16.45
CA MET B 137 25.82 28.57 17.46
C MET B 137 26.23 28.06 18.85
N ALA B 138 27.42 27.48 18.97
CA ALA B 138 28.00 27.12 20.28
C ALA B 138 28.69 28.32 20.96
N ASP B 139 28.97 29.37 20.19
CA ASP B 139 29.58 30.59 20.71
C ASP B 139 28.49 31.64 20.95
N LEU B 140 27.95 31.65 22.15
CA LEU B 140 26.80 32.52 22.49
C LEU B 140 27.13 34.01 22.35
N GLN B 141 28.37 34.40 22.64
CA GLN B 141 28.81 35.79 22.51
C GLN B 141 28.80 36.20 21.06
N ALA B 142 29.31 35.32 20.18
CA ALA B 142 29.31 35.60 18.73
C ALA B 142 27.88 35.66 18.13
N LEU B 143 26.98 34.80 18.61
CA LEU B 143 25.57 34.84 18.19
C LEU B 143 24.95 36.18 18.55
N GLU B 144 25.10 36.57 19.81
CA GLU B 144 24.64 37.88 20.33
C GLU B 144 25.19 39.00 19.47
N ALA B 145 26.50 38.98 19.24
CA ALA B 145 27.16 39.97 18.37
C ALA B 145 26.60 40.00 16.94
N ALA B 146 26.12 38.87 16.42
CA ALA B 146 25.55 38.86 15.07
C ALA B 146 24.06 39.25 15.00
N MET B 147 23.35 39.35 16.12
CA MET B 147 21.92 39.70 16.08
C MET B 147 21.76 41.12 15.57
N THR B 148 20.78 41.30 14.67
CA THR B 148 20.39 42.62 14.13
C THR B 148 18.86 42.74 14.29
N PRO B 149 18.28 43.94 14.02
CA PRO B 149 16.81 44.02 14.13
C PRO B 149 16.09 43.30 12.98
N ALA B 150 16.77 43.19 11.84
CA ALA B 150 16.30 42.43 10.68
C ALA B 150 16.42 40.88 10.84
N THR B 151 17.06 40.40 11.91
CA THR B 151 17.15 38.96 12.18
C THR B 151 15.78 38.38 12.52
N ARG B 152 15.14 37.72 11.55
CA ARG B 152 13.81 37.13 11.78
C ARG B 152 13.87 35.69 12.30
N VAL B 153 14.84 34.91 11.79
CA VAL B 153 14.94 33.48 12.07
C VAL B 153 16.39 33.06 12.39
N ILE B 154 16.53 32.20 13.41
CA ILE B 154 17.74 31.50 13.73
C ILE B 154 17.45 30.05 13.41
N TYR B 155 18.19 29.50 12.46
CA TYR B 155 17.98 28.13 12.01
C TYR B 155 19.25 27.32 12.21
N PHE B 156 19.16 26.18 12.90
CA PHE B 156 20.31 25.25 12.98
C PHE B 156 19.91 23.77 13.22
N GLU B 157 20.88 22.90 12.98
CA GLU B 157 20.77 21.48 13.35
C GLU B 157 21.64 21.28 14.56
N SER B 158 21.19 20.43 15.49
CA SER B 158 22.04 20.02 16.62
C SER B 158 21.71 18.58 17.02
N PRO B 159 22.67 17.63 16.96
CA PRO B 159 24.00 17.78 16.33
C PRO B 159 23.95 18.05 14.82
N ALA B 160 24.99 18.66 14.28
CA ALA B 160 25.01 19.07 12.87
C ALA B 160 25.50 17.97 11.89
N ASN B 161 24.78 17.86 10.76
CA ASN B 161 25.06 16.89 9.68
C ASN B 161 26.19 17.53 8.85
N PRO B 162 27.45 17.06 8.89
CA PRO B 162 27.86 15.71 9.32
C PRO B 162 28.88 15.61 10.46
N ASN B 163 29.39 16.72 10.98
CA ASN B 163 30.50 16.72 11.96
C ASN B 163 30.07 16.65 13.43
N MET B 164 28.76 16.58 13.71
CA MET B 164 28.20 16.45 15.07
C MET B 164 28.32 17.69 16.00
N HIS B 165 28.68 18.84 15.44
CA HIS B 165 28.78 20.08 16.22
C HIS B 165 27.40 20.42 16.83
N MET B 166 27.41 20.85 18.07
CA MET B 166 26.26 21.02 18.91
C MET B 166 26.04 22.50 19.11
N ALA B 167 24.80 22.90 19.35
CA ALA B 167 24.49 24.23 19.93
C ALA B 167 23.76 24.08 21.27
N ASP B 168 23.93 25.07 22.15
CA ASP B 168 23.19 25.16 23.41
C ASP B 168 21.83 25.82 23.10
N ILE B 169 20.82 25.00 22.84
CA ILE B 169 19.51 25.45 22.42
C ILE B 169 18.88 26.48 23.38
N ALA B 170 18.88 26.23 24.68
CA ALA B 170 18.31 27.17 25.67
C ALA B 170 19.03 28.52 25.68
N GLY B 171 20.34 28.47 25.44
CA GLY B 171 21.16 29.66 25.38
C GLY B 171 20.90 30.43 24.12
N VAL B 172 20.70 29.71 23.01
CA VAL B 172 20.28 30.36 21.77
C VAL B 172 18.89 30.97 21.94
N ALA B 173 17.96 30.23 22.56
CA ALA B 173 16.60 30.68 22.69
C ALA B 173 16.52 31.96 23.53
N LYS B 174 17.31 32.04 24.59
CA LYS B 174 17.46 33.26 25.40
C LYS B 174 17.80 34.50 24.56
N ILE B 175 18.79 34.37 23.68
CA ILE B 175 19.20 35.44 22.80
C ILE B 175 18.09 35.79 21.81
N ALA B 176 17.46 34.78 21.22
CA ALA B 176 16.29 35.02 20.39
C ALA B 176 15.15 35.76 21.12
N ARG B 177 14.83 35.35 22.34
CA ARG B 177 13.80 36.02 23.13
C ARG B 177 14.14 37.48 23.39
N LYS B 178 15.42 37.77 23.68
CA LYS B 178 15.86 39.14 23.92
C LYS B 178 15.66 40.03 22.71
N HIS B 179 16.02 39.54 21.54
CA HIS B 179 15.94 40.32 20.31
C HIS B 179 14.64 40.19 19.52
N GLY B 180 13.78 39.22 19.83
CA GLY B 180 12.57 38.95 19.05
C GLY B 180 12.75 38.14 17.77
N ALA B 181 13.56 37.09 17.80
CA ALA B 181 13.70 36.21 16.62
C ALA B 181 13.02 34.86 16.88
N THR B 182 12.71 34.17 15.79
CA THR B 182 12.11 32.84 15.83
C THR B 182 13.22 31.78 15.68
N VAL B 183 13.28 30.82 16.58
CA VAL B 183 14.29 29.74 16.55
C VAL B 183 13.66 28.49 15.90
N VAL B 184 14.31 27.99 14.85
CA VAL B 184 13.89 26.78 14.14
C VAL B 184 15.01 25.75 14.27
N VAL B 185 14.73 24.60 14.88
CA VAL B 185 15.73 23.56 15.10
C VAL B 185 15.41 22.29 14.29
N ASP B 186 16.40 21.81 13.53
CA ASP B 186 16.31 20.53 12.82
C ASP B 186 16.75 19.44 13.81
N ASN B 187 15.78 18.68 14.28
CA ASN B 187 15.96 17.65 15.26
C ASN B 187 16.03 16.21 14.67
N THR B 188 16.39 16.11 13.39
CA THR B 188 16.37 14.83 12.66
C THR B 188 17.17 13.74 13.39
N TYR B 189 18.43 14.05 13.69
CA TYR B 189 19.35 13.13 14.33
C TYR B 189 18.91 12.60 15.68
N CYS B 190 18.35 13.46 16.52
CA CYS B 190 18.01 13.00 17.87
C CYS B 190 16.67 12.29 17.95
N THR B 191 15.70 12.81 17.21
CA THR B 191 14.28 12.53 17.43
C THR B 191 13.82 13.10 18.75
N PRO B 192 12.49 13.21 18.94
CA PRO B 192 11.95 13.63 20.24
C PRO B 192 12.22 12.67 21.37
N TYR B 193 12.60 11.44 21.04
CA TYR B 193 12.99 10.50 22.07
C TYR B 193 14.27 10.91 22.80
N LEU B 194 15.22 11.52 22.12
CA LEU B 194 16.50 11.89 22.75
C LEU B 194 16.66 13.39 23.07
N GLN B 195 15.91 14.25 22.39
CA GLN B 195 16.05 15.71 22.51
C GLN B 195 14.77 16.39 22.09
N ARG B 196 14.35 17.39 22.87
CA ARG B 196 13.08 18.06 22.62
C ARG B 196 13.31 19.57 22.64
N PRO B 197 13.72 20.13 21.49
CA PRO B 197 14.12 21.53 21.46
C PRO B 197 13.02 22.51 21.82
N LEU B 198 11.74 22.12 21.66
CA LEU B 198 10.62 22.98 22.08
C LEU B 198 10.60 23.20 23.59
N GLU B 199 11.06 22.20 24.36
CA GLU B 199 11.11 22.29 25.82
C GLU B 199 12.34 23.07 26.30
N LEU B 200 13.18 23.52 25.37
CA LEU B 200 14.35 24.36 25.67
C LEU B 200 14.26 25.75 25.01
N GLY B 201 13.05 26.16 24.61
CA GLY B 201 12.80 27.51 24.10
C GLY B 201 12.73 27.69 22.60
N ALA B 202 12.99 26.65 21.80
CA ALA B 202 12.82 26.75 20.37
C ALA B 202 11.33 26.92 20.06
N ASP B 203 11.03 27.62 18.98
CA ASP B 203 9.67 27.86 18.52
C ASP B 203 9.16 26.76 17.56
N LEU B 204 10.04 26.25 16.71
CA LEU B 204 9.68 25.20 15.75
C LEU B 204 10.78 24.15 15.69
N VAL B 205 10.36 22.90 15.48
CA VAL B 205 11.28 21.79 15.19
C VAL B 205 10.85 21.20 13.84
N VAL B 206 11.83 20.83 13.01
CA VAL B 206 11.60 20.19 11.73
C VAL B 206 12.35 18.87 11.74
N HIS B 207 11.83 17.90 10.99
CA HIS B 207 12.45 16.58 10.86
C HIS B 207 12.40 16.10 9.43
N SER B 208 13.47 15.44 9.00
CA SER B 208 13.36 14.41 7.98
C SER B 208 12.87 13.14 8.67
N ALA B 209 11.57 12.92 8.62
CA ALA B 209 10.97 11.68 9.12
C ALA B 209 11.33 10.45 8.30
N THR B 210 11.88 10.69 7.12
CA THR B 210 12.55 9.67 6.32
C THR B 210 13.56 8.83 7.10
N LYS B 211 14.19 9.44 8.12
CA LYS B 211 15.27 8.78 8.85
C LYS B 211 14.75 7.96 10.07
N TYR B 212 15.16 8.27 11.30
CA TYR B 212 14.80 7.47 12.48
C TYR B 212 13.32 7.30 12.77
N LEU B 213 12.51 8.30 12.46
CA LEU B 213 11.09 8.20 12.83
C LEU B 213 10.43 7.08 12.03
N SER B 214 10.65 7.05 10.71
CA SER B 214 10.23 5.91 9.91
C SER B 214 10.94 4.64 10.39
N GLY B 215 12.26 4.75 10.43
CA GLY B 215 13.11 3.71 10.92
C GLY B 215 13.44 2.59 9.96
N HIS B 216 12.74 2.50 8.83
CA HIS B 216 12.83 1.32 7.95
C HIS B 216 13.13 1.59 6.49
N GLY B 217 13.44 2.83 6.15
CA GLY B 217 13.97 3.17 4.83
C GLY B 217 12.98 3.16 3.69
N ASP B 218 11.69 3.05 3.97
CA ASP B 218 10.71 2.82 2.92
C ASP B 218 9.84 4.01 2.56
N ILE B 219 9.91 5.13 3.28
CA ILE B 219 9.15 6.32 2.92
C ILE B 219 10.03 7.56 2.95
N THR B 220 9.57 8.61 2.26
CA THR B 220 10.14 9.95 2.40
C THR B 220 9.07 10.79 3.06
N ALA B 221 9.45 11.54 4.10
CA ALA B 221 8.47 12.33 4.88
C ALA B 221 9.17 13.39 5.69
N GLY B 222 8.42 14.42 6.01
CA GLY B 222 8.89 15.47 6.93
C GLY B 222 7.82 15.85 7.93
N ILE B 223 8.26 16.49 9.03
CA ILE B 223 7.39 16.86 10.11
C ILE B 223 7.82 18.26 10.58
N VAL B 224 6.84 19.11 10.87
CA VAL B 224 7.06 20.37 11.57
C VAL B 224 6.24 20.31 12.82
N VAL B 225 6.83 20.68 13.96
CA VAL B 225 6.06 20.81 15.21
C VAL B 225 6.37 22.20 15.82
N GLY B 226 5.34 22.83 16.39
CA GLY B 226 5.47 24.10 17.11
C GLY B 226 4.10 24.56 17.55
N SER B 227 3.94 25.87 17.72
CA SER B 227 2.66 26.44 18.16
C SER B 227 1.61 26.32 17.07
N GLN B 228 0.33 26.23 17.48
CA GLN B 228 -0.79 26.26 16.55
C GLN B 228 -0.69 27.42 15.59
N ALA B 229 -0.30 28.59 16.10
CA ALA B 229 -0.26 29.81 15.29
C ALA B 229 0.78 29.71 14.18
N LEU B 230 2.00 29.28 14.51
CA LEU B 230 3.02 29.11 13.49
C LEU B 230 2.69 27.95 12.53
N VAL B 231 2.21 26.84 13.07
CA VAL B 231 2.00 25.66 12.24
C VAL B 231 0.86 25.92 11.27
N ASP B 232 -0.22 26.56 11.73
CA ASP B 232 -1.32 26.97 10.85
C ASP B 232 -0.87 27.82 9.68
N ARG B 233 0.02 28.79 9.91
CA ARG B 233 0.57 29.57 8.82
C ARG B 233 1.39 28.70 7.85
N ILE B 234 2.22 27.82 8.38
CA ILE B 234 3.05 26.94 7.51
C ILE B 234 2.13 26.02 6.67
N ARG B 235 1.08 25.49 7.30
CA ARG B 235 0.11 24.68 6.59
C ARG B 235 -0.57 25.46 5.46
N LEU B 236 -1.13 26.62 5.79
CA LEU B 236 -2.02 27.38 4.89
C LEU B 236 -1.27 28.26 3.89
N GLN B 237 0.03 28.49 4.09
CA GLN B 237 0.83 29.29 3.15
C GLN B 237 1.95 28.47 2.54
N GLY B 238 2.91 28.04 3.35
CA GLY B 238 4.07 27.29 2.85
C GLY B 238 3.68 26.00 2.13
N LEU B 239 2.86 25.16 2.78
CA LEU B 239 2.48 23.88 2.18
C LEU B 239 1.43 24.07 1.07
N LYS B 240 0.34 24.76 1.42
CA LYS B 240 -0.81 24.93 0.52
C LYS B 240 -0.44 25.60 -0.80
N ASP B 241 0.37 26.67 -0.71
CA ASP B 241 0.63 27.56 -1.84
C ASP B 241 2.06 27.54 -2.37
N MET B 242 3.06 27.39 -1.51
CA MET B 242 4.45 27.57 -1.94
C MET B 242 5.27 26.31 -2.20
N THR B 243 4.86 25.15 -1.72
CA THR B 243 5.60 23.89 -2.00
C THR B 243 4.75 22.75 -2.54
N GLY B 244 3.49 22.64 -2.11
CA GLY B 244 2.68 21.48 -2.43
C GLY B 244 3.31 20.16 -2.00
N ALA B 245 4.15 20.19 -0.99
CA ALA B 245 4.83 18.99 -0.49
C ALA B 245 3.88 18.14 0.42
N VAL B 246 2.87 17.54 -0.21
CA VAL B 246 1.82 16.78 0.47
C VAL B 246 2.29 15.36 0.77
N LEU B 247 2.11 14.89 2.01
CA LEU B 247 2.43 13.50 2.37
C LEU B 247 1.27 12.57 2.02
N SER B 248 1.60 11.45 1.38
CA SER B 248 0.63 10.39 1.10
C SER B 248 0.09 9.80 2.42
N PRO B 249 -1.24 9.61 2.52
CA PRO B 249 -1.81 8.91 3.68
C PRO B 249 -1.20 7.52 3.88
N HIS B 250 -0.96 6.81 2.79
CA HIS B 250 -0.26 5.52 2.86
C HIS B 250 1.11 5.64 3.59
N ASP B 251 1.91 6.61 3.18
CA ASP B 251 3.21 6.83 3.80
C ASP B 251 3.08 7.33 5.25
N ALA B 252 2.08 8.15 5.51
CA ALA B 252 1.79 8.60 6.90
C ALA B 252 1.47 7.42 7.82
N ALA B 253 0.68 6.50 7.32
CA ALA B 253 0.38 5.27 8.05
C ALA B 253 1.63 4.45 8.33
N LEU B 254 2.51 4.30 7.34
CA LEU B 254 3.79 3.61 7.57
C LEU B 254 4.68 4.34 8.58
N LEU B 255 4.70 5.66 8.52
CA LEU B 255 5.47 6.45 9.47
C LEU B 255 4.97 6.23 10.91
N MET B 256 3.65 6.29 11.11
CA MET B 256 3.06 5.95 12.40
C MET B 256 3.40 4.52 12.84
N ARG B 257 3.43 3.57 11.92
CA ARG B 257 3.88 2.22 12.24
C ARG B 257 5.30 2.23 12.80
N GLY B 258 6.21 2.89 12.10
CA GLY B 258 7.60 3.08 12.58
C GLY B 258 7.73 3.77 13.93
N ILE B 259 6.93 4.82 14.14
CA ILE B 259 6.94 5.56 15.41
C ILE B 259 6.63 4.69 16.63
N LYS B 260 5.78 3.68 16.47
CA LYS B 260 5.47 2.75 17.55
C LYS B 260 6.64 1.99 18.16
N THR B 261 7.77 1.85 17.45
CA THR B 261 8.98 1.19 18.00
C THR B 261 10.15 2.17 18.14
N LEU B 262 9.87 3.47 18.04
CA LEU B 262 10.93 4.49 18.07
C LEU B 262 11.83 4.35 19.30
N ASN B 263 11.26 4.26 20.50
CA ASN B 263 12.07 4.11 21.73
C ASN B 263 13.01 2.87 21.72
N LEU B 264 12.47 1.74 21.27
CA LEU B 264 13.22 0.48 21.22
C LEU B 264 14.34 0.56 20.23
N ARG B 265 14.08 1.13 19.05
CA ARG B 265 15.05 1.21 17.99
C ARG B 265 16.14 2.16 18.39
N MET B 266 15.79 3.34 18.89
CA MET B 266 16.81 4.30 19.28
C MET B 266 17.71 3.79 20.41
N ASP B 267 17.12 3.07 21.36
CA ASP B 267 17.90 2.44 22.43
C ASP B 267 18.98 1.49 21.81
N ARG B 268 18.59 0.70 20.82
CA ARG B 268 19.56 -0.18 20.13
C ARG B 268 20.57 0.55 19.24
N HIS B 269 20.12 1.55 18.47
CA HIS B 269 21.00 2.38 17.64
C HIS B 269 22.09 2.97 18.52
N CYS B 270 21.67 3.54 19.65
CA CYS B 270 22.59 4.17 20.60
C CYS B 270 23.57 3.22 21.26
N ALA B 271 23.09 2.08 21.71
CA ALA B 271 23.93 1.10 22.37
C ALA B 271 24.94 0.52 21.38
N ASN B 272 24.52 0.27 20.14
CA ASN B 272 25.42 -0.19 19.10
C ASN B 272 26.46 0.88 18.78
N ALA B 273 26.02 2.12 18.62
CA ALA B 273 26.93 3.19 18.20
C ALA B 273 28.01 3.48 19.24
N GLN B 274 27.64 3.40 20.51
CA GLN B 274 28.56 3.58 21.62
C GLN B 274 29.67 2.54 21.57
N VAL B 275 29.30 1.27 21.38
CA VAL B 275 30.30 0.20 21.30
C VAL B 275 31.23 0.42 20.11
N LEU B 276 30.66 0.68 18.95
CA LEU B 276 31.41 0.99 17.73
C LEU B 276 32.35 2.21 17.85
N ALA B 277 31.86 3.27 18.46
CA ALA B 277 32.65 4.47 18.69
C ALA B 277 33.85 4.18 19.59
N GLU B 278 33.61 3.48 20.68
CA GLU B 278 34.70 3.11 21.58
C GLU B 278 35.73 2.22 20.86
N PHE B 279 35.26 1.30 20.02
CA PHE B 279 36.15 0.48 19.18
C PHE B 279 37.01 1.37 18.28
N LEU B 280 36.35 2.21 17.50
CA LEU B 280 37.03 3.07 16.55
C LEU B 280 38.07 3.96 17.20
N ALA B 281 37.77 4.45 18.39
CA ALA B 281 38.68 5.33 19.14
C ALA B 281 40.03 4.68 19.50
N ARG B 282 40.07 3.35 19.62
CA ARG B 282 41.27 2.57 19.92
C ARG B 282 42.01 2.04 18.69
N GLN B 283 41.54 2.32 17.48
CA GLN B 283 42.15 1.71 16.29
C GLN B 283 43.26 2.59 15.73
N PRO B 284 44.36 1.96 15.23
CA PRO B 284 45.51 2.72 14.72
C PRO B 284 45.27 3.45 13.43
N GLN B 285 44.27 3.05 12.65
CA GLN B 285 43.98 3.72 11.38
C GLN B 285 43.19 5.05 11.56
N VAL B 286 42.55 5.23 12.72
CA VAL B 286 41.67 6.38 12.96
C VAL B 286 42.43 7.60 13.51
N GLU B 287 42.28 8.72 12.82
CA GLU B 287 42.93 9.99 13.16
C GLU B 287 42.11 10.75 14.20
N LEU B 288 40.80 10.85 13.97
CA LEU B 288 39.87 11.60 14.81
C LEU B 288 38.52 10.92 14.73
N ILE B 289 37.75 11.02 15.80
CA ILE B 289 36.35 10.58 15.82
C ILE B 289 35.47 11.56 16.60
N HIS B 290 34.32 11.90 16.03
CA HIS B 290 33.27 12.68 16.65
C HIS B 290 32.08 11.75 16.97
N TYR B 291 31.94 11.40 18.22
CA TYR B 291 30.75 10.74 18.73
C TYR B 291 30.39 11.37 20.06
N PRO B 292 29.11 11.79 20.25
CA PRO B 292 28.82 12.52 21.49
C PRO B 292 28.97 11.74 22.78
N GLY B 293 28.85 10.42 22.73
CA GLY B 293 29.03 9.57 23.90
C GLY B 293 30.47 9.26 24.31
N LEU B 294 31.47 9.70 23.56
CA LEU B 294 32.88 9.58 23.96
C LEU B 294 33.24 10.79 24.87
N ALA B 295 33.86 10.52 26.02
CA ALA B 295 34.34 11.60 26.92
C ALA B 295 35.31 12.58 26.24
N SER B 296 35.98 12.14 25.18
CA SER B 296 36.82 13.02 24.36
C SER B 296 36.05 13.99 23.45
N PHE B 297 34.74 13.80 23.28
CA PHE B 297 33.92 14.68 22.43
C PHE B 297 34.05 16.13 22.96
N PRO B 298 34.34 17.11 22.09
CA PRO B 298 34.60 18.47 22.64
C PRO B 298 33.44 19.05 23.44
N GLN B 299 32.21 18.72 23.06
CA GLN B 299 31.04 19.25 23.77
C GLN B 299 30.30 18.23 24.59
N TYR B 300 31.08 17.37 25.26
CA TYR B 300 30.56 16.23 25.98
C TYR B 300 29.58 16.63 27.07
N THR B 301 29.92 17.66 27.86
CA THR B 301 29.04 18.12 28.92
C THR B 301 27.70 18.64 28.37
N LEU B 302 27.77 19.46 27.34
CA LEU B 302 26.56 19.92 26.66
C LEU B 302 25.72 18.75 26.06
N ALA B 303 26.38 17.79 25.42
CA ALA B 303 25.67 16.57 24.93
C ALA B 303 24.93 15.81 26.02
N ARG B 304 25.60 15.57 27.15
CA ARG B 304 24.98 14.90 28.30
C ARG B 304 23.81 15.67 28.93
N GLN B 305 23.83 16.99 28.76
CA GLN B 305 22.83 17.87 29.32
C GLN B 305 21.56 17.97 28.47
N GLN B 306 21.73 17.93 27.17
CA GLN B 306 20.70 18.25 26.22
C GLN B 306 20.12 17.02 25.48
N MET B 307 20.89 15.94 25.38
CA MET B 307 20.43 14.68 24.75
C MET B 307 20.41 13.59 25.80
N SER B 308 19.32 12.82 25.89
CA SER B 308 19.27 11.76 26.90
C SER B 308 20.17 10.54 26.52
N GLN B 309 20.50 10.37 25.24
CA GLN B 309 21.48 9.37 24.79
C GLN B 309 22.28 9.97 23.67
N PRO B 310 23.50 9.43 23.42
CA PRO B 310 24.37 10.06 22.46
C PRO B 310 24.08 9.81 20.96
N GLY B 311 23.06 9.03 20.60
CA GLY B 311 22.66 8.89 19.19
C GLY B 311 23.28 7.72 18.44
N GLY B 312 22.82 7.50 17.22
CA GLY B 312 23.27 6.42 16.35
C GLY B 312 24.28 6.77 15.29
N MET B 313 24.76 8.03 15.28
CA MET B 313 25.55 8.58 14.20
C MET B 313 26.99 8.78 14.66
N ILE B 314 27.94 8.36 13.84
CA ILE B 314 29.37 8.53 14.12
C ILE B 314 30.02 9.20 12.92
N ALA B 315 30.91 10.15 13.19
CA ALA B 315 31.76 10.70 12.16
C ALA B 315 33.22 10.50 12.58
N PHE B 316 34.06 10.09 11.64
CA PHE B 316 35.48 9.93 11.96
C PHE B 316 36.35 10.16 10.76
N GLU B 317 37.66 10.32 11.01
CA GLU B 317 38.64 10.49 9.92
C GLU B 317 39.71 9.43 10.04
N LEU B 318 40.11 8.88 8.91
CA LEU B 318 41.21 7.91 8.88
C LEU B 318 42.51 8.65 8.63
N LYS B 319 43.61 8.11 9.14
CA LYS B 319 44.94 8.71 8.97
C LYS B 319 45.34 8.97 7.53
N GLY B 320 45.04 8.04 6.63
CA GLY B 320 45.37 8.20 5.22
C GLY B 320 44.45 9.04 4.36
N GLY B 321 43.64 9.93 4.96
CA GLY B 321 42.85 10.89 4.20
C GLY B 321 41.79 10.24 3.29
N ILE B 322 41.53 10.89 2.16
CA ILE B 322 40.47 10.48 1.25
C ILE B 322 40.72 9.12 0.59
N GLY B 323 41.98 8.79 0.34
CA GLY B 323 42.38 7.50 -0.23
C GLY B 323 41.98 6.35 0.68
N ALA B 324 42.32 6.49 1.97
CA ALA B 324 41.97 5.49 2.98
C ALA B 324 40.46 5.41 3.24
N GLY B 325 39.81 6.58 3.31
CA GLY B 325 38.34 6.66 3.33
C GLY B 325 37.67 5.88 2.23
N ARG B 326 38.11 6.07 0.98
CA ARG B 326 37.55 5.32 -0.15
C ARG B 326 37.72 3.82 0.01
N ARG B 327 38.93 3.40 0.38
CA ARG B 327 39.24 1.98 0.51
C ARG B 327 38.45 1.34 1.66
N PHE B 328 38.33 2.04 2.80
CA PHE B 328 37.48 1.65 3.89
C PHE B 328 36.04 1.42 3.42
N MET B 329 35.45 2.43 2.80
CA MET B 329 34.05 2.35 2.40
C MET B 329 33.77 1.25 1.35
N ASN B 330 34.69 1.13 0.39
CA ASN B 330 34.63 0.04 -0.60
C ASN B 330 34.74 -1.35 -0.01
N ALA B 331 35.43 -1.50 1.12
CA ALA B 331 35.63 -2.81 1.73
C ALA B 331 34.45 -3.31 2.57
N LEU B 332 33.52 -2.43 2.96
CA LEU B 332 32.41 -2.79 3.83
C LEU B 332 31.51 -3.81 3.14
N GLN B 333 31.19 -4.88 3.85
CA GLN B 333 30.31 -5.95 3.35
C GLN B 333 28.94 -6.01 4.00
N LEU B 334 28.81 -5.53 5.24
CA LEU B 334 27.55 -5.59 5.97
C LEU B 334 26.93 -4.20 5.97
N PHE B 335 27.71 -3.18 6.32
CA PHE B 335 27.35 -1.79 6.02
C PHE B 335 27.17 -1.65 4.53
N SER B 336 26.19 -0.83 4.14
CA SER B 336 26.02 -0.46 2.75
C SER B 336 26.51 0.96 2.52
N ARG B 337 26.93 1.23 1.30
CA ARG B 337 27.37 2.56 0.89
C ARG B 337 26.17 3.28 0.38
N ALA B 338 25.72 4.25 1.15
CA ALA B 338 24.50 4.98 0.79
C ALA B 338 24.39 6.20 1.63
N VAL B 339 23.71 7.18 1.09
CA VAL B 339 23.27 8.29 1.89
C VAL B 339 22.03 7.80 2.61
N SER B 340 21.51 8.64 3.47
CA SER B 340 20.42 8.33 4.39
C SER B 340 21.02 7.80 5.69
N LEU B 341 20.12 7.66 6.65
CA LEU B 341 20.47 7.34 8.02
C LEU B 341 19.20 6.99 8.78
N GLY B 342 19.41 6.41 9.95
CA GLY B 342 18.34 6.01 10.80
C GLY B 342 17.52 4.85 10.34
N ASP B 343 18.11 3.98 9.51
CA ASP B 343 17.44 2.76 9.03
C ASP B 343 17.89 1.58 9.90
N ALA B 344 17.13 0.48 9.86
CA ALA B 344 17.55 -0.79 10.45
C ALA B 344 18.94 -1.23 9.95
N GLU B 345 19.21 -1.00 8.67
CA GLU B 345 20.47 -1.35 8.04
C GLU B 345 21.53 -0.31 8.31
N SER B 346 22.74 -0.76 8.60
CA SER B 346 23.87 0.15 8.88
C SER B 346 24.37 0.73 7.56
N LEU B 347 24.62 2.04 7.53
CA LEU B 347 25.02 2.76 6.33
C LEU B 347 26.29 3.58 6.52
N ALA B 348 27.05 3.76 5.46
CA ALA B 348 28.25 4.60 5.49
C ALA B 348 28.29 5.49 4.28
N GLN B 349 28.83 6.69 4.44
CA GLN B 349 29.02 7.59 3.29
C GLN B 349 30.17 8.60 3.46
N HIS B 350 30.49 9.27 2.33
CA HIS B 350 31.56 10.31 2.18
C HIS B 350 30.87 11.67 1.96
N PRO B 351 30.68 12.46 3.04
CA PRO B 351 29.86 13.68 2.88
C PRO B 351 30.33 14.63 1.77
N ALA B 352 31.65 14.81 1.64
CA ALA B 352 32.20 15.77 0.66
C ALA B 352 31.83 15.48 -0.79
N SER B 353 31.72 14.19 -1.17
CA SER B 353 31.29 13.81 -2.54
C SER B 353 29.80 13.46 -2.67
N MET B 354 29.02 13.51 -1.58
CA MET B 354 27.65 13.01 -1.64
C MET B 354 26.67 14.00 -1.02
N THR B 355 26.26 13.77 0.23
CA THR B 355 25.30 14.65 0.94
C THR B 355 25.67 16.14 0.97
N HIS B 356 26.97 16.45 0.92
CA HIS B 356 27.47 17.85 0.94
C HIS B 356 28.25 18.18 -0.33
N SER B 357 27.91 17.55 -1.46
CA SER B 357 28.56 17.82 -2.75
C SER B 357 28.01 19.11 -3.45
N SER B 358 26.88 19.63 -2.96
CA SER B 358 26.36 20.93 -3.41
C SER B 358 27.25 22.11 -2.93
N TYR B 359 27.96 21.92 -1.82
CA TYR B 359 28.99 22.88 -1.37
C TYR B 359 30.17 22.87 -2.35
N THR B 360 30.80 24.03 -2.55
CA THR B 360 32.10 24.08 -3.25
C THR B 360 33.22 23.59 -2.28
N PRO B 361 34.41 23.22 -2.80
CA PRO B 361 35.56 22.88 -1.93
C PRO B 361 35.91 23.93 -0.88
N GLU B 362 35.78 25.21 -1.24
CA GLU B 362 36.03 26.34 -0.32
C GLU B 362 35.00 26.39 0.80
N GLU B 363 33.73 26.25 0.42
CA GLU B 363 32.61 26.24 1.39
C GLU B 363 32.70 25.07 2.37
N ARG B 364 33.05 23.88 1.85
CA ARG B 364 33.27 22.72 2.72
C ARG B 364 34.38 22.96 3.76
N ALA B 365 35.52 23.50 3.31
CA ALA B 365 36.65 23.83 4.21
C ALA B 365 36.24 24.91 5.22
N HIS B 366 35.48 25.90 4.78
CA HIS B 366 34.97 26.99 5.65
C HIS B 366 33.94 26.49 6.68
N TYR B 367 33.02 25.62 6.26
CA TYR B 367 31.91 25.17 7.11
C TYR B 367 32.10 23.80 7.77
N GLY B 368 33.33 23.26 7.71
CA GLY B 368 33.73 22.10 8.48
C GLY B 368 33.39 20.72 7.92
N ILE B 369 33.42 20.56 6.60
CA ILE B 369 33.22 19.24 5.98
C ILE B 369 34.50 18.86 5.26
N SER B 370 35.37 18.12 5.94
CA SER B 370 36.65 17.79 5.35
C SER B 370 36.48 16.69 4.30
N GLU B 371 37.48 16.65 3.42
CA GLU B 371 37.81 15.43 2.67
C GLU B 371 38.41 14.56 3.80
N GLY B 372 38.40 13.25 3.68
CA GLY B 372 38.76 12.37 4.81
C GLY B 372 37.58 11.96 5.73
N LEU B 373 36.55 12.79 5.88
CA LEU B 373 35.48 12.49 6.84
C LEU B 373 34.61 11.33 6.34
N VAL B 374 34.44 10.32 7.19
CA VAL B 374 33.47 9.22 6.98
C VAL B 374 32.34 9.31 7.99
N ARG B 375 31.09 9.16 7.54
CA ARG B 375 29.91 9.16 8.41
C ARG B 375 29.26 7.77 8.40
N LEU B 376 29.02 7.24 9.60
CA LEU B 376 28.31 5.99 9.80
C LEU B 376 26.96 6.24 10.43
N SER B 377 25.92 5.61 9.88
CA SER B 377 24.65 5.47 10.56
C SER B 377 24.64 4.07 11.05
N VAL B 378 24.75 3.89 12.36
CA VAL B 378 24.85 2.58 12.98
C VAL B 378 23.42 2.02 13.10
N GLY B 379 23.20 0.86 12.45
CA GLY B 379 21.92 0.18 12.44
C GLY B 379 21.64 -0.73 13.61
N LEU B 380 20.69 -1.65 13.41
CA LEU B 380 20.16 -2.51 14.47
C LEU B 380 20.72 -3.94 14.37
N GLU B 381 21.70 -4.17 13.51
CA GLU B 381 22.33 -5.51 13.40
C GLU B 381 23.07 -5.87 14.68
N ASP B 382 23.36 -7.17 14.85
CA ASP B 382 24.11 -7.63 16.03
C ASP B 382 25.48 -6.92 15.98
N ILE B 383 25.85 -6.35 17.12
CA ILE B 383 27.07 -5.58 17.27
C ILE B 383 28.35 -6.38 16.90
N ASP B 384 28.41 -7.66 17.22
CA ASP B 384 29.61 -8.43 16.85
C ASP B 384 29.82 -8.50 15.33
N ASP B 385 28.72 -8.60 14.58
CA ASP B 385 28.76 -8.61 13.14
C ASP B 385 29.22 -7.24 12.60
N LEU B 386 28.72 -6.15 13.19
CA LEU B 386 29.09 -4.83 12.75
C LEU B 386 30.58 -4.56 13.02
N LEU B 387 31.07 -4.95 14.20
CA LEU B 387 32.49 -4.80 14.55
C LEU B 387 33.42 -5.58 13.61
N ALA B 388 33.06 -6.81 13.27
CA ALA B 388 33.91 -7.61 12.34
C ALA B 388 33.95 -6.95 10.97
N ASP B 389 32.83 -6.38 10.51
CA ASP B 389 32.81 -5.69 9.22
C ASP B 389 33.70 -4.45 9.28
N VAL B 390 33.54 -3.63 10.31
CA VAL B 390 34.41 -2.45 10.46
C VAL B 390 35.90 -2.81 10.60
N GLN B 391 36.19 -3.85 11.39
CA GLN B 391 37.56 -4.30 11.61
C GLN B 391 38.26 -4.64 10.29
N GLN B 392 37.62 -5.47 9.47
CA GLN B 392 38.26 -5.87 8.20
C GLN B 392 38.36 -4.68 7.22
N ALA B 393 37.37 -3.80 7.23
CA ALA B 393 37.42 -2.62 6.35
C ALA B 393 38.57 -1.67 6.75
N LEU B 394 38.85 -1.57 8.05
CA LEU B 394 39.99 -0.77 8.54
C LEU B 394 41.34 -1.39 8.06
N LYS B 395 41.47 -2.72 8.07
CA LYS B 395 42.65 -3.37 7.51
C LYS B 395 42.78 -3.05 6.05
N ALA B 396 41.65 -3.17 5.34
CA ALA B 396 41.61 -2.83 3.94
C ALA B 396 41.90 -1.36 3.64
N SER B 397 41.69 -0.45 4.59
CA SER B 397 41.85 0.97 4.32
C SER B 397 43.30 1.36 4.05
N ALA B 398 44.26 0.58 4.56
CA ALA B 398 45.69 0.93 4.39
C ALA B 398 46.12 0.84 2.94
N LEU C 7 -34.06 1.66 -9.63
CA LEU C 7 -32.78 0.91 -9.50
C LEU C 7 -31.70 1.57 -10.39
N PRO C 8 -30.62 2.11 -9.77
CA PRO C 8 -29.54 2.73 -10.56
C PRO C 8 -28.83 1.75 -11.51
N GLY C 9 -28.19 2.26 -12.56
CA GLY C 9 -27.60 1.40 -13.60
C GLY C 9 -26.34 0.72 -13.09
N PHE C 10 -25.83 -0.21 -13.87
CA PHE C 10 -24.68 -1.01 -13.52
C PHE C 10 -23.48 -0.15 -13.13
N ALA C 11 -23.15 0.82 -14.00
CA ALA C 11 -21.97 1.66 -13.79
C ALA C 11 -22.09 2.55 -12.53
N THR C 12 -23.30 3.03 -12.26
CA THR C 12 -23.61 3.75 -11.05
C THR C 12 -23.37 2.89 -9.78
N ARG C 13 -23.84 1.66 -9.82
CA ARG C 13 -23.70 0.76 -8.68
C ARG C 13 -22.26 0.29 -8.46
N ALA C 14 -21.54 0.04 -9.55
CA ALA C 14 -20.12 -0.32 -9.51
C ALA C 14 -19.25 0.79 -8.87
N ILE C 15 -19.73 2.03 -8.91
CA ILE C 15 -19.02 3.17 -8.31
C ILE C 15 -19.50 3.49 -6.89
N HIS C 16 -20.80 3.35 -6.64
CA HIS C 16 -21.43 3.88 -5.43
C HIS C 16 -22.03 2.88 -4.49
N HIS C 17 -22.39 1.68 -4.95
CA HIS C 17 -23.28 0.87 -4.15
C HIS C 17 -22.69 0.55 -2.75
N GLY C 18 -23.49 0.82 -1.71
CA GLY C 18 -23.17 0.48 -0.33
C GLY C 18 -22.32 1.48 0.44
N TYR C 19 -21.99 2.62 -0.15
CA TYR C 19 -21.10 3.57 0.47
C TYR C 19 -21.72 4.95 0.38
N ASP C 20 -21.77 5.65 1.49
CA ASP C 20 -22.14 7.07 1.50
C ASP C 20 -20.99 7.82 2.21
N PRO C 21 -20.30 8.74 1.51
CA PRO C 21 -19.16 9.47 2.10
C PRO C 21 -19.47 10.11 3.45
N GLN C 22 -20.71 10.60 3.60
CA GLN C 22 -21.17 11.24 4.81
C GLN C 22 -21.07 10.35 6.07
N ASP C 23 -21.08 9.03 5.90
CA ASP C 23 -20.86 8.11 7.03
C ASP C 23 -19.39 7.97 7.45
N HIS C 24 -18.44 8.54 6.70
CA HIS C 24 -17.01 8.40 7.04
C HIS C 24 -16.27 9.70 6.90
N GLY C 25 -16.76 10.70 7.63
CA GLY C 25 -16.17 12.04 7.68
C GLY C 25 -16.09 12.74 6.34
N GLY C 26 -16.97 12.37 5.42
CA GLY C 26 -16.98 12.90 4.07
C GLY C 26 -16.04 12.26 3.07
N ALA C 27 -15.25 11.25 3.48
CA ALA C 27 -14.25 10.66 2.56
C ALA C 27 -14.90 10.20 1.26
N LEU C 28 -14.45 10.77 0.15
CA LEU C 28 -15.03 10.37 -1.12
C LEU C 28 -14.69 8.91 -1.40
N VAL C 29 -13.42 8.54 -1.24
CA VAL C 29 -13.01 7.14 -1.34
C VAL C 29 -13.11 6.51 0.05
N PRO C 30 -13.65 5.29 0.16
CA PRO C 30 -13.74 4.69 1.49
C PRO C 30 -12.37 4.46 2.18
N PRO C 31 -12.21 4.85 3.45
CA PRO C 31 -11.00 4.55 4.20
C PRO C 31 -10.70 3.06 4.24
N VAL C 32 -9.41 2.72 4.15
CA VAL C 32 -9.00 1.31 4.11
C VAL C 32 -8.78 0.81 5.55
N TYR C 33 -9.54 -0.22 5.95
CA TYR C 33 -9.41 -0.84 7.27
C TYR C 33 -8.37 -1.96 7.28
N GLN C 34 -7.11 -1.53 7.21
CA GLN C 34 -5.95 -2.41 7.29
C GLN C 34 -5.67 -2.66 8.78
N THR C 35 -6.47 -3.52 9.37
CA THR C 35 -6.44 -3.85 10.80
C THR C 35 -6.83 -5.31 10.89
N ALA C 36 -6.14 -6.05 11.73
CA ALA C 36 -6.49 -7.46 11.97
C ALA C 36 -7.60 -7.61 13.02
N THR C 37 -7.60 -6.74 14.02
CA THR C 37 -8.53 -6.86 15.13
C THR C 37 -9.33 -5.59 15.40
N PHE C 38 -10.45 -5.80 16.10
CA PHE C 38 -11.39 -4.73 16.46
C PHE C 38 -11.71 -4.86 17.95
N THR C 39 -11.75 -3.74 18.63
CA THR C 39 -11.96 -3.70 20.08
C THR C 39 -13.45 -3.54 20.41
N PHE C 40 -13.78 -3.75 21.70
CA PHE C 40 -15.18 -3.71 22.21
C PHE C 40 -15.31 -2.65 23.30
N PRO C 41 -16.44 -1.92 23.34
CA PRO C 41 -16.63 -0.97 24.46
C PRO C 41 -16.91 -1.69 25.79
N THR C 42 -17.44 -2.93 25.73
CA THR C 42 -17.67 -3.81 26.89
C THR C 42 -17.48 -5.30 26.48
N VAL C 43 -17.29 -6.21 27.44
CA VAL C 43 -17.08 -7.63 27.10
C VAL C 43 -18.40 -8.33 26.82
N GLU C 44 -19.51 -7.73 27.26
CA GLU C 44 -20.86 -8.21 26.90
C GLU C 44 -21.06 -8.02 25.40
N TYR C 45 -20.85 -6.78 24.95
CA TYR C 45 -20.82 -6.42 23.53
C TYR C 45 -19.92 -7.38 22.73
N GLY C 46 -18.71 -7.63 23.23
CA GLY C 46 -17.79 -8.61 22.65
C GLY C 46 -18.32 -10.04 22.55
N ALA C 47 -18.84 -10.57 23.66
CA ALA C 47 -19.52 -11.90 23.66
C ALA C 47 -20.71 -11.98 22.69
N ALA C 48 -21.48 -10.90 22.59
CA ALA C 48 -22.58 -10.80 21.61
C ALA C 48 -22.11 -10.86 20.11
N CYS C 49 -20.97 -10.23 19.77
CA CYS C 49 -20.39 -10.34 18.42
C CYS C 49 -20.06 -11.76 18.02
N PHE C 50 -19.40 -12.49 18.90
CA PHE C 50 -19.11 -13.91 18.68
C PHE C 50 -20.38 -14.79 18.63
N ALA C 51 -21.42 -14.46 19.39
CA ALA C 51 -22.71 -15.18 19.30
C ALA C 51 -23.56 -14.82 18.07
N GLY C 52 -23.23 -13.73 17.38
CA GLY C 52 -24.04 -13.24 16.25
C GLY C 52 -25.26 -12.41 16.64
N GLU C 53 -25.34 -12.00 17.90
CA GLU C 53 -26.46 -11.21 18.44
C GLU C 53 -26.27 -9.70 18.25
N GLN C 54 -25.01 -9.26 18.23
CA GLN C 54 -24.60 -7.88 17.99
C GLN C 54 -24.00 -7.84 16.58
N ALA C 55 -24.16 -6.70 15.88
CA ALA C 55 -23.82 -6.59 14.43
C ALA C 55 -22.44 -5.95 14.11
N GLY C 56 -21.57 -5.79 15.12
CA GLY C 56 -20.28 -5.13 14.93
C GLY C 56 -19.20 -5.97 14.25
N HIS C 57 -17.95 -5.65 14.58
CA HIS C 57 -16.77 -6.36 14.06
C HIS C 57 -15.85 -6.83 15.15
N PHE C 58 -15.12 -7.92 14.87
CA PHE C 58 -14.14 -8.48 15.82
C PHE C 58 -12.79 -8.96 15.23
N TYR C 59 -12.80 -9.61 14.06
CA TYR C 59 -11.55 -10.17 13.52
C TYR C 59 -11.62 -10.31 12.00
N SER C 60 -10.66 -9.69 11.31
CA SER C 60 -10.70 -9.56 9.83
C SER C 60 -10.72 -10.86 9.01
N ARG C 61 -10.21 -11.97 9.57
CA ARG C 61 -10.42 -13.30 8.94
C ARG C 61 -11.92 -13.64 8.79
N ILE C 62 -12.73 -13.28 9.79
CA ILE C 62 -14.18 -13.53 9.74
C ILE C 62 -14.87 -12.48 8.82
N SER C 63 -14.61 -11.19 9.10
CA SER C 63 -15.27 -10.05 8.46
C SER C 63 -14.56 -8.71 8.77
N ASN C 64 -14.59 -7.76 7.83
CA ASN C 64 -13.83 -6.46 7.90
C ASN C 64 -14.62 -5.41 7.04
N PRO C 65 -14.74 -4.15 7.50
CA PRO C 65 -15.60 -3.19 6.75
C PRO C 65 -15.21 -2.90 5.29
N THR C 66 -13.92 -2.92 4.98
CA THR C 66 -13.48 -2.76 3.58
C THR C 66 -13.91 -3.96 2.75
N LEU C 67 -13.66 -5.16 3.28
CA LEU C 67 -14.12 -6.36 2.61
C LEU C 67 -15.64 -6.39 2.48
N ASN C 68 -16.36 -5.99 3.52
CA ASN C 68 -17.83 -6.01 3.44
C ASN C 68 -18.37 -5.09 2.37
N LEU C 69 -17.73 -3.93 2.17
CA LEU C 69 -18.16 -3.03 1.11
C LEU C 69 -17.99 -3.68 -0.24
N LEU C 70 -16.82 -4.27 -0.46
CA LEU C 70 -16.57 -5.00 -1.71
C LEU C 70 -17.59 -6.09 -1.94
N GLU C 71 -17.88 -6.83 -0.88
CA GLU C 71 -18.83 -7.94 -0.92
C GLU C 71 -20.23 -7.48 -1.27
N ALA C 72 -20.69 -6.40 -0.65
CA ALA C 72 -22.03 -5.87 -0.93
C ALA C 72 -22.12 -5.33 -2.35
N ARG C 73 -21.03 -4.71 -2.84
CA ARG C 73 -21.02 -4.19 -4.19
C ARG C 73 -21.04 -5.33 -5.20
N MET C 74 -20.22 -6.36 -5.01
CA MET C 74 -20.26 -7.49 -5.92
C MET C 74 -21.64 -8.20 -5.90
N ALA C 75 -22.24 -8.31 -4.72
CA ALA C 75 -23.58 -8.91 -4.60
C ALA C 75 -24.60 -8.12 -5.43
N SER C 76 -24.54 -6.79 -5.34
CA SER C 76 -25.38 -5.93 -6.15
C SER C 76 -25.12 -6.15 -7.64
N LEU C 77 -23.86 -6.16 -8.09
CA LEU C 77 -23.57 -6.38 -9.51
C LEU C 77 -24.05 -7.74 -10.06
N GLU C 78 -23.88 -8.82 -9.30
CA GLU C 78 -24.38 -10.15 -9.70
C GLU C 78 -25.91 -10.38 -9.43
N GLY C 79 -26.57 -9.47 -8.72
CA GLY C 79 -27.98 -9.64 -8.34
C GLY C 79 -28.21 -10.72 -7.28
N GLY C 80 -27.32 -10.79 -6.29
CA GLY C 80 -27.36 -11.85 -5.27
C GLY C 80 -27.57 -11.23 -3.93
N GLU C 81 -27.87 -12.03 -2.91
CA GLU C 81 -28.16 -11.51 -1.58
C GLU C 81 -26.91 -11.09 -0.83
N ALA C 82 -25.83 -11.84 -1.00
CA ALA C 82 -24.68 -11.69 -0.13
C ALA C 82 -23.41 -12.08 -0.87
N GLY C 83 -22.31 -11.42 -0.50
CA GLY C 83 -21.00 -11.71 -1.09
C GLY C 83 -19.96 -12.01 -0.01
N LEU C 84 -18.88 -12.63 -0.47
CA LEU C 84 -17.74 -12.99 0.34
C LEU C 84 -16.42 -12.82 -0.49
N ALA C 85 -15.45 -12.13 0.12
CA ALA C 85 -14.16 -11.83 -0.50
C ALA C 85 -13.08 -12.75 0.08
N LEU C 86 -12.26 -13.34 -0.79
CA LEU C 86 -11.22 -14.27 -0.41
C LEU C 86 -9.89 -13.97 -1.13
N ALA C 87 -8.83 -14.63 -0.66
CA ALA C 87 -7.45 -14.36 -1.08
C ALA C 87 -7.14 -14.69 -2.54
N SER C 88 -7.98 -15.54 -3.15
CA SER C 88 -7.83 -15.92 -4.53
C SER C 88 -9.08 -16.60 -5.06
N GLY C 89 -9.13 -16.77 -6.37
CA GLY C 89 -10.16 -17.59 -7.03
C GLY C 89 -10.22 -19.02 -6.51
N MET C 90 -9.05 -19.63 -6.34
CA MET C 90 -8.99 -20.94 -5.70
C MET C 90 -9.51 -20.90 -4.24
N GLY C 91 -9.23 -19.81 -3.53
CA GLY C 91 -9.80 -19.54 -2.24
C GLY C 91 -11.32 -19.62 -2.26
N ALA C 92 -11.93 -18.94 -3.21
CA ALA C 92 -13.36 -18.94 -3.36
C ALA C 92 -13.93 -20.35 -3.68
N ILE C 93 -13.26 -21.09 -4.57
CA ILE C 93 -13.75 -22.39 -5.06
C ILE C 93 -13.66 -23.41 -3.94
N THR C 94 -12.48 -23.46 -3.31
CA THR C 94 -12.23 -24.41 -2.24
C THR C 94 -13.06 -24.13 -0.97
N SER C 95 -13.16 -22.86 -0.56
CA SER C 95 -14.00 -22.54 0.57
C SER C 95 -15.48 -22.94 0.33
N THR C 96 -15.98 -22.69 -0.86
CA THR C 96 -17.31 -23.13 -1.29
C THR C 96 -17.49 -24.65 -1.24
N LEU C 97 -16.64 -25.39 -1.93
CA LEU C 97 -16.81 -26.83 -2.03
C LEU C 97 -16.57 -27.59 -0.74
N TRP C 98 -15.62 -27.14 0.08
CA TRP C 98 -15.38 -27.75 1.38
C TRP C 98 -16.57 -27.58 2.32
N THR C 99 -17.29 -26.48 2.17
CA THR C 99 -18.45 -26.22 3.00
C THR C 99 -19.62 -27.12 2.60
N LEU C 100 -19.82 -27.28 1.29
CA LEU C 100 -20.98 -27.94 0.76
C LEU C 100 -20.87 -29.45 0.61
N LEU C 101 -19.67 -30.00 0.53
CA LEU C 101 -19.52 -31.42 0.27
C LEU C 101 -18.97 -32.20 1.48
N ARG C 102 -19.41 -33.47 1.58
CA ARG C 102 -18.90 -34.42 2.55
C ARG C 102 -18.72 -35.80 1.92
N PRO C 103 -17.96 -36.70 2.56
CA PRO C 103 -17.73 -38.01 1.89
C PRO C 103 -19.04 -38.72 1.54
N GLY C 104 -19.07 -39.35 0.37
CA GLY C 104 -20.29 -39.96 -0.16
C GLY C 104 -21.15 -39.02 -1.00
N ASP C 105 -21.02 -37.70 -0.83
CA ASP C 105 -21.62 -36.77 -1.78
C ASP C 105 -20.99 -36.88 -3.17
N GLU C 106 -21.77 -36.52 -4.19
CA GLU C 106 -21.29 -36.49 -5.56
C GLU C 106 -21.32 -35.05 -6.03
N VAL C 107 -20.31 -34.65 -6.79
CA VAL C 107 -20.32 -33.35 -7.49
C VAL C 107 -20.31 -33.65 -8.98
N LEU C 108 -21.28 -33.08 -9.68
CA LEU C 108 -21.37 -33.16 -11.14
C LEU C 108 -20.65 -31.96 -11.75
N LEU C 109 -19.71 -32.25 -12.65
CA LEU C 109 -18.75 -31.25 -13.15
C LEU C 109 -18.89 -31.02 -14.65
N GLY C 110 -18.72 -29.77 -15.08
CA GLY C 110 -18.50 -29.50 -16.49
C GLY C 110 -17.31 -30.28 -17.02
N ASN C 111 -17.37 -30.61 -18.31
CA ASN C 111 -16.32 -31.45 -18.93
C ASN C 111 -14.93 -30.84 -18.97
N THR C 112 -14.84 -29.52 -18.95
CA THR C 112 -13.55 -28.85 -19.00
C THR C 112 -13.49 -27.80 -17.89
N LEU C 113 -12.42 -27.84 -17.12
CA LEU C 113 -12.21 -26.95 -15.99
C LEU C 113 -10.78 -26.40 -16.00
N TYR C 114 -10.64 -25.19 -15.45
CA TYR C 114 -9.33 -24.63 -15.12
C TYR C 114 -8.51 -25.67 -14.37
N GLY C 115 -7.22 -25.76 -14.72
CA GLY C 115 -6.32 -26.78 -14.19
C GLY C 115 -6.29 -26.95 -12.69
N CYS C 116 -6.12 -25.87 -11.92
CA CYS C 116 -6.09 -26.04 -10.48
C CYS C 116 -7.46 -26.48 -9.92
N THR C 117 -8.56 -26.09 -10.56
CA THR C 117 -9.88 -26.57 -10.11
C THR C 117 -9.97 -28.10 -10.29
N PHE C 118 -9.52 -28.55 -11.46
CA PHE C 118 -9.48 -29.99 -11.77
C PHE C 118 -8.61 -30.73 -10.77
N ALA C 119 -7.43 -30.19 -10.48
CA ALA C 119 -6.55 -30.79 -9.52
C ALA C 119 -7.16 -30.83 -8.11
N PHE C 120 -7.75 -29.72 -7.68
CA PHE C 120 -8.47 -29.70 -6.42
C PHE C 120 -9.49 -30.83 -6.35
N LEU C 121 -10.31 -30.90 -7.39
CA LEU C 121 -11.34 -31.92 -7.44
C LEU C 121 -10.78 -33.35 -7.48
N HIS C 122 -9.89 -33.65 -8.40
CA HIS C 122 -9.44 -35.05 -8.52
C HIS C 122 -8.44 -35.48 -7.45
N HIS C 123 -7.55 -34.57 -7.10
CA HIS C 123 -6.43 -34.88 -6.25
C HIS C 123 -6.57 -34.34 -4.84
N GLY C 124 -7.55 -33.48 -4.60
CA GLY C 124 -7.82 -32.92 -3.27
C GLY C 124 -9.08 -33.54 -2.68
N ILE C 125 -10.20 -32.79 -2.77
CA ILE C 125 -11.47 -33.19 -2.16
C ILE C 125 -11.94 -34.57 -2.63
N GLY C 126 -11.66 -34.92 -3.89
CA GLY C 126 -11.93 -36.25 -4.43
C GLY C 126 -11.23 -37.40 -3.74
N GLU C 127 -10.05 -37.16 -3.16
CA GLU C 127 -9.34 -38.15 -2.32
C GLU C 127 -9.79 -38.18 -0.86
N PHE C 128 -10.72 -37.32 -0.48
CA PHE C 128 -11.35 -37.39 0.82
C PHE C 128 -12.79 -37.99 0.77
N GLY C 129 -13.08 -38.82 -0.23
CA GLY C 129 -14.34 -39.59 -0.32
C GLY C 129 -15.50 -38.91 -1.04
N VAL C 130 -15.25 -37.77 -1.67
CA VAL C 130 -16.25 -37.12 -2.48
C VAL C 130 -16.19 -37.68 -3.90
N LYS C 131 -17.34 -38.01 -4.47
CA LYS C 131 -17.42 -38.61 -5.81
C LYS C 131 -17.55 -37.53 -6.88
N LEU C 132 -16.88 -37.73 -7.99
CA LEU C 132 -16.78 -36.76 -9.09
C LEU C 132 -17.37 -37.40 -10.32
N ARG C 133 -18.18 -36.66 -11.05
CA ARG C 133 -18.53 -37.09 -12.38
C ARG C 133 -18.54 -35.91 -13.33
N HIS C 134 -17.87 -36.06 -14.48
CA HIS C 134 -17.89 -35.04 -15.54
C HIS C 134 -19.04 -35.27 -16.50
N VAL C 135 -19.77 -34.22 -16.88
CA VAL C 135 -20.90 -34.32 -17.81
C VAL C 135 -20.92 -33.09 -18.70
N ASP C 136 -21.41 -33.25 -19.92
CA ASP C 136 -21.58 -32.12 -20.85
C ASP C 136 -22.78 -31.29 -20.40
N MET C 137 -22.54 -30.08 -19.89
CA MET C 137 -23.58 -29.24 -19.30
C MET C 137 -24.42 -28.43 -20.30
N ALA C 138 -24.20 -28.60 -21.60
CA ALA C 138 -25.14 -28.11 -22.61
C ALA C 138 -26.16 -29.22 -22.96
N ASP C 139 -25.78 -30.49 -22.71
CA ASP C 139 -26.63 -31.64 -22.98
C ASP C 139 -27.56 -31.96 -21.79
N LEU C 140 -28.75 -31.39 -21.82
CA LEU C 140 -29.73 -31.51 -20.72
C LEU C 140 -30.23 -32.94 -20.44
N GLN C 141 -30.26 -33.80 -21.44
CA GLN C 141 -30.74 -35.20 -21.24
C GLN C 141 -29.63 -36.04 -20.61
N ALA C 142 -28.38 -35.77 -20.98
CA ALA C 142 -27.24 -36.42 -20.33
C ALA C 142 -27.12 -35.97 -18.86
N LEU C 143 -27.33 -34.68 -18.61
CA LEU C 143 -27.26 -34.14 -17.23
C LEU C 143 -28.35 -34.75 -16.36
N GLU C 144 -29.59 -34.73 -16.86
CA GLU C 144 -30.72 -35.40 -16.21
C GLU C 144 -30.37 -36.85 -15.85
N ALA C 145 -29.92 -37.61 -16.84
CA ALA C 145 -29.50 -39.01 -16.65
C ALA C 145 -28.37 -39.19 -15.64
N ALA C 146 -27.45 -38.24 -15.57
CA ALA C 146 -26.31 -38.33 -14.62
C ALA C 146 -26.66 -38.03 -13.14
N MET C 147 -27.78 -37.37 -12.87
CA MET C 147 -28.18 -37.08 -11.49
C MET C 147 -28.41 -38.38 -10.72
N THR C 148 -27.98 -38.38 -9.47
CA THR C 148 -28.17 -39.49 -8.57
C THR C 148 -28.61 -38.89 -7.24
N PRO C 149 -29.08 -39.72 -6.31
CA PRO C 149 -29.35 -39.22 -4.94
C PRO C 149 -28.16 -38.61 -4.23
N ALA C 150 -26.94 -39.07 -4.54
CA ALA C 150 -25.75 -38.47 -3.98
C ALA C 150 -25.42 -37.07 -4.56
N THR C 151 -26.05 -36.65 -5.67
CA THR C 151 -25.66 -35.41 -6.33
C THR C 151 -26.03 -34.25 -5.42
N ARG C 152 -25.04 -33.53 -4.91
CA ARG C 152 -25.31 -32.38 -4.05
C ARG C 152 -24.88 -31.04 -4.64
N VAL C 153 -23.92 -31.04 -5.56
CA VAL C 153 -23.44 -29.80 -6.18
C VAL C 153 -23.29 -30.05 -7.66
N ILE C 154 -23.69 -29.08 -8.47
CA ILE C 154 -23.36 -29.06 -9.88
C ILE C 154 -22.45 -27.85 -10.05
N TYR C 155 -21.24 -28.08 -10.55
CA TYR C 155 -20.22 -27.03 -10.69
C TYR C 155 -19.69 -26.97 -12.13
N PHE C 156 -19.69 -25.78 -12.72
CA PHE C 156 -19.07 -25.60 -14.01
C PHE C 156 -18.71 -24.14 -14.29
N GLU C 157 -17.91 -23.96 -15.31
CA GLU C 157 -17.53 -22.66 -15.84
C GLU C 157 -18.32 -22.50 -17.13
N SER C 158 -18.71 -21.27 -17.45
CA SER C 158 -19.31 -20.99 -18.75
C SER C 158 -19.07 -19.53 -19.16
N PRO C 159 -18.37 -19.25 -20.26
CA PRO C 159 -17.67 -20.22 -21.11
C PRO C 159 -16.54 -20.94 -20.37
N ALA C 160 -16.23 -22.17 -20.80
CA ALA C 160 -15.24 -23.00 -20.11
C ALA C 160 -13.76 -22.69 -20.48
N ASN C 161 -12.92 -22.46 -19.47
CA ASN C 161 -11.47 -22.25 -19.61
C ASN C 161 -10.88 -23.62 -19.99
N PRO C 162 -10.33 -23.84 -21.22
CA PRO C 162 -9.96 -22.82 -22.22
C PRO C 162 -10.62 -22.89 -23.62
N ASN C 163 -11.48 -23.88 -23.87
CA ASN C 163 -12.13 -24.08 -25.20
C ASN C 163 -13.47 -23.33 -25.50
N MET C 164 -13.97 -22.54 -24.54
CA MET C 164 -15.19 -21.67 -24.67
C MET C 164 -16.55 -22.37 -24.75
N HIS C 165 -16.59 -23.65 -24.40
CA HIS C 165 -17.83 -24.41 -24.36
C HIS C 165 -18.77 -23.82 -23.32
N MET C 166 -20.04 -23.76 -23.66
CA MET C 166 -21.05 -23.09 -22.88
C MET C 166 -21.89 -24.14 -22.21
N ALA C 167 -22.49 -23.74 -21.10
CA ALA C 167 -23.52 -24.52 -20.42
C ALA C 167 -24.83 -23.78 -20.57
N ASP C 168 -25.94 -24.54 -20.51
CA ASP C 168 -27.29 -23.98 -20.46
C ASP C 168 -27.69 -23.79 -19.00
N ILE C 169 -27.36 -22.62 -18.46
CA ILE C 169 -27.49 -22.37 -17.01
C ILE C 169 -28.94 -22.48 -16.48
N ALA C 170 -29.89 -21.87 -17.17
CA ALA C 170 -31.32 -22.02 -16.83
C ALA C 170 -31.82 -23.48 -16.89
N GLY C 171 -31.35 -24.22 -17.90
CA GLY C 171 -31.68 -25.63 -18.05
C GLY C 171 -31.09 -26.48 -16.95
N VAL C 172 -29.83 -26.18 -16.58
CA VAL C 172 -29.18 -26.90 -15.49
C VAL C 172 -29.93 -26.65 -14.20
N ALA C 173 -30.27 -25.39 -13.93
CA ALA C 173 -30.95 -25.02 -12.70
C ALA C 173 -32.33 -25.67 -12.56
N LYS C 174 -33.04 -25.83 -13.68
CA LYS C 174 -34.34 -26.54 -13.67
C LYS C 174 -34.17 -28.00 -13.22
N ILE C 175 -33.15 -28.67 -13.75
CA ILE C 175 -32.84 -30.04 -13.36
C ILE C 175 -32.41 -30.17 -11.89
N ALA C 176 -31.47 -29.32 -11.46
CA ALA C 176 -31.03 -29.26 -10.06
C ALA C 176 -32.18 -29.11 -9.09
N ARG C 177 -33.13 -28.25 -9.44
CA ARG C 177 -34.29 -27.96 -8.60
C ARG C 177 -35.13 -29.22 -8.28
N LYS C 178 -35.18 -30.16 -9.20
CA LYS C 178 -35.93 -31.41 -8.99
C LYS C 178 -35.30 -32.32 -7.94
N HIS C 179 -34.02 -32.09 -7.61
CA HIS C 179 -33.29 -32.88 -6.58
C HIS C 179 -32.73 -32.04 -5.45
N GLY C 180 -33.10 -30.75 -5.39
CA GLY C 180 -32.59 -29.88 -4.36
C GLY C 180 -31.07 -29.56 -4.42
N ALA C 181 -30.42 -29.86 -5.56
CA ALA C 181 -28.95 -29.72 -5.67
C ALA C 181 -28.55 -28.24 -5.84
N THR C 182 -27.33 -27.91 -5.40
CA THR C 182 -26.83 -26.56 -5.41
C THR C 182 -26.00 -26.37 -6.68
N VAL C 183 -26.33 -25.35 -7.45
CA VAL C 183 -25.66 -25.04 -8.73
C VAL C 183 -24.66 -23.88 -8.51
N VAL C 184 -23.40 -24.15 -8.80
CA VAL C 184 -22.31 -23.20 -8.58
C VAL C 184 -21.67 -22.92 -9.94
N VAL C 185 -21.65 -21.65 -10.33
CA VAL C 185 -21.08 -21.25 -11.62
C VAL C 185 -19.83 -20.36 -11.43
N ASP C 186 -18.71 -20.77 -12.01
CA ASP C 186 -17.54 -19.92 -12.14
C ASP C 186 -17.76 -18.93 -13.30
N ASN C 187 -17.97 -17.66 -12.94
CA ASN C 187 -18.30 -16.59 -13.83
C ASN C 187 -17.10 -15.69 -14.13
N THR C 188 -15.91 -16.23 -14.02
CA THR C 188 -14.68 -15.44 -14.11
C THR C 188 -14.54 -14.73 -15.46
N TYR C 189 -14.79 -15.48 -16.52
CA TYR C 189 -14.59 -15.00 -17.88
C TYR C 189 -15.50 -13.85 -18.24
N CYS C 190 -16.76 -13.93 -17.84
CA CYS C 190 -17.75 -12.96 -18.24
C CYS C 190 -17.79 -11.73 -17.37
N THR C 191 -17.67 -11.95 -16.04
CA THR C 191 -17.96 -10.96 -15.03
C THR C 191 -19.46 -10.69 -14.98
N PRO C 192 -19.92 -10.02 -13.91
CA PRO C 192 -21.36 -9.74 -13.82
C PRO C 192 -21.86 -8.71 -14.86
N TYR C 193 -20.94 -7.98 -15.48
CA TYR C 193 -21.29 -7.02 -16.52
C TYR C 193 -21.83 -7.75 -17.76
N LEU C 194 -21.23 -8.90 -18.09
CA LEU C 194 -21.64 -9.67 -19.28
C LEU C 194 -22.64 -10.80 -19.03
N GLN C 195 -22.62 -11.40 -17.83
CA GLN C 195 -23.47 -12.56 -17.55
C GLN C 195 -23.75 -12.63 -16.07
N ARG C 196 -25.00 -12.96 -15.70
CA ARG C 196 -25.39 -13.00 -14.30
C ARG C 196 -26.10 -14.31 -14.05
N PRO C 197 -25.32 -15.39 -13.76
CA PRO C 197 -25.86 -16.73 -13.52
C PRO C 197 -26.92 -16.86 -12.41
N LEU C 198 -26.87 -15.99 -11.40
CA LEU C 198 -27.89 -16.00 -10.36
C LEU C 198 -29.28 -15.64 -10.90
N GLU C 199 -29.32 -14.77 -11.91
CA GLU C 199 -30.56 -14.36 -12.55
C GLU C 199 -31.09 -15.45 -13.49
N LEU C 200 -30.21 -16.36 -13.92
CA LEU C 200 -30.58 -17.53 -14.68
C LEU C 200 -30.83 -18.76 -13.82
N GLY C 201 -30.83 -18.60 -12.49
CA GLY C 201 -31.22 -19.68 -11.56
C GLY C 201 -30.13 -20.38 -10.75
N ALA C 202 -28.84 -20.06 -10.97
CA ALA C 202 -27.75 -20.57 -10.13
C ALA C 202 -27.93 -20.15 -8.68
N ASP C 203 -27.40 -20.96 -7.77
CA ASP C 203 -27.38 -20.62 -6.34
C ASP C 203 -26.17 -19.78 -5.94
N LEU C 204 -25.02 -20.06 -6.53
CA LEU C 204 -23.78 -19.39 -6.16
C LEU C 204 -22.97 -19.14 -7.40
N VAL C 205 -22.28 -18.00 -7.41
CA VAL C 205 -21.27 -17.71 -8.42
C VAL C 205 -19.93 -17.50 -7.73
N VAL C 206 -18.87 -17.99 -8.38
CA VAL C 206 -17.51 -17.79 -7.94
C VAL C 206 -16.75 -17.01 -9.01
N HIS C 207 -15.74 -16.26 -8.58
CA HIS C 207 -14.84 -15.50 -9.45
C HIS C 207 -13.42 -15.59 -9.00
N SER C 208 -12.50 -15.75 -9.97
CA SER C 208 -11.16 -15.21 -9.82
C SER C 208 -11.19 -13.72 -10.09
N ALA C 209 -11.30 -12.93 -9.03
CA ALA C 209 -11.23 -11.48 -9.15
C ALA C 209 -9.85 -10.96 -9.55
N THR C 210 -8.83 -11.81 -9.44
CA THR C 210 -7.50 -11.63 -10.03
C THR C 210 -7.57 -11.19 -11.52
N LYS C 211 -8.59 -11.66 -12.24
CA LYS C 211 -8.72 -11.42 -13.68
C LYS C 211 -9.44 -10.06 -13.95
N TYR C 212 -10.55 -10.09 -14.70
CA TYR C 212 -11.20 -8.87 -15.20
C TYR C 212 -11.68 -7.91 -14.12
N LEU C 213 -12.13 -8.45 -12.98
CA LEU C 213 -12.68 -7.59 -11.94
C LEU C 213 -11.62 -6.59 -11.42
N SER C 214 -10.43 -7.10 -11.16
CA SER C 214 -9.28 -6.26 -10.82
C SER C 214 -8.90 -5.46 -12.07
N GLY C 215 -8.74 -6.18 -13.17
CA GLY C 215 -8.43 -5.61 -14.47
C GLY C 215 -6.98 -5.17 -14.70
N HIS C 216 -6.16 -5.13 -13.65
CA HIS C 216 -4.82 -4.49 -13.78
C HIS C 216 -3.67 -5.40 -13.37
N GLY C 217 -3.95 -6.67 -13.13
CA GLY C 217 -2.92 -7.64 -12.91
C GLY C 217 -2.09 -7.50 -11.65
N ASP C 218 -2.55 -6.72 -10.68
CA ASP C 218 -1.72 -6.40 -9.52
C ASP C 218 -2.21 -7.02 -8.21
N ILE C 219 -3.33 -7.74 -8.22
CA ILE C 219 -3.77 -8.43 -7.01
C ILE C 219 -4.17 -9.82 -7.33
N THR C 220 -4.20 -10.66 -6.29
CA THR C 220 -4.80 -11.97 -6.37
C THR C 220 -6.05 -11.87 -5.44
N ALA C 221 -7.22 -12.31 -5.92
CA ALA C 221 -8.44 -12.24 -5.14
C ALA C 221 -9.54 -13.16 -5.68
N GLY C 222 -10.47 -13.52 -4.78
CA GLY C 222 -11.63 -14.34 -5.11
C GLY C 222 -12.91 -13.75 -4.53
N ILE C 223 -14.03 -14.06 -5.17
CA ILE C 223 -15.34 -13.59 -4.74
C ILE C 223 -16.32 -14.76 -4.82
N VAL C 224 -17.19 -14.89 -3.82
CA VAL C 224 -18.34 -15.78 -3.88
C VAL C 224 -19.57 -14.88 -3.73
N VAL C 225 -20.61 -15.11 -4.53
CA VAL C 225 -21.89 -14.39 -4.35
C VAL C 225 -23.03 -15.39 -4.45
N GLY C 226 -24.05 -15.21 -3.62
CA GLY C 226 -25.16 -16.12 -3.52
C GLY C 226 -26.16 -15.74 -2.47
N SER C 227 -27.00 -16.70 -2.11
CA SER C 227 -28.01 -16.52 -1.05
C SER C 227 -27.35 -16.45 0.31
N GLN C 228 -27.97 -15.70 1.20
CA GLN C 228 -27.43 -15.36 2.49
C GLN C 228 -27.04 -16.57 3.30
N ALA C 229 -27.90 -17.58 3.31
CA ALA C 229 -27.65 -18.76 4.14
C ALA C 229 -26.41 -19.56 3.68
N LEU C 230 -26.25 -19.75 2.37
CA LEU C 230 -25.11 -20.46 1.82
C LEU C 230 -23.83 -19.65 2.03
N VAL C 231 -23.88 -18.36 1.74
CA VAL C 231 -22.69 -17.49 1.88
C VAL C 231 -22.22 -17.42 3.34
N ASP C 232 -23.18 -17.32 4.29
CA ASP C 232 -22.87 -17.33 5.70
C ASP C 232 -22.11 -18.56 6.12
N ARG C 233 -22.55 -19.70 5.63
CA ARG C 233 -21.85 -20.94 5.94
C ARG C 233 -20.46 -21.02 5.28
N ILE C 234 -20.32 -20.53 4.05
CA ILE C 234 -19.01 -20.51 3.39
C ILE C 234 -18.05 -19.61 4.18
N ARG C 235 -18.54 -18.48 4.68
CA ARG C 235 -17.75 -17.58 5.47
C ARG C 235 -17.29 -18.22 6.78
N LEU C 236 -18.23 -18.87 7.48
CA LEU C 236 -18.03 -19.31 8.86
C LEU C 236 -17.44 -20.70 8.96
N GLN C 237 -17.50 -21.48 7.90
CA GLN C 237 -16.91 -22.81 7.88
C GLN C 237 -15.75 -22.84 6.88
N GLY C 238 -16.06 -22.70 5.59
CA GLY C 238 -15.04 -22.81 4.52
C GLY C 238 -13.86 -21.84 4.69
N LEU C 239 -14.17 -20.55 4.82
CA LEU C 239 -13.13 -19.54 4.99
C LEU C 239 -12.49 -19.55 6.39
N LYS C 240 -13.32 -19.38 7.40
CA LYS C 240 -12.85 -19.28 8.78
C LYS C 240 -12.00 -20.45 9.20
N ASP C 241 -12.49 -21.67 8.94
CA ASP C 241 -11.91 -22.89 9.46
C ASP C 241 -11.18 -23.76 8.42
N MET C 242 -11.61 -23.82 7.18
CA MET C 242 -11.06 -24.82 6.26
C MET C 242 -10.01 -24.36 5.25
N THR C 243 -9.92 -23.06 4.98
CA THR C 243 -8.90 -22.52 4.07
C THR C 243 -8.09 -21.39 4.64
N GLY C 244 -8.69 -20.55 5.49
CA GLY C 244 -8.06 -19.30 5.89
C GLY C 244 -7.64 -18.38 4.77
N ALA C 245 -8.33 -18.44 3.64
CA ALA C 245 -8.00 -17.64 2.46
C ALA C 245 -8.48 -16.20 2.59
N VAL C 246 -7.87 -15.46 3.51
CA VAL C 246 -8.29 -14.11 3.87
C VAL C 246 -7.73 -13.07 2.86
N LEU C 247 -8.59 -12.23 2.30
CA LEU C 247 -8.18 -11.15 1.40
C LEU C 247 -7.67 -9.96 2.20
N SER C 248 -6.50 -9.46 1.86
CA SER C 248 -5.99 -8.20 2.45
C SER C 248 -6.94 -7.02 2.17
N PRO C 249 -7.19 -6.15 3.17
CA PRO C 249 -7.99 -4.94 2.90
C PRO C 249 -7.39 -4.01 1.82
N HIS C 250 -6.06 -3.99 1.75
CA HIS C 250 -5.34 -3.24 0.71
C HIS C 250 -5.72 -3.74 -0.69
N ASP C 251 -5.67 -5.06 -0.86
CA ASP C 251 -6.06 -5.67 -2.12
C ASP C 251 -7.55 -5.52 -2.41
N ALA C 252 -8.37 -5.62 -1.39
CA ALA C 252 -9.82 -5.41 -1.52
C ALA C 252 -10.12 -4.00 -1.99
N ALA C 253 -9.33 -3.02 -1.50
CA ALA C 253 -9.48 -1.64 -1.92
C ALA C 253 -9.07 -1.46 -3.37
N LEU C 254 -7.95 -2.08 -3.80
CA LEU C 254 -7.57 -2.06 -5.21
C LEU C 254 -8.60 -2.73 -6.10
N LEU C 255 -9.21 -3.82 -5.62
CA LEU C 255 -10.22 -4.52 -6.40
C LEU C 255 -11.45 -3.61 -6.62
N MET C 256 -11.87 -2.92 -5.57
CA MET C 256 -12.94 -1.92 -5.72
C MET C 256 -12.57 -0.81 -6.70
N ARG C 257 -11.31 -0.42 -6.71
CA ARG C 257 -10.85 0.60 -7.65
C ARG C 257 -11.01 0.07 -9.08
N GLY C 258 -10.57 -1.16 -9.33
CA GLY C 258 -10.73 -1.79 -10.62
C GLY C 258 -12.18 -1.95 -11.07
N ILE C 259 -13.04 -2.33 -10.15
CA ILE C 259 -14.48 -2.50 -10.44
C ILE C 259 -15.12 -1.20 -10.95
N LYS C 260 -14.63 -0.04 -10.53
CA LYS C 260 -15.20 1.22 -11.01
C LYS C 260 -15.06 1.47 -12.51
N THR C 261 -14.15 0.78 -13.18
CA THR C 261 -14.07 0.86 -14.62
C THR C 261 -14.44 -0.44 -15.34
N LEU C 262 -15.07 -1.40 -14.64
CA LEU C 262 -15.33 -2.72 -15.25
C LEU C 262 -16.10 -2.59 -16.57
N ASN C 263 -17.18 -1.81 -16.56
CA ASN C 263 -18.00 -1.68 -17.77
C ASN C 263 -17.20 -1.16 -18.97
N LEU C 264 -16.40 -0.14 -18.74
CA LEU C 264 -15.62 0.51 -19.78
C LEU C 264 -14.55 -0.44 -20.30
N ARG C 265 -13.87 -1.14 -19.41
CA ARG C 265 -12.81 -2.12 -19.80
C ARG C 265 -13.38 -3.30 -20.54
N MET C 266 -14.47 -3.86 -20.05
CA MET C 266 -15.06 -5.01 -20.73
C MET C 266 -15.56 -4.63 -22.15
N ASP C 267 -16.15 -3.45 -22.33
CA ASP C 267 -16.53 -2.97 -23.66
C ASP C 267 -15.32 -3.00 -24.62
N ARG C 268 -14.16 -2.56 -24.13
CA ARG C 268 -12.98 -2.48 -24.95
C ARG C 268 -12.34 -3.83 -25.20
N HIS C 269 -12.29 -4.68 -24.16
CA HIS C 269 -11.81 -6.05 -24.33
C HIS C 269 -12.60 -6.75 -25.40
N CYS C 270 -13.93 -6.66 -25.31
CA CYS C 270 -14.84 -7.29 -26.27
C CYS C 270 -14.71 -6.75 -27.68
N ALA C 271 -14.68 -5.43 -27.82
CA ALA C 271 -14.53 -4.79 -29.13
C ALA C 271 -13.19 -5.20 -29.77
N ASN C 272 -12.11 -5.19 -28.99
CA ASN C 272 -10.81 -5.64 -29.51
C ASN C 272 -10.80 -7.13 -29.92
N ALA C 273 -11.38 -7.98 -29.08
CA ALA C 273 -11.42 -9.40 -29.34
C ALA C 273 -12.27 -9.78 -30.57
N GLN C 274 -13.37 -9.07 -30.76
N GLN C 274 -13.38 -9.09 -30.80
CA GLN C 274 -14.23 -9.20 -31.93
CA GLN C 274 -14.21 -9.31 -31.99
C GLN C 274 -13.47 -8.96 -33.24
C GLN C 274 -13.42 -9.01 -33.27
N VAL C 275 -12.63 -7.92 -33.27
CA VAL C 275 -11.82 -7.58 -34.45
C VAL C 275 -10.78 -8.68 -34.68
N LEU C 276 -10.05 -9.06 -33.64
CA LEU C 276 -9.02 -10.12 -33.76
C LEU C 276 -9.57 -11.50 -34.13
N ALA C 277 -10.75 -11.84 -33.61
CA ALA C 277 -11.39 -13.10 -33.93
C ALA C 277 -11.77 -13.16 -35.43
N GLU C 278 -12.47 -12.13 -35.90
CA GLU C 278 -12.81 -11.94 -37.33
C GLU C 278 -11.57 -12.05 -38.24
N PHE C 279 -10.46 -11.47 -37.80
CA PHE C 279 -9.21 -11.54 -38.53
C PHE C 279 -8.67 -12.96 -38.55
N LEU C 280 -8.49 -13.56 -37.37
CA LEU C 280 -7.94 -14.92 -37.23
C LEU C 280 -8.75 -16.02 -37.96
N ALA C 281 -10.08 -15.89 -37.91
CA ALA C 281 -10.99 -16.85 -38.59
C ALA C 281 -10.81 -16.95 -40.13
N ARG C 282 -10.31 -15.88 -40.75
CA ARG C 282 -10.04 -15.84 -42.20
C ARG C 282 -8.63 -16.22 -42.58
N GLN C 283 -7.74 -16.47 -41.62
CA GLN C 283 -6.33 -16.69 -41.95
C GLN C 283 -6.02 -18.15 -42.33
N PRO C 284 -5.08 -18.35 -43.28
CA PRO C 284 -4.76 -19.69 -43.77
C PRO C 284 -4.03 -20.56 -42.75
N GLN C 285 -3.21 -19.95 -41.90
CA GLN C 285 -2.50 -20.66 -40.86
C GLN C 285 -3.47 -21.26 -39.79
N VAL C 286 -4.72 -20.76 -39.70
CA VAL C 286 -5.68 -21.13 -38.64
C VAL C 286 -6.59 -22.30 -39.05
N GLU C 287 -6.53 -23.38 -38.28
CA GLU C 287 -7.37 -24.56 -38.48
C GLU C 287 -8.76 -24.34 -37.93
N LEU C 288 -8.84 -23.96 -36.65
CA LEU C 288 -10.08 -23.89 -35.87
C LEU C 288 -10.02 -22.66 -34.96
N ILE C 289 -11.16 -22.05 -34.73
CA ILE C 289 -11.22 -20.92 -33.80
C ILE C 289 -12.45 -21.03 -32.92
N HIS C 290 -12.28 -20.69 -31.65
CA HIS C 290 -13.38 -20.61 -30.70
C HIS C 290 -13.50 -19.19 -30.22
N TYR C 291 -14.51 -18.50 -30.72
CA TYR C 291 -14.87 -17.19 -30.20
C TYR C 291 -16.39 -17.05 -30.27
N PRO C 292 -17.05 -16.80 -29.12
CA PRO C 292 -18.53 -16.74 -29.11
C PRO C 292 -19.18 -15.73 -30.07
N GLY C 293 -18.46 -14.69 -30.45
CA GLY C 293 -18.99 -13.63 -31.27
C GLY C 293 -19.04 -13.97 -32.74
N LEU C 294 -18.31 -15.01 -33.15
CA LEU C 294 -18.37 -15.50 -34.53
C LEU C 294 -19.66 -16.27 -34.80
N ALA C 295 -20.36 -15.89 -35.87
CA ALA C 295 -21.60 -16.56 -36.32
C ALA C 295 -21.44 -18.08 -36.43
N SER C 296 -20.27 -18.56 -36.79
CA SER C 296 -19.98 -19.99 -36.85
C SER C 296 -19.69 -20.70 -35.51
N PHE C 297 -19.67 -19.99 -34.39
CA PHE C 297 -19.42 -20.61 -33.08
C PHE C 297 -20.56 -21.62 -32.84
N PRO C 298 -20.23 -22.88 -32.51
CA PRO C 298 -21.29 -23.89 -32.40
C PRO C 298 -22.46 -23.51 -31.47
N GLN C 299 -22.18 -22.78 -30.39
CA GLN C 299 -23.25 -22.44 -29.43
C GLN C 299 -23.61 -20.96 -29.48
N TYR C 300 -23.58 -20.38 -30.70
CA TYR C 300 -23.77 -18.96 -30.93
C TYR C 300 -25.06 -18.48 -30.31
N THR C 301 -26.16 -19.22 -30.50
CA THR C 301 -27.48 -18.80 -30.01
C THR C 301 -27.60 -18.84 -28.49
N LEU C 302 -27.14 -19.95 -27.88
CA LEU C 302 -27.08 -20.09 -26.42
C LEU C 302 -26.17 -19.00 -25.79
N ALA C 303 -24.98 -18.81 -26.35
CA ALA C 303 -24.08 -17.73 -25.88
C ALA C 303 -24.83 -16.38 -25.80
N ARG C 304 -25.50 -16.01 -26.89
CA ARG C 304 -26.29 -14.79 -26.95
C ARG C 304 -27.48 -14.73 -26.01
N GLN C 305 -28.05 -15.87 -25.60
CA GLN C 305 -29.06 -15.87 -24.54
C GLN C 305 -28.50 -15.52 -23.14
N GLN C 306 -27.26 -15.89 -22.85
CA GLN C 306 -26.69 -15.71 -21.51
C GLN C 306 -25.73 -14.52 -21.35
N MET C 307 -24.95 -14.24 -22.39
CA MET C 307 -23.90 -13.21 -22.40
C MET C 307 -24.36 -12.00 -23.18
N SER C 308 -24.22 -10.81 -22.63
CA SER C 308 -24.57 -9.59 -23.38
C SER C 308 -23.49 -9.19 -24.43
N GLN C 309 -22.26 -9.68 -24.29
CA GLN C 309 -21.21 -9.43 -25.26
C GLN C 309 -20.37 -10.70 -25.26
N PRO C 310 -19.67 -10.98 -26.36
CA PRO C 310 -18.97 -12.26 -26.51
C PRO C 310 -17.62 -12.43 -25.76
N GLY C 311 -17.13 -11.41 -25.07
CA GLY C 311 -15.95 -11.57 -24.22
C GLY C 311 -14.61 -11.20 -24.82
N GLY C 312 -13.59 -11.18 -23.97
CA GLY C 312 -12.21 -10.82 -24.41
C GLY C 312 -11.28 -12.00 -24.64
N MET C 313 -11.81 -13.22 -24.55
CA MET C 313 -10.97 -14.41 -24.75
C MET C 313 -11.20 -15.05 -26.12
N ILE C 314 -10.11 -15.52 -26.74
CA ILE C 314 -10.15 -16.25 -27.99
C ILE C 314 -9.25 -17.45 -27.84
N ALA C 315 -9.69 -18.62 -28.30
CA ALA C 315 -8.80 -19.77 -28.42
C ALA C 315 -8.81 -20.21 -29.88
N PHE C 316 -7.68 -20.65 -30.38
CA PHE C 316 -7.59 -21.10 -31.77
C PHE C 316 -6.49 -22.12 -31.92
N GLU C 317 -6.48 -22.79 -33.08
CA GLU C 317 -5.45 -23.77 -33.41
C GLU C 317 -4.86 -23.48 -34.77
N LEU C 318 -3.54 -23.61 -34.85
CA LEU C 318 -2.78 -23.46 -36.08
C LEU C 318 -2.60 -24.82 -36.73
N LYS C 319 -2.69 -24.86 -38.07
CA LYS C 319 -2.49 -26.10 -38.84
C LYS C 319 -1.18 -26.82 -38.58
N GLY C 320 -0.08 -26.10 -38.41
CA GLY C 320 1.21 -26.76 -38.08
C GLY C 320 1.30 -27.41 -36.68
N GLY C 321 0.19 -27.46 -35.94
CA GLY C 321 0.13 -28.13 -34.65
C GLY C 321 0.94 -27.42 -33.57
N ILE C 322 1.53 -28.22 -32.70
CA ILE C 322 2.27 -27.71 -31.55
C ILE C 322 3.50 -26.92 -31.99
N GLY C 323 4.16 -27.34 -33.07
CA GLY C 323 5.33 -26.64 -33.60
C GLY C 323 5.03 -25.23 -34.09
N ALA C 324 3.94 -25.09 -34.84
CA ALA C 324 3.52 -23.77 -35.34
C ALA C 324 3.04 -22.88 -34.19
N GLY C 325 2.24 -23.44 -33.29
CA GLY C 325 1.91 -22.84 -31.99
C GLY C 325 3.11 -22.23 -31.28
N ARG C 326 4.19 -22.96 -31.12
CA ARG C 326 5.41 -22.45 -30.47
C ARG C 326 6.04 -21.28 -31.18
N ARG C 327 6.13 -21.37 -32.51
CA ARG C 327 6.73 -20.33 -33.32
C ARG C 327 5.90 -19.05 -33.26
N PHE C 328 4.58 -19.18 -33.38
CA PHE C 328 3.67 -18.03 -33.23
C PHE C 328 3.96 -17.30 -31.90
N MET C 329 4.00 -18.06 -30.83
CA MET C 329 4.09 -17.48 -29.49
C MET C 329 5.37 -16.76 -29.23
N ASN C 330 6.46 -17.37 -29.67
CA ASN C 330 7.78 -16.79 -29.57
C ASN C 330 7.99 -15.56 -30.41
N ALA C 331 7.26 -15.42 -31.51
CA ALA C 331 7.39 -14.22 -32.35
C ALA C 331 6.60 -13.01 -31.82
N LEU C 332 5.66 -13.20 -30.89
CA LEU C 332 4.86 -12.08 -30.37
C LEU C 332 5.74 -11.09 -29.65
N GLN C 333 5.56 -9.81 -29.95
CA GLN C 333 6.33 -8.70 -29.36
C GLN C 333 5.51 -7.76 -28.48
N LEU C 334 4.20 -7.69 -28.71
CA LEU C 334 3.32 -6.81 -27.95
C LEU C 334 2.49 -7.64 -26.96
N PHE C 335 1.84 -8.71 -27.44
CA PHE C 335 1.37 -9.75 -26.52
C PHE C 335 2.54 -10.25 -25.68
N SER C 336 2.28 -10.52 -24.40
CA SER C 336 3.24 -11.22 -23.57
C SER C 336 2.87 -12.70 -23.50
N ARG C 337 3.87 -13.54 -23.30
CA ARG C 337 3.69 -14.95 -23.02
C ARG C 337 3.54 -15.14 -21.51
N ALA C 338 2.33 -15.47 -21.07
CA ALA C 338 2.02 -15.56 -19.65
C ALA C 338 0.67 -16.23 -19.49
N VAL C 339 0.47 -16.87 -18.35
CA VAL C 339 -0.89 -17.26 -17.95
C VAL C 339 -1.52 -16.03 -17.32
N SER C 340 -2.80 -16.16 -17.01
CA SER C 340 -3.67 -15.11 -16.50
C SER C 340 -4.37 -14.45 -17.68
N LEU C 341 -5.31 -13.60 -17.35
CA LEU C 341 -6.23 -13.06 -18.32
C LEU C 341 -6.91 -11.90 -17.66
N GLY C 342 -7.56 -11.10 -18.47
CA GLY C 342 -8.32 -10.00 -17.95
C GLY C 342 -7.52 -8.84 -17.49
N ASP C 343 -6.27 -8.73 -17.95
CA ASP C 343 -5.40 -7.61 -17.69
C ASP C 343 -5.52 -6.56 -18.78
N ALA C 344 -5.08 -5.35 -18.48
CA ALA C 344 -4.90 -4.31 -19.52
C ALA C 344 -3.94 -4.77 -20.66
N GLU C 345 -2.93 -5.53 -20.31
CA GLU C 345 -1.94 -6.07 -21.24
C GLU C 345 -2.50 -7.31 -21.89
N SER C 346 -2.31 -7.43 -23.21
CA SER C 346 -2.71 -8.62 -23.94
C SER C 346 -1.76 -9.77 -23.63
N LEU C 347 -2.33 -10.96 -23.42
CA LEU C 347 -1.56 -12.16 -23.11
C LEU C 347 -1.91 -13.36 -23.98
N ALA C 348 -0.92 -14.23 -24.17
CA ALA C 348 -1.08 -15.48 -24.91
C ALA C 348 -0.45 -16.62 -24.13
N GLN C 349 -1.06 -17.80 -24.17
CA GLN C 349 -0.49 -19.00 -23.56
C GLN C 349 -0.82 -20.30 -24.32
N HIS C 350 -0.13 -21.39 -23.89
CA HIS C 350 -0.30 -22.80 -24.38
C HIS C 350 -0.87 -23.65 -23.20
N PRO C 351 -2.21 -23.82 -23.13
CA PRO C 351 -2.84 -24.48 -21.97
C PRO C 351 -2.27 -25.85 -21.56
N ALA C 352 -1.90 -26.66 -22.56
CA ALA C 352 -1.44 -28.05 -22.31
C ALA C 352 -0.19 -28.17 -21.40
N SER C 353 0.73 -27.22 -21.56
CA SER C 353 2.00 -27.13 -20.78
C SER C 353 1.99 -26.01 -19.74
N MET C 354 0.85 -25.35 -19.53
CA MET C 354 0.75 -24.24 -18.58
C MET C 354 -0.52 -24.36 -17.71
N THR C 355 -1.61 -23.64 -18.03
CA THR C 355 -2.81 -23.60 -17.16
C THR C 355 -3.46 -24.97 -16.92
N HIS C 356 -3.32 -25.89 -17.88
CA HIS C 356 -3.89 -27.26 -17.80
C HIS C 356 -2.81 -28.36 -17.83
N SER C 357 -1.60 -28.00 -17.36
CA SER C 357 -0.49 -28.96 -17.23
C SER C 357 -0.70 -29.95 -16.06
N SER C 358 -1.57 -29.59 -15.11
CA SER C 358 -1.97 -30.49 -14.02
C SER C 358 -2.71 -31.75 -14.53
N TYR C 359 -3.38 -31.64 -15.69
CA TYR C 359 -3.97 -32.80 -16.40
C TYR C 359 -2.84 -33.67 -16.99
N THR C 360 -3.09 -34.98 -17.12
CA THR C 360 -2.22 -35.88 -17.89
C THR C 360 -2.59 -35.71 -19.38
N PRO C 361 -1.73 -36.22 -20.32
CA PRO C 361 -2.09 -36.15 -21.77
C PRO C 361 -3.47 -36.73 -22.11
N GLU C 362 -3.80 -37.89 -21.51
CA GLU C 362 -5.07 -38.60 -21.80
C GLU C 362 -6.31 -37.87 -21.25
N GLU C 363 -6.18 -37.28 -20.05
CA GLU C 363 -7.23 -36.43 -19.48
C GLU C 363 -7.46 -35.13 -20.30
N ARG C 364 -6.39 -34.52 -20.80
CA ARG C 364 -6.51 -33.37 -21.71
C ARG C 364 -7.25 -33.72 -23.01
N ALA C 365 -6.81 -34.80 -23.66
CA ALA C 365 -7.46 -35.30 -24.87
C ALA C 365 -8.94 -35.60 -24.58
N HIS C 366 -9.20 -36.31 -23.47
CA HIS C 366 -10.58 -36.65 -23.04
C HIS C 366 -11.45 -35.42 -22.72
N TYR C 367 -10.92 -34.47 -21.93
CA TYR C 367 -11.65 -33.24 -21.54
C TYR C 367 -11.34 -32.01 -22.43
N GLY C 368 -11.24 -32.22 -23.75
CA GLY C 368 -11.21 -31.15 -24.75
C GLY C 368 -10.11 -30.10 -24.69
N ILE C 369 -8.90 -30.46 -24.25
CA ILE C 369 -7.76 -29.53 -24.26
C ILE C 369 -6.66 -30.07 -25.18
N SER C 370 -6.64 -29.53 -26.39
CA SER C 370 -5.76 -29.97 -27.47
C SER C 370 -4.31 -29.57 -27.23
N GLU C 371 -3.39 -30.38 -27.76
CA GLU C 371 -2.04 -29.92 -28.11
C GLU C 371 -2.20 -29.14 -29.43
N GLY C 372 -1.80 -27.88 -29.46
CA GLY C 372 -1.99 -27.03 -30.66
C GLY C 372 -2.88 -25.82 -30.38
N LEU C 373 -3.64 -25.89 -29.28
CA LEU C 373 -4.48 -24.77 -28.88
C LEU C 373 -3.63 -23.60 -28.35
N VAL C 374 -3.92 -22.40 -28.85
CA VAL C 374 -3.36 -21.15 -28.33
C VAL C 374 -4.52 -20.35 -27.75
N ARG C 375 -4.37 -19.84 -26.53
CA ARG C 375 -5.41 -18.99 -25.92
C ARG C 375 -4.89 -17.55 -25.87
N LEU C 376 -5.72 -16.60 -26.32
CA LEU C 376 -5.41 -15.18 -26.23
C LEU C 376 -6.33 -14.49 -25.21
N SER C 377 -5.75 -13.70 -24.32
CA SER C 377 -6.53 -12.75 -23.52
C SER C 377 -6.29 -11.41 -24.15
N VAL C 378 -7.30 -10.88 -24.85
CA VAL C 378 -7.17 -9.66 -25.59
C VAL C 378 -7.30 -8.48 -24.63
N GLY C 379 -6.27 -7.63 -24.64
CA GLY C 379 -6.20 -6.47 -23.75
C GLY C 379 -6.80 -5.19 -24.29
N LEU C 380 -6.37 -4.08 -23.71
CA LEU C 380 -6.94 -2.76 -23.96
C LEU C 380 -6.11 -1.93 -24.91
N GLU C 381 -5.02 -2.49 -25.44
CA GLU C 381 -4.14 -1.77 -26.37
C GLU C 381 -4.89 -1.39 -27.67
N ASP C 382 -4.30 -0.47 -28.43
CA ASP C 382 -4.86 -0.03 -29.76
C ASP C 382 -4.94 -1.25 -30.65
N ILE C 383 -6.13 -1.49 -31.19
CA ILE C 383 -6.38 -2.68 -32.00
C ILE C 383 -5.42 -2.78 -33.18
N ASP C 384 -5.09 -1.66 -33.79
CA ASP C 384 -4.13 -1.69 -34.93
C ASP C 384 -2.74 -2.23 -34.55
N ASP C 385 -2.27 -1.88 -33.36
CA ASP C 385 -1.04 -2.47 -32.82
C ASP C 385 -1.17 -3.99 -32.53
N LEU C 386 -2.29 -4.41 -31.93
CA LEU C 386 -2.51 -5.83 -31.66
C LEU C 386 -2.59 -6.64 -32.95
N LEU C 387 -3.35 -6.12 -33.92
CA LEU C 387 -3.41 -6.71 -35.25
C LEU C 387 -2.04 -6.90 -35.90
N ALA C 388 -1.17 -5.88 -35.87
CA ALA C 388 0.17 -6.00 -36.47
C ALA C 388 0.98 -7.08 -35.83
N ASP C 389 0.88 -7.20 -34.50
CA ASP C 389 1.63 -8.19 -33.76
C ASP C 389 1.18 -9.61 -34.10
N VAL C 390 -0.13 -9.84 -34.10
CA VAL C 390 -0.69 -11.15 -34.46
C VAL C 390 -0.33 -11.50 -35.93
N GLN C 391 -0.47 -10.55 -36.85
CA GLN C 391 -0.05 -10.72 -38.26
C GLN C 391 1.39 -11.22 -38.45
N GLN C 392 2.35 -10.55 -37.85
CA GLN C 392 3.77 -10.95 -38.04
C GLN C 392 4.08 -12.27 -37.34
N ALA C 393 3.41 -12.53 -36.22
CA ALA C 393 3.56 -13.79 -35.53
C ALA C 393 2.97 -14.95 -36.35
N LEU C 394 1.83 -14.72 -37.00
CA LEU C 394 1.26 -15.71 -37.95
C LEU C 394 2.22 -16.03 -39.10
N LYS C 395 2.85 -14.97 -39.64
CA LYS C 395 3.93 -15.07 -40.67
C LYS C 395 5.09 -15.94 -40.19
N ALA C 396 5.56 -15.69 -38.97
CA ALA C 396 6.66 -16.47 -38.39
C ALA C 396 6.32 -17.91 -38.04
N SER C 397 5.04 -18.21 -37.84
CA SER C 397 4.63 -19.59 -37.47
C SER C 397 4.73 -20.61 -38.61
N ALA C 398 4.47 -20.15 -39.83
CA ALA C 398 4.29 -21.05 -40.99
C ALA C 398 5.65 -21.53 -41.47
N MET D 1 39.56 -11.22 13.29
CA MET D 1 38.47 -12.11 12.81
C MET D 1 38.53 -13.52 13.43
N HIS D 2 37.38 -14.19 13.46
CA HIS D 2 37.29 -15.63 13.79
C HIS D 2 36.53 -16.40 12.67
N GLY D 3 36.70 -15.95 11.43
CA GLY D 3 36.25 -16.69 10.24
C GLY D 3 34.86 -16.42 9.69
N SER D 4 34.76 -16.46 8.37
CA SER D 4 33.51 -16.17 7.68
C SER D 4 32.46 -17.33 7.66
N ASN D 5 32.74 -18.47 8.32
CA ASN D 5 31.74 -19.54 8.48
C ASN D 5 30.88 -19.38 9.75
N LYS D 6 31.02 -18.26 10.46
CA LYS D 6 30.18 -17.91 11.63
C LYS D 6 28.79 -17.48 11.10
N LEU D 7 27.72 -18.04 11.65
CA LEU D 7 26.35 -17.59 11.34
C LEU D 7 26.15 -16.12 11.81
N PRO D 8 25.72 -15.21 10.95
CA PRO D 8 25.38 -13.88 11.48
C PRO D 8 24.30 -13.98 12.60
N GLY D 9 24.29 -13.01 13.51
CA GLY D 9 23.34 -13.02 14.62
C GLY D 9 21.89 -12.93 14.14
N PHE D 10 20.99 -13.26 15.04
CA PHE D 10 19.57 -13.25 14.73
C PHE D 10 19.09 -11.89 14.17
N ALA D 11 19.47 -10.81 14.82
CA ALA D 11 19.03 -9.49 14.41
C ALA D 11 19.58 -9.15 13.02
N THR D 12 20.82 -9.52 12.77
CA THR D 12 21.40 -9.32 11.47
C THR D 12 20.62 -10.05 10.37
N ARG D 13 20.33 -11.31 10.58
CA ARG D 13 19.57 -12.07 9.63
C ARG D 13 18.12 -11.58 9.46
N ALA D 14 17.50 -11.14 10.55
CA ALA D 14 16.12 -10.64 10.45
C ALA D 14 16.05 -9.40 9.57
N ILE D 15 17.16 -8.68 9.44
CA ILE D 15 17.24 -7.47 8.63
C ILE D 15 17.76 -7.74 7.21
N HIS D 16 18.71 -8.67 7.07
CA HIS D 16 19.48 -8.83 5.83
C HIS D 16 19.31 -10.13 5.07
N HIS D 17 19.03 -11.22 5.76
CA HIS D 17 19.09 -12.53 5.12
C HIS D 17 18.29 -12.59 3.81
N GLY D 18 19.00 -13.07 2.78
CA GLY D 18 18.45 -13.34 1.48
C GLY D 18 18.40 -12.18 0.52
N TYR D 19 18.88 -11.00 0.90
CA TYR D 19 18.68 -9.81 0.08
C TYR D 19 20.00 -9.03 -0.01
N ASP D 20 20.40 -8.71 -1.22
CA ASP D 20 21.54 -7.82 -1.50
C ASP D 20 21.03 -6.68 -2.38
N PRO D 21 21.04 -5.43 -1.88
CA PRO D 21 20.57 -4.28 -2.67
C PRO D 21 21.13 -4.24 -4.10
N GLN D 22 22.38 -4.64 -4.28
CA GLN D 22 23.03 -4.61 -5.61
C GLN D 22 22.35 -5.47 -6.68
N ASP D 23 21.53 -6.44 -6.28
CA ASP D 23 20.77 -7.22 -7.26
C ASP D 23 19.45 -6.61 -7.68
N HIS D 24 19.08 -5.46 -7.13
CA HIS D 24 17.82 -4.78 -7.48
C HIS D 24 18.04 -3.27 -7.61
N GLY D 25 19.03 -2.92 -8.42
CA GLY D 25 19.34 -1.55 -8.75
C GLY D 25 19.83 -0.73 -7.58
N GLY D 26 20.34 -1.39 -6.54
CA GLY D 26 20.74 -0.70 -5.32
C GLY D 26 19.64 -0.40 -4.31
N ALA D 27 18.39 -0.81 -4.56
CA ALA D 27 17.29 -0.48 -3.63
C ALA D 27 17.58 -1.03 -2.24
N LEU D 28 17.58 -0.16 -1.24
CA LEU D 28 17.90 -0.61 0.12
C LEU D 28 16.78 -1.49 0.64
N VAL D 29 15.55 -1.07 0.42
CA VAL D 29 14.39 -1.89 0.75
C VAL D 29 14.03 -2.67 -0.49
N PRO D 30 13.68 -3.97 -0.36
CA PRO D 30 13.36 -4.75 -1.56
C PRO D 30 12.11 -4.20 -2.25
N PRO D 31 12.13 -4.08 -3.59
CA PRO D 31 10.92 -3.64 -4.30
C PRO D 31 9.77 -4.65 -4.08
N VAL D 32 8.55 -4.16 -4.05
CA VAL D 32 7.37 -5.01 -3.77
C VAL D 32 6.83 -5.51 -5.09
N TYR D 33 6.86 -6.83 -5.30
CA TYR D 33 6.32 -7.42 -6.55
C TYR D 33 4.81 -7.62 -6.47
N GLN D 34 4.09 -6.52 -6.55
CA GLN D 34 2.64 -6.52 -6.48
C GLN D 34 2.14 -6.79 -7.89
N THR D 35 2.29 -8.04 -8.30
CA THR D 35 1.94 -8.53 -9.64
C THR D 35 1.36 -9.95 -9.48
N ALA D 36 0.28 -10.25 -10.18
CA ALA D 36 -0.31 -11.60 -10.14
C ALA D 36 0.45 -12.57 -11.05
N THR D 37 0.96 -12.08 -12.18
CA THR D 37 1.60 -12.94 -13.15
C THR D 37 2.98 -12.47 -13.61
N PHE D 38 3.73 -13.43 -14.13
CA PHE D 38 5.07 -13.26 -14.61
C PHE D 38 5.15 -13.81 -16.05
N THR D 39 5.86 -13.12 -16.92
CA THR D 39 5.92 -13.46 -18.36
C THR D 39 7.19 -14.22 -18.68
N PHE D 40 7.22 -14.86 -19.87
CA PHE D 40 8.32 -15.75 -20.28
C PHE D 40 8.99 -15.25 -21.55
N PRO D 41 10.34 -15.39 -21.65
CA PRO D 41 11.05 -14.98 -22.88
C PRO D 41 10.66 -15.90 -24.07
N THR D 42 10.40 -17.18 -23.78
CA THR D 42 9.93 -18.16 -24.76
C THR D 42 8.89 -19.09 -24.13
N VAL D 43 8.10 -19.73 -24.98
CA VAL D 43 7.11 -20.72 -24.58
C VAL D 43 7.73 -21.96 -23.89
N GLU D 44 8.96 -22.29 -24.29
CA GLU D 44 9.69 -23.47 -23.77
C GLU D 44 10.13 -23.21 -22.32
N TYR D 45 10.81 -22.07 -22.11
CA TYR D 45 11.13 -21.54 -20.77
C TYR D 45 9.91 -21.56 -19.85
N GLY D 46 8.76 -21.08 -20.35
CA GLY D 46 7.49 -21.14 -19.61
C GLY D 46 6.98 -22.54 -19.26
N ALA D 47 7.07 -23.47 -20.23
CA ALA D 47 6.76 -24.90 -20.03
C ALA D 47 7.70 -25.55 -19.01
N ALA D 48 8.98 -25.15 -19.06
CA ALA D 48 9.96 -25.60 -18.04
C ALA D 48 9.64 -25.12 -16.60
N CYS D 49 9.08 -23.91 -16.43
CA CYS D 49 8.68 -23.42 -15.08
C CYS D 49 7.46 -24.13 -14.49
N PHE D 50 6.51 -24.52 -15.34
CA PHE D 50 5.36 -25.35 -14.90
C PHE D 50 5.78 -26.81 -14.68
N ALA D 51 6.74 -27.28 -15.47
CA ALA D 51 7.38 -28.57 -15.22
C ALA D 51 8.16 -28.56 -13.88
N GLY D 52 9.01 -27.54 -13.69
CA GLY D 52 9.89 -27.42 -12.51
C GLY D 52 11.36 -27.76 -12.73
N GLU D 53 11.88 -27.43 -13.92
CA GLU D 53 13.31 -27.57 -14.27
C GLU D 53 13.99 -26.20 -14.33
N GLN D 54 13.32 -25.24 -14.94
CA GLN D 54 13.75 -23.85 -14.94
C GLN D 54 13.40 -23.23 -13.58
N ALA D 55 14.41 -22.68 -12.90
CA ALA D 55 14.19 -21.82 -11.72
C ALA D 55 13.61 -20.49 -12.20
N GLY D 56 12.63 -19.96 -11.46
CA GLY D 56 11.95 -18.71 -11.84
C GLY D 56 10.51 -18.61 -11.37
N HIS D 57 9.73 -17.83 -12.13
CA HIS D 57 8.42 -17.37 -11.69
C HIS D 57 7.37 -17.34 -12.78
N PHE D 58 6.13 -17.66 -12.42
CA PHE D 58 5.00 -17.60 -13.36
C PHE D 58 3.66 -17.06 -12.79
N TYR D 59 3.37 -17.35 -11.53
CA TYR D 59 2.08 -16.97 -10.98
C TYR D 59 2.18 -16.87 -9.46
N SER D 60 1.78 -15.72 -8.91
CA SER D 60 2.00 -15.40 -7.50
C SER D 60 1.27 -16.31 -6.47
N ARG D 61 0.17 -16.97 -6.88
CA ARG D 61 -0.43 -18.00 -6.01
C ARG D 61 0.54 -19.16 -5.74
N ILE D 62 1.33 -19.56 -6.74
CA ILE D 62 2.35 -20.60 -6.52
C ILE D 62 3.58 -20.05 -5.81
N SER D 63 4.10 -18.91 -6.31
CA SER D 63 5.38 -18.31 -5.89
C SER D 63 5.58 -16.85 -6.44
N ASN D 64 6.30 -16.01 -5.67
CA ASN D 64 6.48 -14.56 -5.94
C ASN D 64 7.76 -14.04 -5.23
N PRO D 65 8.61 -13.22 -5.87
CA PRO D 65 9.89 -12.87 -5.22
C PRO D 65 9.81 -12.17 -3.85
N THR D 66 8.81 -11.33 -3.62
CA THR D 66 8.63 -10.68 -2.31
C THR D 66 8.31 -11.78 -1.29
N LEU D 67 7.39 -12.67 -1.65
CA LEU D 67 7.03 -13.79 -0.77
C LEU D 67 8.24 -14.68 -0.56
N ASN D 68 9.00 -14.94 -1.61
CA ASN D 68 10.18 -15.80 -1.46
C ASN D 68 11.22 -15.25 -0.51
N LEU D 69 11.41 -13.94 -0.53
CA LEU D 69 12.32 -13.35 0.43
C LEU D 69 11.84 -13.56 1.87
N LEU D 70 10.57 -13.26 2.08
CA LEU D 70 9.98 -13.44 3.40
C LEU D 70 10.17 -14.89 3.86
N GLU D 71 9.89 -15.80 2.96
CA GLU D 71 9.98 -17.22 3.24
C GLU D 71 11.40 -17.66 3.61
N ALA D 72 12.38 -17.20 2.85
CA ALA D 72 13.77 -17.57 3.12
C ALA D 72 14.24 -16.97 4.44
N ARG D 73 13.77 -15.76 4.73
CA ARG D 73 14.14 -15.12 5.97
C ARG D 73 13.56 -15.84 7.19
N MET D 74 12.26 -16.19 7.14
CA MET D 74 11.66 -16.97 8.20
C MET D 74 12.30 -18.34 8.33
N ALA D 75 12.68 -18.96 7.22
CA ALA D 75 13.40 -20.26 7.29
C ALA D 75 14.72 -20.10 8.03
N SER D 76 15.48 -19.08 7.66
CA SER D 76 16.71 -18.79 8.41
C SER D 76 16.44 -18.59 9.92
N LEU D 77 15.46 -17.75 10.30
CA LEU D 77 15.22 -17.48 11.73
C LEU D 77 14.80 -18.72 12.52
N GLU D 78 14.01 -19.61 11.89
CA GLU D 78 13.60 -20.88 12.51
C GLU D 78 14.63 -22.02 12.45
N GLY D 79 15.69 -21.86 11.66
CA GLY D 79 16.62 -22.93 11.39
C GLY D 79 16.06 -24.05 10.53
N GLY D 80 15.18 -23.73 9.60
CA GLY D 80 14.63 -24.71 8.65
C GLY D 80 15.17 -24.51 7.26
N GLU D 81 14.96 -25.50 6.40
CA GLU D 81 15.43 -25.44 5.01
C GLU D 81 14.59 -24.54 4.13
N ALA D 82 13.27 -24.47 4.36
CA ALA D 82 12.42 -23.74 3.45
C ALA D 82 11.20 -23.16 4.15
N GLY D 83 10.64 -22.11 3.56
CA GLY D 83 9.51 -21.43 4.11
C GLY D 83 8.39 -21.26 3.11
N LEU D 84 7.20 -20.99 3.61
CA LEU D 84 6.03 -20.73 2.77
C LEU D 84 5.17 -19.69 3.47
N ALA D 85 4.73 -18.69 2.71
CA ALA D 85 3.91 -17.61 3.26
C ALA D 85 2.48 -17.75 2.76
N LEU D 86 1.53 -17.55 3.66
CA LEU D 86 0.10 -17.76 3.40
C LEU D 86 -0.74 -16.60 3.93
N ALA D 87 -2.00 -16.57 3.53
CA ALA D 87 -2.90 -15.45 3.83
C ALA D 87 -3.27 -15.29 5.31
N SER D 88 -3.13 -16.34 6.11
CA SER D 88 -3.44 -16.29 7.54
C SER D 88 -2.80 -17.45 8.23
N GLY D 89 -2.76 -17.39 9.56
CA GLY D 89 -2.38 -18.55 10.37
C GLY D 89 -3.20 -19.77 10.07
N MET D 90 -4.51 -19.59 9.95
CA MET D 90 -5.37 -20.74 9.56
C MET D 90 -5.04 -21.24 8.18
N GLY D 91 -4.68 -20.36 7.27
CA GLY D 91 -4.15 -20.76 5.98
C GLY D 91 -2.96 -21.70 6.05
N ALA D 92 -2.01 -21.36 6.90
CA ALA D 92 -0.82 -22.18 7.12
C ALA D 92 -1.18 -23.55 7.72
N ILE D 93 -2.08 -23.54 8.70
CA ILE D 93 -2.49 -24.79 9.42
C ILE D 93 -3.24 -25.70 8.48
N THR D 94 -4.25 -25.15 7.80
CA THR D 94 -5.09 -25.94 6.90
C THR D 94 -4.31 -26.42 5.68
N SER D 95 -3.50 -25.55 5.08
CA SER D 95 -2.73 -25.95 3.92
C SER D 95 -1.80 -27.13 4.29
N THR D 96 -1.23 -27.07 5.48
CA THR D 96 -0.34 -28.11 5.98
C THR D 96 -1.10 -29.42 6.21
N LEU D 97 -2.18 -29.36 7.00
CA LEU D 97 -2.91 -30.60 7.34
C LEU D 97 -3.65 -31.25 6.18
N TRP D 98 -4.21 -30.47 5.26
CA TRP D 98 -4.82 -31.05 4.07
C TRP D 98 -3.79 -31.78 3.20
N THR D 99 -2.53 -31.33 3.23
CA THR D 99 -1.48 -31.93 2.43
C THR D 99 -1.04 -33.23 3.07
N LEU D 100 -0.88 -33.24 4.39
CA LEU D 100 -0.27 -34.36 5.09
C LEU D 100 -1.24 -35.55 5.44
N LEU D 101 -2.53 -35.31 5.39
CA LEU D 101 -3.48 -36.31 5.90
C LEU D 101 -4.44 -36.76 4.83
N ARG D 102 -4.83 -38.04 4.88
CA ARG D 102 -5.88 -38.61 4.02
C ARG D 102 -6.80 -39.53 4.86
N PRO D 103 -7.99 -39.89 4.35
CA PRO D 103 -8.90 -40.75 5.14
C PRO D 103 -8.22 -42.02 5.61
N GLY D 104 -8.40 -42.37 6.87
CA GLY D 104 -7.70 -43.51 7.47
C GLY D 104 -6.50 -43.09 8.32
N ASP D 105 -5.90 -41.91 8.05
CA ASP D 105 -4.77 -41.46 8.86
C ASP D 105 -5.33 -40.98 10.16
N GLU D 106 -4.50 -41.05 11.19
CA GLU D 106 -4.82 -40.49 12.48
C GLU D 106 -3.87 -39.32 12.75
N VAL D 107 -4.42 -38.27 13.34
CA VAL D 107 -3.61 -37.16 13.85
C VAL D 107 -3.78 -37.14 15.37
N LEU D 108 -2.65 -37.17 16.09
CA LEU D 108 -2.64 -36.96 17.54
C LEU D 108 -2.48 -35.49 17.86
N LEU D 109 -3.36 -34.97 18.71
CA LEU D 109 -3.48 -33.55 18.99
C LEU D 109 -3.21 -33.20 20.44
N GLY D 110 -2.64 -32.02 20.66
CA GLY D 110 -2.46 -31.48 22.00
C GLY D 110 -3.81 -31.32 22.65
N ASN D 111 -3.83 -31.32 24.00
CA ASN D 111 -5.09 -31.31 24.72
C ASN D 111 -5.84 -30.00 24.54
N THR D 112 -5.13 -28.90 24.26
CA THR D 112 -5.79 -27.59 24.06
C THR D 112 -5.28 -26.91 22.79
N LEU D 113 -6.23 -26.42 21.99
CA LEU D 113 -5.95 -25.83 20.69
C LEU D 113 -6.72 -24.53 20.54
N TYR D 114 -6.13 -23.60 19.78
CA TYR D 114 -6.82 -22.42 19.30
C TYR D 114 -8.18 -22.86 18.71
N GLY D 115 -9.21 -22.05 18.98
CA GLY D 115 -10.60 -22.37 18.65
C GLY D 115 -10.85 -22.70 17.22
N CYS D 116 -10.34 -21.90 16.26
CA CYS D 116 -10.54 -22.26 14.85
C CYS D 116 -9.75 -23.52 14.45
N THR D 117 -8.62 -23.78 15.08
CA THR D 117 -7.89 -25.04 14.79
C THR D 117 -8.71 -26.24 15.25
N PHE D 118 -9.27 -26.12 16.44
CA PHE D 118 -10.12 -27.18 17.01
C PHE D 118 -11.32 -27.46 16.07
N ALA D 119 -11.98 -26.39 15.65
CA ALA D 119 -13.10 -26.47 14.75
C ALA D 119 -12.75 -27.08 13.39
N PHE D 120 -11.63 -26.67 12.82
CA PHE D 120 -11.15 -27.28 11.59
C PHE D 120 -10.98 -28.77 11.74
N LEU D 121 -10.32 -29.21 12.81
CA LEU D 121 -10.04 -30.62 13.02
C LEU D 121 -11.34 -31.42 13.26
N HIS D 122 -12.18 -30.98 14.18
CA HIS D 122 -13.37 -31.76 14.56
C HIS D 122 -14.52 -31.64 13.58
N HIS D 123 -14.77 -30.44 13.06
CA HIS D 123 -15.88 -30.17 12.16
C HIS D 123 -15.47 -30.06 10.70
N GLY D 124 -14.17 -30.02 10.41
CA GLY D 124 -13.69 -29.93 9.05
C GLY D 124 -13.05 -31.22 8.58
N ILE D 125 -11.72 -31.27 8.65
CA ILE D 125 -11.00 -32.43 8.14
C ILE D 125 -11.39 -33.76 8.84
N GLY D 126 -11.68 -33.69 10.14
CA GLY D 126 -12.22 -34.84 10.89
C GLY D 126 -13.51 -35.44 10.31
N GLU D 127 -14.32 -34.64 9.62
CA GLU D 127 -15.53 -35.14 8.95
C GLU D 127 -15.27 -35.71 7.57
N PHE D 128 -14.04 -35.65 7.09
CA PHE D 128 -13.69 -36.27 5.80
C PHE D 128 -12.88 -37.56 5.98
N GLY D 129 -13.05 -38.23 7.12
CA GLY D 129 -12.43 -39.56 7.32
C GLY D 129 -11.08 -39.63 8.03
N VAL D 130 -10.59 -38.50 8.53
CA VAL D 130 -9.35 -38.45 9.25
C VAL D 130 -9.68 -38.62 10.71
N LYS D 131 -8.95 -39.51 11.40
CA LYS D 131 -9.23 -39.78 12.81
C LYS D 131 -8.43 -38.86 13.71
N LEU D 132 -9.06 -38.36 14.77
CA LEU D 132 -8.45 -37.43 15.71
C LEU D 132 -8.32 -38.08 17.05
N ARG D 133 -7.24 -37.81 17.77
CA ARG D 133 -7.10 -38.21 19.16
C ARG D 133 -6.35 -37.13 19.91
N HIS D 134 -6.89 -36.73 21.05
CA HIS D 134 -6.26 -35.77 21.93
C HIS D 134 -5.42 -36.46 22.98
N VAL D 135 -4.25 -35.91 23.29
CA VAL D 135 -3.33 -36.48 24.29
C VAL D 135 -2.63 -35.35 24.99
N ASP D 136 -2.29 -35.57 26.25
CA ASP D 136 -1.49 -34.60 26.97
C ASP D 136 -0.07 -34.74 26.46
N MET D 137 0.43 -33.74 25.73
CA MET D 137 1.73 -33.81 25.08
C MET D 137 2.84 -33.52 26.08
N ALA D 138 2.47 -33.14 27.30
CA ALA D 138 3.44 -33.05 28.41
C ALA D 138 3.72 -34.42 29.05
N ASP D 139 2.85 -35.40 28.82
CA ASP D 139 2.96 -36.74 29.38
C ASP D 139 3.51 -37.63 28.28
N LEU D 140 4.82 -37.82 28.27
CA LEU D 140 5.45 -38.60 27.19
C LEU D 140 5.06 -40.09 27.19
N GLN D 141 4.77 -40.62 28.37
CA GLN D 141 4.28 -41.99 28.50
C GLN D 141 2.88 -42.13 27.87
N ALA D 142 1.96 -41.21 28.15
CA ALA D 142 0.66 -41.21 27.46
C ALA D 142 0.79 -41.06 25.92
N LEU D 143 1.63 -40.15 25.45
CA LEU D 143 1.87 -40.01 24.02
C LEU D 143 2.35 -41.33 23.41
N GLU D 144 3.35 -41.94 24.02
CA GLU D 144 3.84 -43.24 23.53
C GLU D 144 2.71 -44.29 23.47
N ALA D 145 1.90 -44.35 24.51
CA ALA D 145 0.81 -45.32 24.56
C ALA D 145 -0.29 -45.04 23.54
N ALA D 146 -0.46 -43.78 23.14
CA ALA D 146 -1.46 -43.40 22.12
C ALA D 146 -1.01 -43.63 20.67
N MET D 147 0.29 -43.83 20.43
CA MET D 147 0.78 -44.05 19.07
C MET D 147 0.18 -45.34 18.49
N THR D 148 -0.34 -45.28 17.26
CA THR D 148 -0.85 -46.45 16.56
C THR D 148 -0.14 -46.48 15.22
N PRO D 149 -0.24 -47.61 14.49
CA PRO D 149 0.32 -47.63 13.14
C PRO D 149 -0.32 -46.62 12.16
N ALA D 150 -1.55 -46.19 12.42
CA ALA D 150 -2.21 -45.20 11.56
C ALA D 150 -1.78 -43.74 11.86
N THR D 151 -1.10 -43.50 12.98
CA THR D 151 -0.68 -42.14 13.38
C THR D 151 0.29 -41.54 12.37
N ARG D 152 -0.17 -40.53 11.64
CA ARG D 152 0.61 -39.88 10.58
C ARG D 152 1.23 -38.52 11.03
N VAL D 153 0.50 -37.78 11.85
CA VAL D 153 0.86 -36.43 12.24
C VAL D 153 0.63 -36.28 13.73
N ILE D 154 1.56 -35.59 14.39
CA ILE D 154 1.39 -35.13 15.73
C ILE D 154 1.40 -33.61 15.64
N TYR D 155 0.36 -32.97 16.17
CA TYR D 155 0.14 -31.53 16.01
C TYR D 155 -0.18 -30.91 17.32
N PHE D 156 0.55 -29.87 17.70
CA PHE D 156 0.26 -29.17 18.95
C PHE D 156 0.84 -27.76 18.94
N GLU D 157 0.39 -26.97 19.91
CA GLU D 157 0.87 -25.64 20.14
C GLU D 157 1.66 -25.70 21.44
N SER D 158 2.73 -24.90 21.55
CA SER D 158 3.45 -24.84 22.83
C SER D 158 4.12 -23.48 22.91
N PRO D 159 3.77 -22.64 23.87
CA PRO D 159 2.66 -22.83 24.83
C PRO D 159 1.30 -22.79 24.15
N ALA D 160 0.32 -23.49 24.72
CA ALA D 160 -1.01 -23.61 24.07
C ALA D 160 -1.90 -22.41 24.31
N ASN D 161 -2.70 -22.06 23.28
CA ASN D 161 -3.63 -20.94 23.35
C ASN D 161 -4.94 -21.53 23.92
N PRO D 162 -5.40 -21.14 25.12
CA PRO D 162 -5.00 -19.94 25.85
C PRO D 162 -4.43 -20.19 27.23
N ASN D 163 -4.31 -21.45 27.63
CA ASN D 163 -3.98 -21.77 29.02
C ASN D 163 -2.46 -21.98 29.22
N MET D 164 -1.72 -21.89 28.12
CA MET D 164 -0.28 -21.99 28.11
C MET D 164 0.34 -23.33 28.53
N HIS D 165 -0.44 -24.41 28.41
N HIS D 165 -0.43 -24.40 28.38
CA HIS D 165 0.07 -25.76 28.56
CA HIS D 165 0.09 -25.75 28.52
C HIS D 165 1.23 -25.96 27.56
C HIS D 165 1.24 -25.96 27.55
N MET D 166 2.26 -26.65 28.01
CA MET D 166 3.48 -26.86 27.26
C MET D 166 3.60 -28.30 26.84
N ALA D 167 4.39 -28.55 25.79
CA ALA D 167 4.84 -29.92 25.48
C ALA D 167 6.37 -29.95 25.41
N ASP D 168 6.96 -31.12 25.64
CA ASP D 168 8.41 -31.33 25.46
C ASP D 168 8.63 -31.72 24.02
N ILE D 169 9.03 -30.74 23.23
CA ILE D 169 9.12 -30.89 21.78
C ILE D 169 10.14 -31.96 21.41
N ALA D 170 11.30 -31.95 22.07
CA ALA D 170 12.36 -32.94 21.78
C ALA D 170 11.91 -34.35 22.17
N GLY D 171 11.15 -34.44 23.25
CA GLY D 171 10.61 -35.72 23.70
C GLY D 171 9.57 -36.26 22.74
N VAL D 172 8.69 -35.36 22.27
CA VAL D 172 7.70 -35.73 21.25
C VAL D 172 8.42 -36.17 19.98
N ALA D 173 9.39 -35.38 19.52
CA ALA D 173 10.10 -35.71 18.29
C ALA D 173 10.74 -37.09 18.38
N LYS D 174 11.28 -37.43 19.54
CA LYS D 174 11.96 -38.73 19.70
C LYS D 174 10.96 -39.87 19.49
N ILE D 175 9.76 -39.74 20.06
CA ILE D 175 8.70 -40.75 19.90
C ILE D 175 8.27 -40.84 18.45
N ALA D 176 8.14 -39.68 17.81
CA ALA D 176 7.83 -39.62 16.40
C ALA D 176 8.91 -40.22 15.50
N ARG D 177 10.19 -40.08 15.83
CA ARG D 177 11.25 -40.71 15.01
C ARG D 177 11.13 -42.25 15.07
N LYS D 178 10.86 -42.76 16.26
CA LYS D 178 10.79 -44.19 16.49
C LYS D 178 9.57 -44.81 15.80
N HIS D 179 8.43 -44.13 15.79
CA HIS D 179 7.20 -44.67 15.19
C HIS D 179 6.93 -44.29 13.75
N GLY D 180 7.45 -43.13 13.33
CA GLY D 180 7.29 -42.68 11.95
C GLY D 180 6.08 -41.77 11.81
N ALA D 181 6.08 -40.64 12.52
CA ALA D 181 5.03 -39.61 12.41
C ALA D 181 5.68 -38.25 12.15
N THR D 182 4.96 -37.38 11.46
CA THR D 182 5.42 -36.03 11.17
C THR D 182 4.98 -35.10 12.28
N VAL D 183 5.91 -34.41 12.90
CA VAL D 183 5.61 -33.50 14.01
C VAL D 183 5.47 -32.03 13.53
N VAL D 184 4.34 -31.42 13.85
CA VAL D 184 3.96 -30.06 13.42
C VAL D 184 3.67 -29.24 14.66
N VAL D 185 4.46 -28.18 14.87
CA VAL D 185 4.32 -27.35 16.03
C VAL D 185 3.86 -25.93 15.64
N ASP D 186 2.79 -25.44 16.26
CA ASP D 186 2.36 -24.06 16.11
C ASP D 186 3.18 -23.23 17.11
N ASN D 187 4.06 -22.39 16.57
CA ASN D 187 5.04 -21.62 17.32
C ASN D 187 4.67 -20.14 17.41
N THR D 188 3.38 -19.85 17.24
CA THR D 188 2.87 -18.47 17.20
C THR D 188 3.29 -17.69 18.45
N TYR D 189 3.02 -18.25 19.62
CA TYR D 189 3.28 -17.54 20.90
C TYR D 189 4.76 -17.13 21.13
N CYS D 190 5.70 -18.02 20.81
CA CYS D 190 7.12 -17.74 21.07
C CYS D 190 7.83 -16.95 19.97
N THR D 191 7.51 -17.25 18.71
CA THR D 191 8.29 -16.84 17.56
C THR D 191 9.65 -17.57 17.57
N PRO D 192 10.38 -17.57 16.44
CA PRO D 192 11.72 -18.16 16.42
C PRO D 192 12.70 -17.41 17.28
N TYR D 193 12.37 -16.19 17.72
CA TYR D 193 13.28 -15.50 18.63
C TYR D 193 13.37 -16.19 20.00
N LEU D 194 12.27 -16.81 20.44
CA LEU D 194 12.20 -17.42 21.77
C LEU D 194 12.29 -18.93 21.80
N GLN D 195 11.92 -19.57 20.69
CA GLN D 195 11.82 -21.02 20.62
C GLN D 195 11.91 -21.45 19.18
N ARG D 196 12.68 -22.50 18.93
CA ARG D 196 12.82 -23.00 17.57
C ARG D 196 12.56 -24.50 17.52
N PRO D 197 11.28 -24.89 17.36
CA PRO D 197 10.95 -26.31 17.38
C PRO D 197 11.68 -27.19 16.37
N LEU D 198 12.03 -26.65 15.22
CA LEU D 198 12.75 -27.45 14.23
C LEU D 198 14.14 -27.82 14.74
N GLU D 199 14.74 -26.98 15.56
CA GLU D 199 16.04 -27.29 16.13
C GLU D 199 15.93 -28.31 17.27
N LEU D 200 14.74 -28.52 17.80
CA LEU D 200 14.46 -29.56 18.80
C LEU D 200 13.92 -30.87 18.21
N GLY D 201 13.74 -30.94 16.90
CA GLY D 201 13.39 -32.16 16.21
C GLY D 201 12.04 -32.19 15.52
N ALA D 202 11.23 -31.13 15.64
CA ALA D 202 10.00 -31.03 14.86
C ALA D 202 10.26 -31.03 13.35
N ASP D 203 9.32 -31.54 12.57
CA ASP D 203 9.43 -31.54 11.13
C ASP D 203 8.96 -30.21 10.54
N LEU D 204 7.92 -29.61 11.12
CA LEU D 204 7.28 -28.42 10.55
C LEU D 204 6.88 -27.49 11.66
N VAL D 205 6.99 -26.20 11.45
CA VAL D 205 6.42 -25.22 12.33
C VAL D 205 5.45 -24.35 11.56
N VAL D 206 4.39 -23.92 12.22
CA VAL D 206 3.41 -23.00 11.65
C VAL D 206 3.26 -21.78 12.56
N HIS D 207 2.97 -20.65 11.97
CA HIS D 207 2.70 -19.42 12.70
C HIS D 207 1.48 -18.71 12.20
N SER D 208 0.77 -18.07 13.11
CA SER D 208 -0.02 -16.88 12.80
C SER D 208 0.93 -15.69 12.86
N ALA D 209 1.40 -15.28 11.69
CA ALA D 209 2.31 -14.15 11.55
C ALA D 209 1.58 -12.82 11.80
N THR D 210 0.26 -12.91 11.82
CA THR D 210 -0.65 -11.85 12.25
C THR D 210 -0.30 -11.32 13.64
N LYS D 211 0.32 -12.15 14.45
CA LYS D 211 0.63 -11.83 15.84
C LYS D 211 2.01 -11.18 15.94
N TYR D 212 2.91 -11.71 16.76
CA TYR D 212 4.16 -11.06 17.08
C TYR D 212 5.08 -10.81 15.88
N LEU D 213 5.07 -11.70 14.90
CA LEU D 213 5.92 -11.52 13.72
C LEU D 213 5.65 -10.18 13.01
N SER D 214 4.39 -9.91 12.69
CA SER D 214 3.95 -8.61 12.20
C SER D 214 4.21 -7.56 13.28
N GLY D 215 3.69 -7.85 14.48
CA GLY D 215 3.87 -6.96 15.63
C GLY D 215 2.98 -5.74 15.74
N HIS D 216 2.30 -5.35 14.65
CA HIS D 216 1.60 -4.07 14.59
C HIS D 216 0.13 -4.16 14.24
N GLY D 217 -0.42 -5.36 14.22
CA GLY D 217 -1.87 -5.59 14.05
C GLY D 217 -2.52 -5.14 12.76
N ASP D 218 -1.73 -4.94 11.70
CA ASP D 218 -2.23 -4.41 10.44
C ASP D 218 -2.30 -5.41 9.30
N ILE D 219 -1.86 -6.64 9.49
CA ILE D 219 -1.99 -7.64 8.45
C ILE D 219 -2.50 -8.94 9.07
N THR D 220 -3.06 -9.78 8.22
CA THR D 220 -3.29 -11.17 8.54
C THR D 220 -2.32 -11.98 7.66
N ALA D 221 -1.64 -12.97 8.26
CA ALA D 221 -0.65 -13.78 7.56
C ALA D 221 -0.28 -15.07 8.28
N GLY D 222 0.16 -16.03 7.49
CA GLY D 222 0.66 -17.28 8.03
C GLY D 222 2.00 -17.67 7.43
N ILE D 223 2.73 -18.48 8.16
CA ILE D 223 4.01 -19.02 7.74
C ILE D 223 4.06 -20.50 8.11
N VAL D 224 4.64 -21.29 7.21
CA VAL D 224 5.07 -22.66 7.45
C VAL D 224 6.59 -22.72 7.16
N VAL D 225 7.34 -23.36 8.06
CA VAL D 225 8.78 -23.63 7.86
C VAL D 225 9.07 -25.11 8.12
N GLY D 226 9.94 -25.68 7.33
CA GLY D 226 10.32 -27.07 7.48
C GLY D 226 11.29 -27.49 6.39
N SER D 227 11.33 -28.80 6.15
CA SER D 227 12.18 -29.36 5.11
C SER D 227 11.70 -28.91 3.73
N GLN D 228 12.63 -28.83 2.78
CA GLN D 228 12.32 -28.49 1.41
C GLN D 228 11.23 -29.40 0.84
N ALA D 229 11.37 -30.70 1.08
CA ALA D 229 10.42 -31.66 0.54
C ALA D 229 9.01 -31.40 1.13
N LEU D 230 8.88 -31.24 2.44
CA LEU D 230 7.52 -31.06 3.00
C LEU D 230 6.93 -29.71 2.62
N VAL D 231 7.75 -28.65 2.64
CA VAL D 231 7.26 -27.30 2.28
C VAL D 231 6.89 -27.24 0.80
N ASP D 232 7.67 -27.84 -0.10
CA ASP D 232 7.29 -27.91 -1.51
C ASP D 232 5.91 -28.61 -1.69
N ARG D 233 5.69 -29.69 -0.94
CA ARG D 233 4.45 -30.45 -1.06
C ARG D 233 3.26 -29.59 -0.59
N ILE D 234 3.46 -28.85 0.50
CA ILE D 234 2.44 -27.97 1.04
C ILE D 234 2.14 -26.84 0.05
N ARG D 235 3.18 -26.28 -0.57
CA ARG D 235 3.01 -25.24 -1.56
C ARG D 235 2.19 -25.72 -2.74
N LEU D 236 2.57 -26.89 -3.25
CA LEU D 236 2.02 -27.34 -4.52
C LEU D 236 0.72 -28.13 -4.41
N GLN D 237 0.31 -28.51 -3.20
CA GLN D 237 -0.96 -29.28 -3.00
C GLN D 237 -1.88 -28.48 -2.08
N GLY D 238 -1.48 -28.31 -0.83
CA GLY D 238 -2.24 -27.52 0.12
C GLY D 238 -2.62 -26.14 -0.34
N LEU D 239 -1.62 -25.30 -0.61
CA LEU D 239 -1.84 -23.92 -0.98
C LEU D 239 -2.44 -23.79 -2.40
N LYS D 240 -1.76 -24.37 -3.38
CA LYS D 240 -2.14 -24.22 -4.80
C LYS D 240 -3.55 -24.70 -5.12
N ASP D 241 -3.90 -25.87 -4.58
CA ASP D 241 -5.14 -26.57 -4.93
C ASP D 241 -6.21 -26.65 -3.84
N MET D 242 -5.84 -26.73 -2.56
CA MET D 242 -6.82 -27.04 -1.50
C MET D 242 -7.29 -25.85 -0.64
N THR D 243 -6.51 -24.78 -0.57
CA THR D 243 -6.93 -23.58 0.15
C THR D 243 -6.93 -22.26 -0.65
N GLY D 244 -5.97 -22.09 -1.57
CA GLY D 244 -5.82 -20.82 -2.25
C GLY D 244 -5.55 -19.68 -1.28
N ALA D 245 -4.95 -19.97 -0.12
CA ALA D 245 -4.71 -18.93 0.87
C ALA D 245 -3.41 -18.13 0.56
N VAL D 246 -3.49 -17.32 -0.49
CA VAL D 246 -2.33 -16.58 -1.02
C VAL D 246 -2.09 -15.31 -0.24
N LEU D 247 -0.85 -15.08 0.18
CA LEU D 247 -0.52 -13.82 0.87
C LEU D 247 -0.27 -12.69 -0.13
N SER D 248 -0.88 -11.52 0.10
CA SER D 248 -0.60 -10.34 -0.71
C SER D 248 0.90 -9.92 -0.60
N PRO D 249 1.57 -9.63 -1.72
CA PRO D 249 2.92 -9.06 -1.60
C PRO D 249 3.00 -7.80 -0.75
N HIS D 250 1.96 -6.97 -0.78
CA HIS D 250 1.93 -5.77 0.08
C HIS D 250 2.05 -6.19 1.54
N ASP D 251 1.27 -7.18 1.92
CA ASP D 251 1.28 -7.64 3.29
C ASP D 251 2.58 -8.37 3.68
N ALA D 252 3.14 -9.15 2.76
CA ALA D 252 4.43 -9.79 2.98
C ALA D 252 5.53 -8.74 3.23
N ALA D 253 5.50 -7.63 2.50
CA ALA D 253 6.46 -6.55 2.72
C ALA D 253 6.29 -5.95 4.11
N LEU D 254 5.04 -5.75 4.54
CA LEU D 254 4.77 -5.24 5.87
C LEU D 254 5.21 -6.23 6.97
N LEU D 255 4.99 -7.52 6.73
CA LEU D 255 5.44 -8.52 7.64
C LEU D 255 6.99 -8.50 7.76
N MET D 256 7.68 -8.42 6.64
CA MET D 256 9.15 -8.29 6.68
C MET D 256 9.57 -7.06 7.45
N ARG D 257 8.86 -5.95 7.26
CA ARG D 257 9.17 -4.72 7.97
C ARG D 257 9.07 -4.98 9.47
N GLY D 258 8.03 -5.67 9.91
CA GLY D 258 7.87 -6.03 11.31
C GLY D 258 8.93 -6.96 11.86
N ILE D 259 9.31 -7.97 11.08
CA ILE D 259 10.35 -8.91 11.47
C ILE D 259 11.66 -8.19 11.76
N LYS D 260 11.93 -7.07 11.10
CA LYS D 260 13.17 -6.31 11.39
C LYS D 260 13.34 -5.82 12.83
N THR D 261 12.24 -5.64 13.57
CA THR D 261 12.29 -5.27 15.00
C THR D 261 11.85 -6.39 15.92
N LEU D 262 11.77 -7.63 15.44
CA LEU D 262 11.22 -8.72 16.26
C LEU D 262 11.96 -8.91 17.58
N ASN D 263 13.31 -8.91 17.53
CA ASN D 263 14.10 -9.10 18.74
C ASN D 263 13.82 -8.01 19.77
N LEU D 264 13.73 -6.76 19.30
CA LEU D 264 13.59 -5.64 20.19
C LEU D 264 12.18 -5.65 20.82
N ARG D 265 11.16 -5.95 20.02
CA ARG D 265 9.77 -6.00 20.49
C ARG D 265 9.56 -7.13 21.48
N MET D 266 10.03 -8.33 21.15
CA MET D 266 9.91 -9.46 22.04
C MET D 266 10.59 -9.21 23.39
N ASP D 267 11.79 -8.59 23.39
CA ASP D 267 12.47 -8.26 24.63
C ASP D 267 11.56 -7.39 25.51
N ARG D 268 10.89 -6.43 24.90
CA ARG D 268 10.06 -5.49 25.66
C ARG D 268 8.73 -6.16 26.08
N HIS D 269 8.10 -6.91 25.19
CA HIS D 269 6.90 -7.64 25.56
C HIS D 269 7.19 -8.51 26.81
N CYS D 270 8.30 -9.24 26.77
CA CYS D 270 8.70 -10.14 27.83
C CYS D 270 9.03 -9.42 29.12
N ALA D 271 9.77 -8.32 29.04
CA ALA D 271 10.12 -7.55 30.26
C ALA D 271 8.86 -6.94 30.87
N ASN D 272 7.98 -6.38 30.03
CA ASN D 272 6.69 -5.85 30.52
C ASN D 272 5.82 -6.93 31.18
N ALA D 273 5.62 -8.06 30.51
CA ALA D 273 4.79 -9.13 31.06
C ALA D 273 5.36 -9.66 32.40
N GLN D 274 6.69 -9.75 32.51
CA GLN D 274 7.34 -10.22 33.75
C GLN D 274 7.01 -9.31 34.93
N VAL D 275 7.15 -8.01 34.73
CA VAL D 275 6.80 -7.04 35.77
C VAL D 275 5.31 -7.11 36.11
N LEU D 276 4.49 -7.24 35.09
CA LEU D 276 3.05 -7.35 35.29
C LEU D 276 2.62 -8.63 36.00
N ALA D 277 3.21 -9.75 35.62
CA ALA D 277 2.91 -11.03 36.24
C ALA D 277 3.31 -11.08 37.74
N GLU D 278 4.48 -10.57 38.08
CA GLU D 278 4.92 -10.48 39.48
C GLU D 278 4.02 -9.55 40.26
N PHE D 279 3.63 -8.44 39.64
CA PHE D 279 2.66 -7.54 40.24
C PHE D 279 1.31 -8.21 40.52
N LEU D 280 0.80 -8.99 39.57
CA LEU D 280 -0.51 -9.62 39.69
C LEU D 280 -0.53 -10.77 40.71
N ALA D 281 0.57 -11.51 40.78
CA ALA D 281 0.69 -12.59 41.74
C ALA D 281 0.62 -12.14 43.19
N ARG D 282 0.93 -10.88 43.48
CA ARG D 282 0.85 -10.32 44.82
C ARG D 282 -0.48 -9.63 45.16
N GLN D 283 -1.48 -9.70 44.27
CA GLN D 283 -2.71 -8.91 44.45
C GLN D 283 -3.78 -9.75 45.09
N PRO D 284 -4.54 -9.15 46.05
CA PRO D 284 -5.67 -9.82 46.73
C PRO D 284 -6.66 -10.56 45.83
N GLN D 285 -7.12 -9.97 44.72
CA GLN D 285 -8.21 -10.63 43.94
C GLN D 285 -7.81 -11.84 43.11
N VAL D 286 -6.52 -12.07 42.89
CA VAL D 286 -6.09 -13.12 41.98
C VAL D 286 -6.16 -14.52 42.57
N GLU D 287 -7.05 -15.35 42.03
CA GLU D 287 -7.17 -16.77 42.36
C GLU D 287 -5.86 -17.48 41.93
N LEU D 288 -5.65 -17.69 40.63
CA LEU D 288 -4.40 -18.23 40.10
C LEU D 288 -3.88 -17.34 38.94
N ILE D 289 -2.57 -17.38 38.71
CA ILE D 289 -1.92 -16.70 37.56
C ILE D 289 -0.92 -17.66 36.93
N HIS D 290 -1.09 -17.87 35.63
CA HIS D 290 -0.18 -18.67 34.82
C HIS D 290 0.68 -17.76 33.93
N TYR D 291 1.96 -17.61 34.29
CA TYR D 291 2.97 -16.94 33.46
C TYR D 291 4.26 -17.78 33.52
N PRO D 292 4.81 -18.21 32.35
CA PRO D 292 5.99 -19.08 32.37
C PRO D 292 7.19 -18.55 33.18
N GLY D 293 7.27 -17.24 33.37
CA GLY D 293 8.33 -16.62 34.16
C GLY D 293 8.20 -16.67 35.67
N LEU D 294 7.10 -17.23 36.19
CA LEU D 294 6.90 -17.36 37.64
C LEU D 294 7.15 -18.80 37.99
N ALA D 295 7.85 -19.05 39.10
CA ALA D 295 8.10 -20.40 39.63
C ALA D 295 6.81 -21.17 39.93
N SER D 296 5.70 -20.49 40.16
CA SER D 296 4.41 -21.16 40.29
C SER D 296 3.84 -21.75 38.99
N PHE D 297 4.44 -21.45 37.85
CA PHE D 297 3.93 -21.93 36.60
C PHE D 297 4.07 -23.45 36.57
N PRO D 298 2.95 -24.18 36.32
CA PRO D 298 2.97 -25.65 36.44
C PRO D 298 4.11 -26.40 35.74
N GLN D 299 4.54 -25.92 34.57
CA GLN D 299 5.62 -26.58 33.83
C GLN D 299 6.85 -25.65 33.72
N TYR D 300 7.17 -25.03 34.85
CA TYR D 300 8.18 -23.97 34.92
C TYR D 300 9.51 -24.40 34.33
N THR D 301 9.97 -25.61 34.66
CA THR D 301 11.31 -26.04 34.20
C THR D 301 11.32 -26.37 32.69
N LEU D 302 10.20 -26.88 32.20
CA LEU D 302 10.04 -27.16 30.77
C LEU D 302 10.05 -25.84 29.97
N ALA D 303 9.34 -24.84 30.45
CA ALA D 303 9.38 -23.49 29.91
C ALA D 303 10.79 -22.92 29.86
N ARG D 304 11.52 -23.00 30.98
CA ARG D 304 12.92 -22.53 31.05
C ARG D 304 13.83 -23.27 30.09
N GLN D 305 13.54 -24.54 29.87
CA GLN D 305 14.35 -25.38 29.02
C GLN D 305 14.12 -25.09 27.52
N GLN D 306 12.88 -24.85 27.09
CA GLN D 306 12.57 -24.64 25.67
C GLN D 306 12.51 -23.19 25.21
N MET D 307 12.17 -22.26 26.11
CA MET D 307 11.89 -20.88 25.72
C MET D 307 13.00 -20.02 26.28
N SER D 308 13.64 -19.18 25.47
CA SER D 308 14.73 -18.36 26.02
C SER D 308 14.23 -17.21 26.89
N GLN D 309 12.96 -16.83 26.75
CA GLN D 309 12.32 -15.85 27.62
C GLN D 309 10.86 -16.24 27.79
N PRO D 310 10.20 -15.74 28.84
CA PRO D 310 8.90 -16.32 29.18
C PRO D 310 7.66 -15.83 28.43
N GLY D 311 7.79 -14.88 27.51
CA GLY D 311 6.71 -14.54 26.63
C GLY D 311 5.97 -13.30 27.06
N GLY D 312 5.04 -12.91 26.21
CA GLY D 312 4.26 -11.70 26.43
C GLY D 312 2.84 -11.98 26.90
N MET D 313 2.48 -13.24 27.12
CA MET D 313 1.08 -13.62 27.41
C MET D 313 0.90 -13.95 28.87
N ILE D 314 -0.21 -13.50 29.49
CA ILE D 314 -0.56 -13.86 30.86
C ILE D 314 -1.99 -14.41 30.86
N ALA D 315 -2.20 -15.57 31.49
CA ALA D 315 -3.54 -16.08 31.78
C ALA D 315 -3.71 -16.11 33.29
N PHE D 316 -4.81 -15.55 33.75
CA PHE D 316 -5.11 -15.50 35.17
C PHE D 316 -6.61 -15.53 35.48
N GLU D 317 -6.92 -15.62 36.77
CA GLU D 317 -8.29 -15.74 37.26
C GLU D 317 -8.46 -14.90 38.50
N LEU D 318 -9.58 -14.18 38.55
CA LEU D 318 -9.93 -13.41 39.73
C LEU D 318 -10.84 -14.26 40.64
N LYS D 319 -10.84 -13.93 41.93
CA LYS D 319 -11.84 -14.44 42.87
C LYS D 319 -13.13 -13.67 42.63
N GLY D 320 -14.18 -14.39 42.26
CA GLY D 320 -15.41 -13.78 41.74
C GLY D 320 -15.87 -14.42 40.43
N GLY D 321 -14.99 -15.20 39.78
CA GLY D 321 -15.32 -16.03 38.61
C GLY D 321 -15.41 -15.29 37.29
N ILE D 322 -16.30 -15.76 36.41
CA ILE D 322 -16.92 -14.93 35.35
C ILE D 322 -17.24 -13.50 35.86
N GLY D 323 -18.03 -13.42 36.94
CA GLY D 323 -18.56 -12.18 37.46
C GLY D 323 -17.53 -11.09 37.58
N ALA D 324 -16.48 -11.35 38.37
CA ALA D 324 -15.42 -10.34 38.58
C ALA D 324 -14.57 -10.05 37.33
N GLY D 325 -14.39 -11.07 36.48
CA GLY D 325 -13.65 -10.94 35.22
C GLY D 325 -14.27 -9.90 34.31
N ARG D 326 -15.57 -10.04 34.05
CA ARG D 326 -16.36 -9.00 33.40
C ARG D 326 -16.07 -7.56 33.92
N ARG D 327 -16.07 -7.36 35.24
CA ARG D 327 -15.92 -5.98 35.79
C ARG D 327 -14.49 -5.41 35.73
N PHE D 328 -13.51 -6.31 35.75
CA PHE D 328 -12.10 -5.92 35.62
C PHE D 328 -11.87 -5.46 34.17
N MET D 329 -12.14 -6.38 33.25
CA MET D 329 -11.97 -6.14 31.81
C MET D 329 -12.71 -4.87 31.39
N ASN D 330 -13.90 -4.62 31.93
CA ASN D 330 -14.67 -3.41 31.60
C ASN D 330 -14.16 -2.11 32.16
N ALA D 331 -13.41 -2.13 33.26
CA ALA D 331 -12.79 -0.89 33.78
C ALA D 331 -11.41 -0.53 33.15
N LEU D 332 -10.85 -1.39 32.31
CA LEU D 332 -9.55 -1.10 31.66
C LEU D 332 -9.67 0.10 30.74
N GLN D 333 -8.73 1.04 30.85
CA GLN D 333 -8.71 2.21 30.00
C GLN D 333 -7.50 2.28 29.02
N LEU D 334 -6.38 1.61 29.32
CA LEU D 334 -5.24 1.59 28.43
C LEU D 334 -5.20 0.28 27.64
N PHE D 335 -5.28 -0.84 28.34
CA PHE D 335 -5.60 -2.13 27.72
C PHE D 335 -6.90 -1.99 26.91
N SER D 336 -7.02 -2.67 25.77
CA SER D 336 -8.26 -2.75 25.01
C SER D 336 -8.86 -4.12 25.16
N ARG D 337 -10.17 -4.17 25.02
CA ARG D 337 -10.90 -5.44 25.05
C ARG D 337 -10.98 -5.95 23.62
N ALA D 338 -10.30 -7.04 23.32
CA ALA D 338 -10.15 -7.49 21.94
C ALA D 338 -9.48 -8.87 21.89
N VAL D 339 -9.76 -9.66 20.87
CA VAL D 339 -8.94 -10.85 20.54
C VAL D 339 -7.71 -10.40 19.78
N SER D 340 -6.83 -11.36 19.54
CA SER D 340 -5.51 -11.16 18.93
C SER D 340 -4.49 -11.01 20.03
N LEU D 341 -3.23 -10.98 19.61
CA LEU D 341 -2.13 -10.88 20.51
C LEU D 341 -0.90 -10.48 19.74
N GLY D 342 0.13 -10.09 20.47
CA GLY D 342 1.40 -9.74 19.86
C GLY D 342 1.39 -8.43 19.12
N ASP D 343 0.48 -7.53 19.50
CA ASP D 343 0.43 -6.18 18.98
C ASP D 343 1.19 -5.26 19.88
N ALA D 344 1.53 -4.09 19.37
CA ALA D 344 2.11 -3.03 20.21
C ALA D 344 1.15 -2.61 21.35
N GLU D 345 -0.15 -2.67 21.10
CA GLU D 345 -1.20 -2.30 22.04
C GLU D 345 -1.49 -3.50 22.95
N SER D 346 -1.64 -3.25 24.24
CA SER D 346 -1.95 -4.26 25.23
C SER D 346 -3.44 -4.61 25.12
N LEU D 347 -3.74 -5.89 25.15
CA LEU D 347 -5.08 -6.41 24.91
C LEU D 347 -5.49 -7.37 26.03
N ALA D 348 -6.80 -7.47 26.27
CA ALA D 348 -7.40 -8.38 27.25
C ALA D 348 -8.67 -9.01 26.64
N GLN D 349 -8.86 -10.33 26.83
CA GLN D 349 -10.02 -11.04 26.27
C GLN D 349 -10.41 -12.22 27.14
N HIS D 350 -11.53 -12.85 26.74
CA HIS D 350 -12.19 -13.91 27.50
C HIS D 350 -12.37 -15.16 26.59
N PRO D 351 -11.39 -16.09 26.64
CA PRO D 351 -11.41 -17.26 25.75
C PRO D 351 -12.79 -17.97 25.63
N ALA D 352 -13.46 -18.22 26.77
CA ALA D 352 -14.67 -19.04 26.78
C ALA D 352 -15.84 -18.48 25.98
N SER D 353 -15.97 -17.15 25.90
CA SER D 353 -17.01 -16.50 25.08
C SER D 353 -16.41 -15.82 23.83
N MET D 354 -15.11 -15.98 23.58
CA MET D 354 -14.47 -15.31 22.44
C MET D 354 -13.65 -16.27 21.55
N THR D 355 -12.33 -16.27 21.66
CA THR D 355 -11.46 -17.15 20.89
C THR D 355 -11.74 -18.69 21.03
N HIS D 356 -12.44 -19.11 22.08
CA HIS D 356 -12.83 -20.53 22.27
C HIS D 356 -14.35 -20.68 22.41
N SER D 357 -15.12 -19.74 21.85
CA SER D 357 -16.58 -19.85 21.82
C SER D 357 -17.05 -21.01 20.95
N SER D 358 -16.26 -21.37 19.93
CA SER D 358 -16.55 -22.54 19.04
C SER D 358 -16.62 -23.90 19.77
N TYR D 359 -15.86 -24.03 20.87
CA TYR D 359 -15.95 -25.19 21.78
C TYR D 359 -17.30 -25.16 22.51
N THR D 360 -17.91 -26.33 22.72
CA THR D 360 -19.10 -26.42 23.61
C THR D 360 -18.67 -26.08 25.06
N PRO D 361 -19.64 -25.78 25.96
CA PRO D 361 -19.29 -25.61 27.39
C PRO D 361 -18.55 -26.84 27.98
N GLU D 362 -19.02 -28.05 27.66
CA GLU D 362 -18.39 -29.31 28.08
C GLU D 362 -16.96 -29.47 27.59
N GLU D 363 -16.75 -29.24 26.29
CA GLU D 363 -15.41 -29.29 25.66
C GLU D 363 -14.41 -28.29 26.30
N ARG D 364 -14.88 -27.12 26.70
CA ARG D 364 -14.06 -26.14 27.44
C ARG D 364 -13.57 -26.63 28.83
N ALA D 365 -14.47 -27.23 29.63
CA ALA D 365 -14.08 -27.87 30.89
C ALA D 365 -13.17 -29.11 30.65
N HIS D 366 -13.44 -29.92 29.62
CA HIS D 366 -12.60 -31.10 29.32
C HIS D 366 -11.18 -30.76 28.80
N TYR D 367 -11.06 -29.73 27.96
CA TYR D 367 -9.76 -29.33 27.38
C TYR D 367 -9.07 -28.15 28.10
N GLY D 368 -9.47 -27.89 29.34
CA GLY D 368 -8.72 -26.97 30.23
C GLY D 368 -8.92 -25.49 29.95
N ILE D 369 -10.16 -25.12 29.63
CA ILE D 369 -10.55 -23.71 29.37
C ILE D 369 -11.67 -23.34 30.33
N SER D 370 -11.30 -22.72 31.45
CA SER D 370 -12.25 -22.35 32.50
C SER D 370 -13.13 -21.20 32.07
N GLU D 371 -14.21 -21.03 32.83
CA GLU D 371 -15.12 -19.88 32.68
C GLU D 371 -14.54 -18.57 33.23
N GLY D 372 -13.69 -18.60 34.27
CA GLY D 372 -13.12 -17.37 34.83
C GLY D 372 -11.79 -16.88 34.21
N LEU D 373 -11.29 -17.60 33.20
CA LEU D 373 -9.98 -17.32 32.58
C LEU D 373 -10.00 -15.99 31.83
N VAL D 374 -9.01 -15.16 32.14
CA VAL D 374 -8.77 -13.84 31.53
C VAL D 374 -7.36 -13.85 30.96
N ARG D 375 -7.26 -13.69 29.64
CA ARG D 375 -5.99 -13.70 28.92
C ARG D 375 -5.57 -12.26 28.63
N LEU D 376 -4.32 -11.94 28.95
CA LEU D 376 -3.68 -10.67 28.63
C LEU D 376 -2.56 -10.85 27.61
N SER D 377 -2.57 -10.03 26.57
CA SER D 377 -1.42 -9.89 25.66
C SER D 377 -0.79 -8.57 26.04
N VAL D 378 0.41 -8.63 26.61
CA VAL D 378 1.05 -7.45 27.15
C VAL D 378 1.79 -6.77 26.00
N GLY D 379 1.52 -5.48 25.82
CA GLY D 379 2.07 -4.72 24.75
C GLY D 379 3.37 -4.02 25.08
N LEU D 380 3.64 -2.97 24.31
CA LEU D 380 4.92 -2.28 24.34
C LEU D 380 4.85 -0.95 25.05
N GLU D 381 3.71 -0.63 25.63
CA GLU D 381 3.56 0.63 26.38
C GLU D 381 4.45 0.67 27.62
N ASP D 382 4.65 1.86 28.15
CA ASP D 382 5.38 2.08 29.40
C ASP D 382 4.77 1.25 30.52
N ILE D 383 5.61 0.45 31.16
CA ILE D 383 5.13 -0.46 32.21
C ILE D 383 4.40 0.25 33.39
N ASP D 384 4.81 1.43 33.75
CA ASP D 384 4.11 2.20 34.81
C ASP D 384 2.67 2.51 34.45
N ASP D 385 2.42 2.82 33.17
CA ASP D 385 1.06 3.06 32.68
C ASP D 385 0.22 1.80 32.68
N LEU D 386 0.80 0.67 32.28
CA LEU D 386 0.07 -0.59 32.29
C LEU D 386 -0.23 -1.06 33.71
N LEU D 387 0.72 -0.85 34.62
CA LEU D 387 0.50 -1.22 36.03
C LEU D 387 -0.63 -0.39 36.62
N ALA D 388 -0.59 0.92 36.41
CA ALA D 388 -1.65 1.83 36.89
C ALA D 388 -3.01 1.42 36.37
N ASP D 389 -3.09 1.02 35.09
CA ASP D 389 -4.36 0.61 34.52
C ASP D 389 -4.88 -0.67 35.13
N VAL D 390 -4.02 -1.66 35.26
CA VAL D 390 -4.42 -2.93 35.85
C VAL D 390 -4.77 -2.75 37.35
N GLN D 391 -4.01 -1.90 38.05
CA GLN D 391 -4.25 -1.59 39.49
C GLN D 391 -5.65 -1.00 39.71
N GLN D 392 -5.98 0.07 38.98
CA GLN D 392 -7.32 0.69 39.07
C GLN D 392 -8.47 -0.24 38.66
N ALA D 393 -8.23 -1.12 37.68
CA ALA D 393 -9.26 -2.05 37.24
C ALA D 393 -9.51 -3.17 38.25
N LEU D 394 -8.45 -3.62 38.92
CA LEU D 394 -8.57 -4.58 40.04
C LEU D 394 -9.45 -4.01 41.18
N LYS D 395 -9.18 -2.79 41.56
CA LYS D 395 -9.98 -2.04 42.52
C LYS D 395 -11.44 -2.05 42.11
N ALA D 396 -11.72 -1.61 40.88
CA ALA D 396 -13.09 -1.58 40.35
C ALA D 396 -13.75 -2.97 40.21
N SER D 397 -12.97 -4.03 40.16
CA SER D 397 -13.51 -5.40 40.17
C SER D 397 -13.88 -5.94 41.56
N ALA D 398 -13.48 -5.22 42.63
CA ALA D 398 -13.81 -5.63 44.00
C ALA D 398 -15.33 -5.57 44.24
C 4LM E . -10.16 21.88 -7.86
N 4LM E . -7.79 21.86 -8.30
O1 4LM E . -10.39 22.86 -8.63
P 4LM E . -3.33 19.74 -6.49
N1 4LM E . -4.17 23.05 -11.52
C2 4LM E . -5.55 22.95 -11.69
C3 4LM E . -6.30 22.50 -10.61
O3 4LM E . -7.64 22.42 -10.77
C4 4LM E . -5.69 22.12 -9.38
C5 4LM E . -4.30 22.30 -9.24
C6 4LM E . -3.59 22.74 -10.36
CA 4LM E . -8.73 21.61 -7.35
CB 4LM E . -8.42 21.36 -5.98
CG 4LM E . -9.48 21.13 -4.90
C2A 4LM E . -6.16 23.33 -13.04
C4A 4LM E . -6.52 21.70 -8.21
C5A 4LM E . -3.59 21.97 -8.06
OP1 4LM E . -3.04 18.31 -6.84
OP2 4LM E . -4.59 19.83 -5.75
OP3 4LM E . -2.20 20.36 -5.78
OP4 4LM E . -3.51 20.53 -7.92
O2 4LM E . -11.11 21.12 -7.61
S H2S F . -8.72 23.63 -2.32
C 4LM G . 21.40 12.30 4.60
N 4LM G . 19.54 13.84 4.93
O1 4LM G . 21.72 11.12 4.38
P 4LM G . 14.62 14.59 3.21
N1 4LM G . 17.50 17.53 7.53
C2 4LM G . 18.52 16.67 7.83
C3 4LM G . 18.79 15.68 6.91
O3 4LM G . 19.79 14.79 7.21
C4 4LM G . 18.07 15.56 5.73
C5 4LM G . 17.06 16.50 5.45
C6 4LM G . 16.80 17.48 6.41
CA 4LM G . 20.06 12.88 4.10
CB 4LM G . 19.46 12.54 2.87
CG 4LM G . 20.03 11.49 1.93
C2A 4LM G . 19.31 16.79 9.14
C4A 4LM G . 18.45 14.50 4.74
C5A 4LM G . 16.26 16.49 4.28
OP1 4LM G . 14.08 15.59 2.27
OP2 4LM G . 15.65 13.82 2.54
OP3 4LM G . 13.53 13.75 3.79
OP4 4LM G . 15.25 15.47 4.44
O2 4LM G . 22.21 13.01 5.23
S H2S H . 21.57 13.92 -0.58
C 4LM I . -5.51 -18.67 -15.98
N 4LM I . -6.89 -18.97 -14.01
O1 4LM I . -6.37 -19.31 -16.67
P 4LM I . -6.88 -17.62 -8.89
N1 4LM I . -11.42 -19.91 -12.17
C2 4LM I . -11.02 -19.60 -13.47
C3 4LM I . -9.70 -19.26 -13.65
O3 4LM I . -9.30 -18.93 -14.91
C4 4LM I . -8.77 -19.24 -12.57
C5 4LM I . -9.22 -19.59 -11.28
C6 4LM I . -10.57 -19.91 -11.13
CA 4LM I . -5.61 -18.69 -14.44
CB 4LM I . -4.50 -18.63 -13.56
CG 4LM I . -3.06 -18.44 -14.05
C2A 4LM I . -12.01 -19.62 -14.65
C4A 4LM I . -7.33 -18.92 -12.80
C5A 4LM I . -8.38 -19.59 -10.13
OP1 4LM I . -5.69 -17.68 -9.73
OP2 4LM I . -7.23 -16.24 -8.52
OP3 4LM I . -6.71 -18.52 -7.71
OP4 4LM I . -8.16 -18.21 -9.76
O2 4LM I . -4.62 -18.01 -16.56
S H2S J . -1.68 -21.87 -12.82
C 4LM K . -6.24 -15.15 19.14
N 4LM K . -5.29 -16.47 17.33
O1 4LM K . -6.20 -13.98 19.56
P 4LM K . -4.94 -16.33 11.99
N1 4LM K . -2.61 -20.38 15.84
C2 4LM K . -2.57 -19.70 17.04
C3 4LM K . -3.35 -18.55 17.11
O3 4LM K . -3.31 -17.87 18.25
C4 4LM K . -4.10 -18.06 16.02
C5 4LM K . -4.13 -18.83 14.85
C6 4LM K . -3.34 -19.97 14.83
CA 4LM K . -6.17 -15.45 17.63
CB 4LM K . -7.07 -14.88 16.72
CG 4LM K . -8.06 -13.78 17.08
C2A 4LM K . -1.73 -20.24 18.19
C4A 4LM K . -4.97 -16.86 16.15
C5A 4LM K . -4.86 -18.50 13.66
OP1 4LM K . -5.60 -17.15 10.95
OP2 4LM K . -5.85 -15.50 12.74
OP3 4LM K . -3.85 -15.47 11.47
OP4 4LM K . -4.24 -17.40 12.99
O2 4LM K . -6.27 -16.09 19.96
S H2S L . -11.00 -15.92 17.13
#